data_5NEU
#
_entry.id   5NEU
#
_cell.length_a   1
_cell.length_b   1
_cell.length_c   1
_cell.angle_alpha   90
_cell.angle_beta   90
_cell.angle_gamma   90
#
_symmetry.space_group_name_H-M   'P 1'
#
loop_
_entity.id
_entity.type
_entity.pdbx_description
1 polymer 'O1 Manisa VP1'
2 polymer 'O1 Manisa VP2'
3 polymer 'Capsid protein'
4 polymer 'O1 Manisa VP4'
5 polymer 'Integrin alpha-V'
6 polymer 'Integrin beta-6'
7 non-polymer 'MAGNESIUM ION'
8 non-polymer 'CALCIUM ION'
#
loop_
_entity_poly.entity_id
_entity_poly.type
_entity_poly.pdbx_seq_one_letter_code
_entity_poly.pdbx_strand_id
1 'polypeptide(L)'
;TTSAGESADPVTATVENYGGETQVQRRQHTDVSFILDRFVKVTPKDQINVLDLMQTPAHTLVGALLRTATYYFADLEVAV
KHEGNLTWVPNGAPEAALDNTTNPTAYHKAPLTRLALPYTAPHRVLATVYNGNSKYGDGTVANVRGDLQVLAQKAARALP
TSFNYGAIKATRVTELLYRMKRAETYCPRPLLAIHPDQARHKQKIVAP
;
1
2 'polypeptide(L)'
;DKKTEETTLLEDRILTTRNGHTTSTTQSSVGVTYGYATAEDFVSGPNTSGLETRVAQAERFFKTHLFDWVTSDPFGRCHL
LELPTDHKGVYGYLTDSYAYMRNGWDVEVTAVGNQFNGGCLLVAMVPELCSIQKRELYQLTLFPHQFINPRTNMTAHITV
PFVGVNRYDQYKVHKPWTLVVMVVAPLTVNSEGAPQIKVYANIAPTNVHVAGEFPSKE
;
2
3 'polypeptide(L)'
;GIFPVACSDGYGGLVTTDPKTADPAYGKVFNPPRNMLPGRFTNFLDVAEACPTFLHFEGDVPYVTTKTDSDRVLAQFDLS
LAAKHMSNTFLAGLAQYYTQYSGTINLHFMFTGPTDAKARYMIAYAPPGMEPPKTPEAAAHCIHAEWDTGLNSKFTFSIP
YLSAADYTYTASDVAETTNVQGWVCLFQITHGKADGDALVVLASAGKDFELRLPVDARTQ
;
3
4 'polypeptide(L)'
;GAGQSSPATGSQNQSGNTGSIINNYYMQQYQNSMDTQLGDNATSGGSNEGSTDTTSTHTTNTQNNDWFSKLASSAFSGLF
GALLA
;
4
5 'polypeptide(L)'
;FNLDVDSPAEYSGPEGSYFGFAVDFFVPSSRMFLLVGAPKANTTQPGIVEGGQVLKCDWSSTRRCQPIEFDATGNRDYAK
DDPLEFKSHQWFGASVRSKQDKILACAPLYHWRTEMKQEREPVGTCFLQDGTKTVEYAPCRSQDIDADGQGFCQGGFSID
FTKADRVLLGGPGSFYWQGQLISDQVAEIVSKYDPNVYSIKYNNQLATRTAQAIFDDSYLGYSVAVGDFNGDGIDDFVSG
VPRAARTLGMVYIYDGKNMSSLYNFTGEQMAAYFGFSVAATDINGDDYADVFIGAPLFMDRGSDGKLQEVGQVSVSLQRA
SGDFQTTKLNGFEVFARFGSAIAPLGDLDQDGFNDIAIAAPYGGEDKKGIVYIFNGRSTGLNAVPSQILEGQWAARSCPP
SFGYSMKGATDIDKNGYPDLIVGAFGVDRAILYRARPVITVNAGLEVYPSILNQDNKTCSLPGTALKVSCFNVRFCLKAD
GKGVLPRKLNFQVELLLDKLKGAIRRALFLYSRSPSHSKNMTISRGGLMQCEELIAYLRDESEFRDKLTPITIFMEYRLD
YRTAADTTGLQPILNQFTPANISRQAHILL
;
A
6 'polypeptide(L)'
;GCALGGAETCEDCLLIGPQCAWCAQENFTHPSGVGERCDTPANLLAKGCQLNFIENPVSQVEILKNKPLSVGRQKNSSDI
VQIAPQSLILKLRPGGAQTLQVHVRQTEDYPVDLYYLMDLSASMDDDLNTIKELGSRLSKEMSKLTSNFRLGFGSFVEKP
VSPFVKTTPEEIANPCSSIPYFCLPTFGFKHILPLTNDAERFNEIVKNQKISANIDTPEGGFDAIMQAAVCKEKIGWRND
SLHLLVFVSDADSHFGMDSKLAGIVCPNDGLCHLDSKNEYSMSTVLEYPTIGQLIDKLVQNNVLLIFAVTQEQVHLYENY
AKLIPGATVGLLQKDSGNILQLIISAYEELRSEVELEVLGDTEGLNLSFTAICNNGTLFQHQKKCSHMKVGDTASFSVTV
NIPHCERRSRHIIIKPVGLGDALELLVSPECNCDCQKEVEVNSSKCHNGNGSFQCGVCACHPGHMGPRCE
;
B
#
# COMPACT_ATOMS: atom_id res chain seq x y z
N THR A 1 55.71 -4.33 1.16
CA THR A 1 55.97 -5.73 1.47
C THR A 1 54.96 -6.63 0.79
N THR A 2 55.44 -7.47 -0.11
CA THR A 2 54.60 -8.49 -0.73
C THR A 2 54.20 -9.52 0.32
N SER A 3 52.93 -9.92 0.30
CA SER A 3 52.42 -10.79 1.34
C SER A 3 51.53 -11.85 0.74
N ALA A 4 50.99 -12.71 1.60
CA ALA A 4 49.88 -13.58 1.25
C ALA A 4 48.61 -12.77 1.46
N GLY A 5 47.91 -12.48 0.37
CA GLY A 5 46.92 -11.42 0.38
C GLY A 5 45.63 -11.73 1.11
N GLU A 6 45.41 -12.97 1.52
CA GLU A 6 44.11 -13.36 2.04
C GLU A 6 44.18 -14.01 3.40
N SER A 7 45.38 -14.25 3.94
CA SER A 7 45.52 -14.92 5.23
C SER A 7 45.08 -14.05 6.39
N ALA A 8 45.01 -12.73 6.18
CA ALA A 8 44.49 -11.75 7.14
C ALA A 8 45.27 -11.72 8.44
N ASP A 9 46.52 -12.13 8.40
CA ASP A 9 47.43 -11.86 9.49
C ASP A 9 47.99 -10.45 9.35
N PRO A 10 48.39 -9.79 10.44
CA PRO A 10 48.81 -8.40 10.33
C PRO A 10 50.14 -8.27 9.62
N VAL A 11 50.22 -7.32 8.70
CA VAL A 11 51.46 -6.95 8.02
C VAL A 11 51.60 -5.44 8.12
N THR A 12 52.81 -4.99 8.45
CA THR A 12 53.12 -3.56 8.52
C THR A 12 54.38 -3.31 7.72
N ALA A 13 54.20 -2.95 6.45
CA ALA A 13 55.32 -2.56 5.61
C ALA A 13 55.77 -1.19 6.08
N THR A 14 56.85 -1.17 6.85
CA THR A 14 57.29 0.06 7.49
C THR A 14 58.04 0.95 6.50
N VAL A 15 58.45 2.13 6.98
CA VAL A 15 59.08 3.10 6.09
C VAL A 15 60.55 2.80 5.87
N GLU A 16 61.09 1.76 6.51
CA GLU A 16 62.47 1.38 6.24
C GLU A 16 62.61 0.62 4.93
N ASN A 17 61.50 0.21 4.32
CA ASN A 17 61.58 -0.62 3.12
C ASN A 17 62.05 0.15 1.91
N TYR A 18 61.97 1.49 1.93
CA TYR A 18 62.50 2.32 0.87
C TYR A 18 63.46 3.36 1.42
N GLY A 19 64.21 2.97 2.44
CA GLY A 19 65.16 3.89 3.02
C GLY A 19 64.54 4.72 4.13
N GLY A 20 65.33 4.97 5.16
CA GLY A 20 64.86 5.74 6.27
C GLY A 20 64.74 4.93 7.55
N GLU A 21 64.01 5.48 8.51
CA GLU A 21 63.94 4.89 9.82
C GLU A 21 62.67 5.41 10.51
N THR A 22 62.24 4.70 11.54
CA THR A 22 61.06 5.07 12.29
C THR A 22 61.44 5.74 13.60
N GLN A 23 60.52 6.55 14.11
CA GLN A 23 60.73 7.31 15.33
C GLN A 23 59.96 6.69 16.48
N VAL A 24 60.26 7.16 17.68
CA VAL A 24 59.56 6.69 18.87
C VAL A 24 58.15 7.29 18.86
N GLN A 25 57.17 6.43 19.06
CA GLN A 25 55.77 6.79 18.99
C GLN A 25 55.12 6.59 20.35
N ARG A 26 54.36 7.59 20.78
CA ARG A 26 53.70 7.59 22.08
C ARG A 26 52.21 7.56 21.85
N ARG A 27 51.52 6.74 22.63
CA ARG A 27 50.11 6.45 22.40
C ARG A 27 49.30 6.63 23.66
N GLN A 28 49.62 7.63 24.48
CA GLN A 28 48.87 7.80 25.72
C GLN A 28 47.49 8.39 25.45
N HIS A 29 47.38 9.29 24.48
CA HIS A 29 46.11 9.93 24.19
C HIS A 29 45.12 9.03 23.47
N THR A 30 45.53 7.84 23.04
CA THR A 30 44.63 6.88 22.43
C THR A 30 44.41 5.66 23.30
N ASP A 31 44.78 5.73 24.58
CA ASP A 31 44.51 4.65 25.50
C ASP A 31 43.03 4.59 25.81
N VAL A 32 42.53 3.38 26.01
CA VAL A 32 41.10 3.22 26.17
C VAL A 32 40.65 3.59 27.58
N SER A 33 41.55 3.58 28.54
CA SER A 33 41.19 4.03 29.88
C SER A 33 41.39 5.51 30.07
N PHE A 34 42.22 6.15 29.25
CA PHE A 34 42.42 7.59 29.30
C PHE A 34 41.40 8.35 28.50
N ILE A 35 40.93 7.80 27.38
CA ILE A 35 40.07 8.56 26.49
C ILE A 35 38.62 8.52 26.93
N LEU A 36 38.25 7.64 27.86
CA LEU A 36 36.86 7.46 28.20
C LEU A 36 36.45 8.06 29.53
N ASP A 37 37.39 8.37 30.42
CA ASP A 37 37.01 8.90 31.73
C ASP A 37 37.08 10.42 31.75
N ARG A 38 36.15 11.01 31.01
CA ARG A 38 35.87 12.43 31.07
C ARG A 38 34.38 12.63 30.92
N PHE A 39 33.89 13.77 31.40
CA PHE A 39 32.46 14.00 31.51
C PHE A 39 31.82 14.23 30.15
N VAL A 40 30.62 13.67 29.97
CA VAL A 40 29.82 13.83 28.77
C VAL A 40 28.39 14.16 29.19
N LYS A 41 27.74 15.02 28.43
CA LYS A 41 26.38 15.41 28.74
C LYS A 41 25.42 14.47 28.04
N VAL A 42 24.37 14.08 28.75
CA VAL A 42 23.22 13.39 28.15
C VAL A 42 21.98 14.20 28.45
N THR A 43 20.95 13.99 27.65
CA THR A 43 19.72 14.71 27.95
C THR A 43 18.97 14.02 29.10
N PRO A 44 18.53 14.75 30.10
CA PRO A 44 17.75 14.14 31.17
C PRO A 44 16.27 14.23 30.91
N LYS A 45 15.53 13.33 31.57
CA LYS A 45 14.09 13.47 31.72
C LYS A 45 13.82 14.41 32.89
N ASP A 46 12.59 14.45 33.37
CA ASP A 46 12.28 15.35 34.48
C ASP A 46 12.72 14.77 35.80
N GLN A 47 12.28 13.56 36.14
CA GLN A 47 12.60 12.99 37.44
C GLN A 47 13.44 11.71 37.35
N ILE A 48 12.96 10.66 36.69
CA ILE A 48 13.57 9.34 36.79
C ILE A 48 14.46 9.09 35.58
N ASN A 49 15.72 8.76 35.83
CA ASN A 49 16.69 8.51 34.77
C ASN A 49 17.45 7.24 35.08
N VAL A 50 17.23 6.20 34.28
CA VAL A 50 18.08 5.02 34.39
C VAL A 50 19.48 5.37 33.91
N LEU A 51 20.49 4.88 34.61
CA LEU A 51 21.86 5.29 34.34
C LEU A 51 22.54 4.31 33.38
N ASP A 52 21.90 4.16 32.24
CA ASP A 52 22.43 3.39 31.13
C ASP A 52 23.47 4.22 30.39
N LEU A 53 24.57 3.59 29.99
CA LEU A 53 25.58 4.31 29.23
C LEU A 53 25.29 4.37 27.75
N MET A 54 24.32 3.60 27.26
CA MET A 54 23.99 3.66 25.85
C MET A 54 22.90 4.68 25.56
N GLN A 55 22.58 5.55 26.51
CA GLN A 55 21.78 6.73 26.22
C GLN A 55 22.65 7.95 25.98
N THR A 56 23.96 7.80 26.04
CA THR A 56 24.84 8.83 25.54
C THR A 56 24.65 8.94 24.02
N PRO A 57 24.73 10.14 23.45
CA PRO A 57 24.46 10.29 22.03
C PRO A 57 25.55 9.68 21.16
N ALA A 58 25.23 9.54 19.87
CA ALA A 58 26.13 8.93 18.91
C ALA A 58 27.02 9.94 18.20
N HIS A 59 26.78 11.23 18.41
CA HIS A 59 27.62 12.26 17.83
C HIS A 59 28.72 12.73 18.77
N THR A 60 28.59 12.49 20.06
CA THR A 60 29.55 12.98 21.03
C THR A 60 30.81 12.12 21.01
N LEU A 61 31.79 12.49 21.83
CA LEU A 61 33.06 11.78 21.78
C LEU A 61 32.96 10.41 22.42
N VAL A 62 32.71 10.36 23.72
CA VAL A 62 32.74 9.06 24.39
C VAL A 62 31.43 8.31 24.31
N GLY A 63 30.50 8.76 23.49
CA GLY A 63 29.34 7.95 23.16
C GLY A 63 29.58 7.21 21.85
N ALA A 64 30.18 7.91 20.88
CA ALA A 64 30.55 7.26 19.63
C ALA A 64 31.79 6.41 19.78
N LEU A 65 32.57 6.61 20.84
CA LEU A 65 33.78 5.86 21.07
C LEU A 65 33.56 4.74 22.08
N LEU A 66 32.46 4.79 22.83
CA LEU A 66 32.03 3.65 23.62
C LEU A 66 31.37 2.59 22.75
N ARG A 67 30.67 3.01 21.71
CA ARG A 67 30.10 2.06 20.76
C ARG A 67 31.13 1.42 19.86
N THR A 68 32.40 1.78 20.00
CA THR A 68 33.47 1.02 19.36
C THR A 68 33.57 -0.37 19.97
N ALA A 69 33.22 -0.53 21.23
CA ALA A 69 33.35 -1.82 21.90
C ALA A 69 32.06 -2.61 21.84
N THR A 70 32.20 -3.93 21.76
CA THR A 70 31.03 -4.78 21.92
C THR A 70 30.72 -5.01 23.37
N TYR A 71 31.75 -5.25 24.17
CA TYR A 71 31.60 -5.55 25.58
C TYR A 71 32.47 -4.58 26.36
N TYR A 72 31.91 -4.00 27.41
CA TYR A 72 32.65 -3.00 28.17
C TYR A 72 32.42 -3.21 29.66
N PHE A 73 33.44 -2.88 30.44
CA PHE A 73 33.33 -2.83 31.89
C PHE A 73 33.89 -1.51 32.37
N ALA A 74 33.09 -0.75 33.12
CA ALA A 74 33.54 0.54 33.59
C ALA A 74 32.71 0.97 34.78
N ASP A 75 33.38 1.45 35.81
CA ASP A 75 32.69 2.09 36.92
C ASP A 75 32.27 3.49 36.53
N LEU A 76 31.05 3.83 36.88
CA LEU A 76 30.44 5.11 36.53
C LEU A 76 30.47 6.04 37.71
N GLU A 77 30.84 7.29 37.46
CA GLU A 77 30.53 8.35 38.41
C GLU A 77 29.79 9.45 37.66
N VAL A 78 28.73 9.94 38.27
CA VAL A 78 27.86 10.91 37.64
C VAL A 78 28.08 12.26 38.28
N ALA A 79 27.62 13.31 37.59
CA ALA A 79 27.60 14.66 38.15
C ALA A 79 26.34 15.33 37.66
N VAL A 80 25.43 15.63 38.57
CA VAL A 80 24.08 16.05 38.24
C VAL A 80 23.78 17.38 38.91
N LYS A 81 23.26 18.33 38.14
CA LYS A 81 22.81 19.61 38.63
C LYS A 81 21.30 19.55 38.74
N HIS A 82 20.78 19.66 39.96
CA HIS A 82 19.37 19.40 40.21
C HIS A 82 18.85 20.39 41.25
N GLU A 83 17.58 20.23 41.58
CA GLU A 83 17.01 20.83 42.78
C GLU A 83 16.15 19.79 43.47
N GLY A 84 16.08 19.89 44.78
CA GLY A 84 15.50 18.83 45.57
C GLY A 84 16.56 17.89 46.09
N ASN A 85 16.19 16.63 46.21
CA ASN A 85 17.08 15.59 46.70
C ASN A 85 17.11 14.45 45.70
N LEU A 86 18.30 13.91 45.45
CA LEU A 86 18.53 12.96 44.38
C LEU A 86 18.91 11.61 44.94
N THR A 87 18.03 10.63 44.81
CA THR A 87 18.24 9.31 45.36
C THR A 87 18.74 8.38 44.27
N TRP A 88 19.93 7.82 44.45
CA TRP A 88 20.42 6.77 43.58
C TRP A 88 19.89 5.44 44.05
N VAL A 89 19.60 4.55 43.12
CA VAL A 89 19.10 3.21 43.42
C VAL A 89 19.94 2.19 42.65
N PRO A 90 20.39 1.10 43.28
CA PRO A 90 21.15 0.07 42.56
C PRO A 90 20.38 -0.68 41.49
N ASN A 91 21.08 -1.62 40.83
CA ASN A 91 20.53 -2.34 39.70
C ASN A 91 19.44 -3.30 40.16
N GLY A 92 18.29 -3.21 39.53
CA GLY A 92 17.25 -4.20 39.71
C GLY A 92 16.39 -4.05 40.95
N ALA A 93 16.41 -2.91 41.57
CA ALA A 93 15.45 -2.69 42.63
C ALA A 93 14.14 -2.22 42.02
N PRO A 94 13.03 -2.39 42.72
CA PRO A 94 11.76 -1.84 42.22
C PRO A 94 11.81 -0.32 42.15
N GLU A 95 11.10 0.23 41.15
CA GLU A 95 11.17 1.66 40.92
C GLU A 95 10.38 2.46 41.94
N ALA A 96 9.61 1.79 42.79
CA ALA A 96 9.02 2.44 43.95
C ALA A 96 10.05 2.74 45.03
N ALA A 97 11.24 2.16 44.95
CA ALA A 97 12.30 2.45 45.90
C ALA A 97 13.11 3.68 45.54
N LEU A 98 12.65 4.48 44.58
CA LEU A 98 13.32 5.74 44.30
C LEU A 98 12.90 6.81 45.31
N ASP A 99 11.72 6.67 45.90
CA ASP A 99 11.23 7.70 46.79
C ASP A 99 11.85 7.61 48.18
N ASN A 100 12.28 6.42 48.59
CA ASN A 100 12.80 6.21 49.94
C ASN A 100 14.19 6.81 50.09
N THR A 101 14.43 7.41 51.25
CA THR A 101 15.66 8.14 51.50
C THR A 101 16.75 7.31 52.16
N THR A 102 16.46 6.05 52.50
CA THR A 102 17.51 5.17 53.01
C THR A 102 18.49 4.81 51.90
N ASN A 103 18.00 4.75 50.66
CA ASN A 103 18.81 4.69 49.46
C ASN A 103 19.68 5.95 49.38
N PRO A 104 20.86 5.87 48.73
CA PRO A 104 21.87 6.93 48.90
C PRO A 104 21.51 8.28 48.30
N THR A 105 20.74 9.09 49.02
CA THR A 105 20.41 10.42 48.52
C THR A 105 21.63 11.32 48.63
N ALA A 106 21.61 12.40 47.86
CA ALA A 106 22.55 13.49 48.02
C ALA A 106 21.73 14.75 48.20
N TYR A 107 21.90 15.40 49.35
CA TYR A 107 21.21 16.65 49.58
C TYR A 107 21.77 17.75 48.69
N HIS A 108 20.95 18.76 48.43
CA HIS A 108 21.31 19.78 47.48
C HIS A 108 22.40 20.67 48.05
N LYS A 109 23.57 20.63 47.40
CA LYS A 109 24.68 21.51 47.73
C LYS A 109 25.02 22.23 46.44
N ALA A 110 25.05 23.55 46.48
CA ALA A 110 25.12 24.34 45.26
C ALA A 110 26.52 24.25 44.64
N PRO A 111 26.63 24.17 43.31
CA PRO A 111 25.53 24.01 42.34
C PRO A 111 25.19 22.56 41.98
N LEU A 112 26.15 21.65 42.07
CA LEU A 112 25.94 20.30 41.57
C LEU A 112 26.58 19.30 42.52
N THR A 113 26.16 18.04 42.39
CA THR A 113 26.56 16.97 43.30
C THR A 113 27.09 15.80 42.48
N ARG A 114 28.40 15.57 42.56
CA ARG A 114 29.02 14.44 41.88
C ARG A 114 29.35 13.35 42.88
N LEU A 115 29.15 12.10 42.45
CA LEU A 115 29.25 10.96 43.35
C LEU A 115 29.58 9.72 42.56
N ALA A 116 30.40 8.85 43.16
CA ALA A 116 30.98 7.71 42.48
C ALA A 116 30.18 6.45 42.75
N LEU A 117 29.73 5.79 41.70
CA LEU A 117 28.87 4.65 41.79
C LEU A 117 29.65 3.40 41.42
N PRO A 118 29.35 2.26 42.02
CA PRO A 118 30.03 1.02 41.63
C PRO A 118 29.31 0.34 40.47
N TYR A 119 30.00 -0.62 39.89
CA TYR A 119 29.41 -1.50 38.89
C TYR A 119 28.44 -2.44 39.58
N THR A 120 27.14 -2.20 39.41
CA THR A 120 26.14 -2.97 40.14
C THR A 120 25.43 -4.00 39.26
N ALA A 121 25.87 -4.19 38.02
CA ALA A 121 25.22 -5.13 37.13
C ALA A 121 25.49 -6.56 37.57
N PRO A 122 24.59 -7.50 37.29
CA PRO A 122 24.87 -8.90 37.62
C PRO A 122 25.85 -9.54 36.66
N HIS A 123 25.96 -9.05 35.43
CA HIS A 123 26.77 -9.68 34.42
C HIS A 123 28.24 -9.42 34.67
N ARG A 124 29.08 -10.29 34.14
CA ARG A 124 30.53 -10.09 34.26
C ARG A 124 30.99 -8.89 33.46
N VAL A 125 30.43 -8.68 32.27
CA VAL A 125 30.76 -7.56 31.40
C VAL A 125 29.45 -7.11 30.76
N LEU A 126 29.07 -5.74 30.78
CA LEU A 126 27.93 -5.13 30.10
C LEU A 126 28.07 -5.29 28.59
N ALA A 127 27.08 -4.78 27.86
CA ALA A 127 27.08 -4.85 26.41
C ALA A 127 26.34 -3.64 25.85
N THR A 128 26.44 -3.48 24.53
CA THR A 128 25.79 -2.39 23.83
C THR A 128 24.67 -2.83 22.90
N VAL A 129 24.89 -3.89 22.11
CA VAL A 129 23.91 -4.41 21.17
C VAL A 129 23.58 -5.84 21.55
N TYR A 130 22.30 -6.17 21.56
CA TYR A 130 21.82 -7.50 21.90
C TYR A 130 21.34 -8.23 20.66
N ASN A 131 21.52 -9.54 20.63
CA ASN A 131 21.13 -10.36 19.50
C ASN A 131 20.49 -11.64 20.03
N GLY A 132 19.19 -11.81 19.81
CA GLY A 132 18.39 -10.82 19.10
C GLY A 132 17.76 -9.81 20.02
N ASN A 133 17.87 -8.54 19.66
CA ASN A 133 17.35 -7.47 20.49
C ASN A 133 15.83 -7.41 20.41
N SER A 134 15.22 -6.94 21.50
CA SER A 134 13.76 -6.76 21.62
C SER A 134 13.03 -8.09 21.36
N LYS A 135 13.17 -9.00 22.32
CA LYS A 135 12.53 -10.31 22.22
C LYS A 135 11.88 -10.71 23.54
N TYR A 136 10.63 -10.27 23.72
CA TYR A 136 9.90 -10.58 24.95
C TYR A 136 10.04 -12.05 25.34
N GLY A 137 9.75 -12.97 24.41
CA GLY A 137 9.30 -12.63 23.07
C GLY A 137 9.07 -13.86 22.20
N ASP A 138 9.38 -13.77 20.91
CA ASP A 138 9.90 -12.57 20.29
C ASP A 138 8.78 -11.62 19.87
N GLY A 139 8.58 -10.55 20.64
CA GLY A 139 7.54 -9.58 20.36
C GLY A 139 6.30 -9.82 21.19
N THR A 140 5.83 -8.75 21.85
CA THR A 140 4.64 -8.85 22.68
C THR A 140 3.40 -9.18 21.85
N VAL A 141 2.23 -8.83 22.36
CA VAL A 141 0.98 -9.10 21.67
C VAL A 141 0.74 -8.09 20.55
N ALA A 142 -0.23 -8.37 19.69
CA ALA A 142 -0.55 -7.49 18.58
C ALA A 142 -1.51 -6.38 19.03
N ASN A 143 -1.06 -5.13 18.89
CA ASN A 143 0.27 -4.84 18.34
C ASN A 143 0.19 -5.03 16.81
N VAL A 144 0.87 -4.20 16.00
CA VAL A 144 0.76 -4.34 14.53
C VAL A 144 1.91 -3.89 13.58
N ARG A 145 1.72 -2.72 12.95
CA ARG A 145 0.52 -1.95 13.28
C ARG A 145 0.27 -0.87 12.24
N GLY A 146 -0.90 -0.92 11.61
CA GLY A 146 -1.27 0.07 10.61
C GLY A 146 -0.48 -0.07 9.33
N ASP A 147 0.50 0.80 9.13
CA ASP A 147 1.35 0.76 7.94
C ASP A 147 2.83 0.89 8.27
N LEU A 148 3.20 1.72 9.24
CA LEU A 148 4.60 1.89 9.61
C LEU A 148 5.08 0.88 10.64
N GLN A 149 4.34 -0.22 10.85
CA GLN A 149 4.76 -1.21 11.81
C GLN A 149 5.85 -2.12 11.27
N VAL A 150 5.91 -2.28 9.95
CA VAL A 150 6.93 -3.14 9.35
C VAL A 150 8.22 -2.37 9.09
N LEU A 151 8.15 -1.34 8.26
CA LEU A 151 9.31 -0.52 7.94
C LEU A 151 9.53 0.48 9.06
N ALA A 152 10.41 0.14 10.00
CA ALA A 152 10.71 1.01 11.13
C ALA A 152 12.11 0.69 11.64
N GLN A 153 12.87 1.73 11.97
CA GLN A 153 14.23 1.55 12.47
C GLN A 153 14.28 1.72 13.99
N LYS A 154 13.36 1.06 14.69
CA LYS A 154 13.30 1.14 16.14
C LYS A 154 13.24 -0.25 16.76
N ALA A 155 14.21 -1.09 16.42
CA ALA A 155 14.26 -2.46 16.93
C ALA A 155 15.59 -2.71 17.64
N ALA A 156 16.50 -1.75 17.56
CA ALA A 156 17.81 -1.88 18.19
C ALA A 156 17.80 -1.28 19.59
N ARG A 157 16.64 -1.27 20.21
CA ARG A 157 16.50 -0.72 21.56
C ARG A 157 16.36 -1.88 22.54
N ALA A 158 17.25 -1.91 23.54
CA ALA A 158 17.25 -2.99 24.51
C ALA A 158 16.00 -2.92 25.39
N LEU A 159 15.63 -4.06 25.96
CA LEU A 159 14.47 -4.15 26.83
C LEU A 159 14.86 -4.52 28.26
N PRO A 160 15.70 -5.53 28.50
CA PRO A 160 16.13 -5.82 29.87
C PRO A 160 16.98 -4.68 30.43
N THR A 161 16.59 -4.16 31.59
CA THR A 161 17.29 -3.06 32.24
C THR A 161 18.39 -3.55 33.18
N SER A 162 19.17 -4.54 32.76
CA SER A 162 20.25 -5.09 33.56
C SER A 162 21.62 -4.53 33.17
N PHE A 163 21.69 -3.69 32.15
CA PHE A 163 22.95 -3.11 31.71
C PHE A 163 23.05 -1.64 32.12
N ASN A 164 22.18 -1.61 33.11
CA ASN A 164 22.12 -0.28 33.65
C ASN A 164 22.88 -0.24 34.97
N TYR A 165 23.30 0.96 35.35
CA TYR A 165 23.96 1.20 36.61
C TYR A 165 22.98 1.60 37.69
N GLY A 166 21.70 1.59 37.39
CA GLY A 166 20.68 1.99 38.32
C GLY A 166 19.94 3.22 37.85
N ALA A 167 19.24 3.85 38.79
CA ALA A 167 18.40 4.99 38.43
C ALA A 167 18.53 6.05 39.49
N ILE A 168 18.44 7.31 39.06
CA ILE A 168 18.44 8.46 39.95
C ILE A 168 17.12 9.20 39.80
N LYS A 169 16.60 9.73 40.90
CA LYS A 169 15.32 10.39 40.90
C LYS A 169 15.41 11.64 41.76
N ALA A 170 15.08 12.78 41.17
CA ALA A 170 15.07 14.05 41.88
C ALA A 170 13.74 14.74 41.62
N THR A 171 13.62 15.98 42.10
CA THR A 171 12.42 16.75 41.83
C THR A 171 12.40 17.23 40.39
N ARG A 172 13.53 17.79 39.93
CA ARG A 172 13.72 18.12 38.53
C ARG A 172 15.21 18.19 38.27
N VAL A 173 15.75 17.20 37.59
CA VAL A 173 17.15 17.25 37.17
C VAL A 173 17.26 18.19 35.99
N THR A 174 18.35 18.93 35.94
CA THR A 174 18.57 19.89 34.86
C THR A 174 19.63 19.42 33.89
N GLU A 175 20.79 18.99 34.39
CA GLU A 175 21.84 18.49 33.51
C GLU A 175 22.67 17.47 34.27
N LEU A 176 22.63 16.23 33.81
CA LEU A 176 23.37 15.17 34.48
C LEU A 176 24.41 14.60 33.53
N LEU A 177 25.61 14.41 34.04
CA LEU A 177 26.79 14.12 33.23
C LEU A 177 27.38 12.78 33.63
N TYR A 178 27.79 12.00 32.63
CA TYR A 178 28.40 10.69 32.84
C TYR A 178 29.91 10.78 32.59
N ARG A 179 30.66 9.97 33.34
CA ARG A 179 32.00 9.60 32.93
C ARG A 179 32.25 8.19 33.43
N MET A 180 33.10 7.45 32.74
CA MET A 180 33.29 6.04 33.01
C MET A 180 34.77 5.73 33.19
N LYS A 181 35.13 5.25 34.38
CA LYS A 181 36.53 5.05 34.71
C LYS A 181 36.82 3.59 35.00
N ARG A 182 38.12 3.28 35.01
CA ARG A 182 38.67 1.92 34.99
C ARG A 182 38.10 1.12 33.83
N ALA A 183 37.95 1.78 32.68
CA ALA A 183 37.20 1.21 31.57
C ALA A 183 37.99 0.14 30.86
N GLU A 184 37.39 -1.04 30.73
CA GLU A 184 37.93 -2.14 29.96
C GLU A 184 36.99 -2.37 28.79
N THR A 185 37.55 -2.52 27.60
CA THR A 185 36.74 -2.77 26.42
C THR A 185 37.17 -4.07 25.75
N TYR A 186 36.25 -4.68 25.03
CA TYR A 186 36.47 -5.95 24.38
C TYR A 186 35.82 -5.90 23.02
N CYS A 187 36.36 -6.68 22.06
CA CYS A 187 35.74 -6.99 20.78
C CYS A 187 35.33 -5.78 19.96
N PRO A 188 36.25 -5.09 19.29
CA PRO A 188 35.92 -3.80 18.67
C PRO A 188 34.89 -3.88 17.55
N ARG A 189 34.18 -2.77 17.35
CA ARG A 189 33.13 -2.57 16.37
C ARG A 189 33.54 -1.40 15.48
N PRO A 190 32.95 -1.24 14.30
CA PRO A 190 33.35 -0.13 13.43
C PRO A 190 32.93 1.24 13.93
N LEU A 191 33.80 2.21 13.66
CA LEU A 191 33.67 3.60 14.06
C LEU A 191 33.63 4.45 12.80
N LEU A 192 32.66 5.35 12.71
CA LEU A 192 32.39 6.05 11.48
C LEU A 192 32.60 7.56 11.63
N ALA A 193 33.35 8.14 10.71
CA ALA A 193 33.41 9.58 10.56
C ALA A 193 32.46 10.01 9.46
N ILE A 194 32.05 11.28 9.51
CA ILE A 194 30.96 11.73 8.66
C ILE A 194 31.42 11.89 7.22
N HIS A 195 30.47 11.82 6.30
CA HIS A 195 30.78 11.62 4.88
C HIS A 195 30.97 12.95 4.18
N PRO A 196 32.13 13.21 3.60
CA PRO A 196 32.31 14.45 2.84
C PRO A 196 31.57 14.39 1.52
N ASP A 197 31.01 15.53 1.13
CA ASP A 197 30.45 15.67 -0.21
C ASP A 197 31.41 16.37 -1.16
N GLN A 198 32.44 17.00 -0.62
CA GLN A 198 33.43 17.71 -1.42
C GLN A 198 34.59 16.77 -1.72
N ALA A 199 35.70 17.32 -2.21
CA ALA A 199 36.91 16.53 -2.37
C ALA A 199 37.46 16.11 -1.01
N ARG A 200 37.41 17.01 -0.04
CA ARG A 200 37.76 16.70 1.34
C ARG A 200 36.86 17.52 2.25
N HIS A 201 36.50 16.92 3.39
CA HIS A 201 35.62 17.59 4.34
C HIS A 201 36.35 18.75 5.00
N LYS A 202 36.19 19.94 4.44
CA LYS A 202 36.84 21.14 4.96
C LYS A 202 35.85 21.86 5.86
N GLN A 203 36.19 21.97 7.13
CA GLN A 203 35.44 22.71 8.11
C GLN A 203 36.27 23.89 8.61
N LYS A 204 35.60 24.85 9.23
CA LYS A 204 36.27 26.06 9.68
C LYS A 204 37.05 25.76 10.95
N ILE A 205 38.37 25.65 10.81
CA ILE A 205 39.22 25.37 11.95
C ILE A 205 39.45 26.67 12.71
N VAL A 206 39.91 26.54 13.97
CA VAL A 206 40.09 27.72 14.80
C VAL A 206 41.36 28.45 14.37
N ALA A 207 41.31 29.78 14.39
CA ALA A 207 42.39 30.62 13.89
C ALA A 207 42.26 31.98 14.54
N PRO A 208 43.38 32.69 14.78
CA PRO A 208 43.34 34.04 15.36
C PRO A 208 42.66 35.08 14.47
N ASP B 12 55.49 -29.14 3.55
CA ASP B 12 55.68 -28.34 4.75
C ASP B 12 54.33 -27.91 5.34
N ARG B 13 53.25 -28.37 4.72
CA ARG B 13 51.89 -27.89 5.01
C ARG B 13 51.07 -29.03 5.60
N ILE B 14 50.45 -28.77 6.75
CA ILE B 14 49.37 -29.59 7.30
C ILE B 14 48.10 -28.78 7.14
N LEU B 15 47.22 -29.23 6.25
CA LEU B 15 46.13 -28.38 5.75
C LEU B 15 44.79 -29.12 5.78
N THR B 16 44.70 -30.15 6.64
CA THR B 16 43.52 -31.02 6.73
C THR B 16 43.03 -30.98 8.17
N THR B 17 41.93 -30.27 8.41
CA THR B 17 41.38 -30.21 9.76
C THR B 17 40.36 -31.31 9.98
N ARG B 18 40.09 -31.59 11.26
CA ARG B 18 39.02 -32.50 11.63
C ARG B 18 38.52 -32.14 13.02
N ASN B 19 37.22 -32.33 13.22
CA ASN B 19 36.58 -32.13 14.51
C ASN B 19 35.75 -33.35 14.83
N GLY B 20 36.17 -34.13 15.80
CA GLY B 20 35.46 -35.35 16.10
C GLY B 20 35.74 -36.39 15.05
N HIS B 21 34.69 -37.02 14.54
CA HIS B 21 34.84 -38.10 13.56
C HIS B 21 34.57 -37.63 12.14
N THR B 22 34.61 -36.32 11.89
CA THR B 22 34.44 -35.77 10.55
C THR B 22 35.67 -34.96 10.18
N THR B 23 36.17 -35.15 8.96
CA THR B 23 37.35 -34.44 8.49
C THR B 23 36.97 -33.43 7.41
N SER B 24 37.92 -32.56 7.10
CA SER B 24 37.71 -31.56 6.04
C SER B 24 39.06 -31.21 5.44
N THR B 25 39.40 -31.82 4.32
CA THR B 25 40.66 -31.59 3.63
C THR B 25 40.47 -30.55 2.56
N THR B 26 41.22 -29.46 2.65
CA THR B 26 41.31 -28.49 1.57
C THR B 26 42.77 -28.33 1.17
N GLN B 27 43.00 -28.14 -0.13
CA GLN B 27 44.33 -28.02 -0.67
C GLN B 27 44.69 -26.58 -0.98
N SER B 28 43.78 -25.65 -0.76
CA SER B 28 43.97 -24.25 -1.07
C SER B 28 43.72 -23.41 0.16
N SER B 29 44.29 -23.79 1.29
CA SER B 29 44.10 -23.07 2.54
C SER B 29 45.22 -22.06 2.69
N VAL B 30 44.86 -20.79 2.81
CA VAL B 30 45.88 -19.77 3.04
C VAL B 30 46.25 -19.73 4.52
N GLY B 31 45.39 -20.23 5.39
CA GLY B 31 45.71 -20.36 6.79
C GLY B 31 44.49 -20.17 7.66
N VAL B 32 44.54 -20.74 8.86
CA VAL B 32 43.48 -20.59 9.83
C VAL B 32 43.70 -19.33 10.66
N THR B 33 42.66 -18.55 10.88
CA THR B 33 42.74 -17.33 11.65
C THR B 33 42.02 -17.55 12.97
N TYR B 34 42.78 -17.53 14.06
CA TYR B 34 42.21 -17.62 15.40
C TYR B 34 41.75 -16.24 15.80
N GLY B 35 40.43 -16.05 15.92
CA GLY B 35 39.87 -14.77 16.27
C GLY B 35 39.74 -14.63 17.77
N TYR B 36 40.23 -13.51 18.30
CA TYR B 36 39.97 -13.00 19.64
C TYR B 36 40.61 -13.77 20.79
N ALA B 37 41.11 -14.98 20.55
CA ALA B 37 41.70 -15.87 21.55
C ALA B 37 42.26 -17.09 20.85
N THR B 38 43.33 -17.63 21.42
CA THR B 38 43.85 -18.91 20.99
C THR B 38 43.45 -20.05 21.91
N ALA B 39 42.83 -19.74 23.04
CA ALA B 39 42.48 -20.75 24.03
C ALA B 39 41.16 -20.39 24.68
N GLU B 40 40.52 -21.39 25.28
CA GLU B 40 39.18 -21.21 25.82
C GLU B 40 39.22 -20.60 27.22
N ASP B 41 38.09 -20.00 27.60
CA ASP B 41 37.90 -19.38 28.90
C ASP B 41 37.74 -20.48 29.96
N PHE B 42 37.75 -20.07 31.23
CA PHE B 42 37.45 -20.96 32.32
C PHE B 42 35.99 -21.38 32.26
N VAL B 43 35.76 -22.67 32.02
CA VAL B 43 34.41 -23.19 31.80
C VAL B 43 33.76 -23.48 33.14
N SER B 44 34.55 -23.50 34.20
CA SER B 44 34.08 -23.86 35.53
C SER B 44 33.67 -22.58 36.25
N GLY B 45 32.46 -22.12 36.00
CA GLY B 45 32.02 -20.85 36.55
C GLY B 45 31.43 -21.00 37.91
N PRO B 46 31.23 -19.87 38.61
CA PRO B 46 30.48 -19.89 39.86
C PRO B 46 28.99 -19.65 39.69
N ASN B 47 28.51 -19.40 38.47
CA ASN B 47 27.09 -19.23 38.23
C ASN B 47 26.41 -20.52 37.82
N THR B 48 27.05 -21.65 38.03
CA THR B 48 26.47 -22.93 37.68
C THR B 48 26.69 -24.01 38.72
N SER B 49 27.41 -23.71 39.81
CA SER B 49 27.60 -24.60 40.97
C SER B 49 28.26 -25.92 40.59
N GLY B 50 29.07 -25.94 39.54
CA GLY B 50 29.79 -27.13 39.16
C GLY B 50 28.96 -28.21 38.52
N LEU B 51 27.73 -27.91 38.11
CA LEU B 51 26.87 -28.87 37.45
C LEU B 51 26.94 -28.79 35.94
N GLU B 52 28.08 -28.43 35.38
CA GLU B 52 28.26 -28.48 33.95
C GLU B 52 28.97 -29.76 33.56
N THR B 53 28.91 -30.08 32.27
CA THR B 53 29.58 -31.27 31.75
C THR B 53 29.81 -31.08 30.26
N ARG B 54 30.94 -31.59 29.78
CA ARG B 54 31.26 -31.50 28.37
C ARG B 54 30.56 -32.61 27.61
N VAL B 55 29.92 -32.25 26.51
CA VAL B 55 29.38 -33.23 25.57
C VAL B 55 30.35 -33.31 24.42
N ALA B 56 31.12 -34.38 24.35
CA ALA B 56 32.10 -34.51 23.29
C ALA B 56 31.49 -34.89 21.96
N GLN B 57 30.24 -35.36 21.95
CA GLN B 57 29.61 -35.84 20.73
C GLN B 57 28.95 -34.73 19.92
N ALA B 58 29.04 -33.47 20.35
CA ALA B 58 28.52 -32.39 19.56
C ALA B 58 29.54 -31.82 18.59
N GLU B 59 30.80 -32.22 18.70
CA GLU B 59 31.87 -31.65 17.89
C GLU B 59 31.97 -32.43 16.58
N ARG B 60 31.16 -32.05 15.60
CA ARG B 60 31.45 -32.41 14.22
C ARG B 60 30.87 -31.35 13.32
N PHE B 61 31.26 -31.41 12.04
CA PHE B 61 30.80 -30.44 11.07
C PHE B 61 29.33 -30.67 10.74
N PHE B 62 28.71 -29.63 10.18
CA PHE B 62 27.40 -29.75 9.57
C PHE B 62 27.32 -28.73 8.46
N LYS B 63 26.87 -29.17 7.29
CA LYS B 63 26.90 -28.33 6.11
C LYS B 63 25.65 -27.48 6.01
N THR B 64 25.79 -26.36 5.31
CA THR B 64 24.68 -25.44 5.09
C THR B 64 24.95 -24.66 3.82
N HIS B 65 23.89 -24.12 3.25
CA HIS B 65 23.98 -23.33 2.04
C HIS B 65 23.77 -21.86 2.38
N LEU B 66 24.50 -20.97 1.70
CA LEU B 66 24.48 -19.56 2.06
C LEU B 66 23.84 -18.70 0.99
N PHE B 67 24.39 -18.65 -0.21
CA PHE B 67 23.82 -17.93 -1.35
C PHE B 67 24.60 -18.31 -2.59
N ASP B 68 24.16 -17.76 -3.71
CA ASP B 68 24.75 -18.05 -5.02
C ASP B 68 25.37 -16.75 -5.52
N TRP B 69 26.69 -16.64 -5.40
CA TRP B 69 27.37 -15.42 -5.81
C TRP B 69 27.44 -15.39 -7.33
N VAL B 70 26.65 -14.51 -7.93
CA VAL B 70 26.54 -14.40 -9.37
C VAL B 70 27.18 -13.11 -9.82
N THR B 71 27.24 -12.91 -11.13
CA THR B 71 27.94 -11.77 -11.69
C THR B 71 27.18 -10.46 -11.56
N SER B 72 25.90 -10.50 -11.23
CA SER B 72 25.12 -9.28 -11.10
C SER B 72 25.06 -8.76 -9.67
N ASP B 73 25.80 -9.35 -8.76
CA ASP B 73 25.78 -8.91 -7.37
C ASP B 73 26.73 -7.75 -7.17
N PRO B 74 26.25 -6.60 -6.71
CA PRO B 74 27.14 -5.46 -6.51
C PRO B 74 27.95 -5.59 -5.23
N PHE B 75 28.68 -4.53 -4.88
CA PHE B 75 29.32 -4.45 -3.57
C PHE B 75 28.31 -4.57 -2.46
N GLY B 76 28.63 -5.38 -1.46
CA GLY B 76 27.84 -5.43 -0.25
C GLY B 76 26.61 -6.30 -0.28
N ARG B 77 26.54 -7.29 -1.16
CA ARG B 77 25.46 -8.27 -1.04
C ARG B 77 25.85 -9.18 0.12
N CYS B 78 25.41 -8.84 1.32
CA CYS B 78 25.83 -9.56 2.51
C CYS B 78 24.85 -10.66 2.85
N HIS B 79 25.31 -11.60 3.67
CA HIS B 79 24.46 -12.69 4.15
C HIS B 79 24.77 -12.92 5.61
N LEU B 80 23.73 -12.93 6.45
CA LEU B 80 23.89 -13.00 7.89
C LEU B 80 23.08 -14.18 8.42
N LEU B 81 23.76 -15.27 8.78
CA LEU B 81 23.11 -16.39 9.42
C LEU B 81 23.58 -16.47 10.86
N GLU B 82 22.63 -16.59 11.78
CA GLU B 82 22.93 -16.49 13.19
C GLU B 82 23.31 -17.86 13.72
N LEU B 83 24.44 -17.94 14.38
CA LEU B 83 24.86 -19.21 14.93
C LEU B 83 24.51 -19.27 16.40
N PRO B 84 23.88 -20.35 16.90
CA PRO B 84 23.52 -21.57 16.18
C PRO B 84 22.24 -21.47 15.35
N THR B 85 22.25 -22.09 14.18
CA THR B 85 21.07 -22.20 13.35
C THR B 85 20.41 -23.56 13.63
N ASP B 86 19.44 -23.93 12.80
CA ASP B 86 18.73 -25.20 12.99
C ASP B 86 19.66 -26.36 12.68
N HIS B 87 20.16 -26.99 13.72
CA HIS B 87 20.95 -28.22 13.63
C HIS B 87 19.98 -29.35 13.88
N LYS B 88 19.76 -30.20 12.89
CA LYS B 88 18.82 -31.30 13.04
C LYS B 88 19.50 -32.59 13.44
N GLY B 89 20.66 -32.53 14.09
CA GLY B 89 21.39 -33.69 14.51
C GLY B 89 21.63 -33.70 16.01
N VAL B 90 22.87 -34.01 16.40
CA VAL B 90 23.18 -34.21 17.80
C VAL B 90 23.27 -32.88 18.54
N TYR B 91 23.85 -31.87 17.89
CA TYR B 91 24.03 -30.58 18.54
C TYR B 91 22.70 -29.88 18.79
N GLY B 92 21.78 -29.93 17.83
CA GLY B 92 20.50 -29.30 18.01
C GLY B 92 19.57 -30.06 18.94
N TYR B 93 19.92 -31.28 19.29
CA TYR B 93 19.19 -31.97 20.34
C TYR B 93 19.50 -31.37 21.69
N LEU B 94 20.73 -30.88 21.87
CA LEU B 94 21.14 -30.27 23.13
C LEU B 94 20.47 -28.92 23.35
N THR B 95 20.05 -28.26 22.29
CA THR B 95 19.36 -26.98 22.43
C THR B 95 17.97 -27.18 23.03
N ASP B 96 17.31 -28.29 22.73
CA ASP B 96 15.99 -28.56 23.28
C ASP B 96 16.03 -29.47 24.50
N SER B 97 17.21 -29.82 24.99
CA SER B 97 17.30 -30.71 26.15
C SER B 97 18.11 -30.11 27.30
N TYR B 98 18.81 -29.00 27.08
CA TYR B 98 19.58 -28.35 28.11
C TYR B 98 19.35 -26.85 28.03
N ALA B 99 19.33 -26.19 29.18
CA ALA B 99 18.92 -24.80 29.19
C ALA B 99 20.10 -23.87 28.95
N TYR B 100 21.23 -24.14 29.61
CA TYR B 100 22.39 -23.27 29.57
C TYR B 100 23.52 -24.01 28.89
N MET B 101 24.10 -23.40 27.86
CA MET B 101 25.21 -24.02 27.17
C MET B 101 26.11 -22.98 26.55
N ARG B 102 27.38 -23.33 26.38
CA ARG B 102 28.36 -22.46 25.78
C ARG B 102 29.22 -23.30 24.85
N ASN B 103 29.79 -22.63 23.84
CA ASN B 103 30.63 -23.27 22.84
C ASN B 103 31.33 -22.22 22.01
N GLY B 104 32.43 -22.63 21.39
CA GLY B 104 33.04 -21.83 20.34
C GLY B 104 32.52 -22.27 19.00
N TRP B 105 33.20 -21.81 17.96
CA TRP B 105 32.90 -22.20 16.59
C TRP B 105 34.19 -22.23 15.80
N ASP B 106 34.25 -23.09 14.78
CA ASP B 106 35.31 -23.01 13.78
C ASP B 106 34.72 -23.17 12.38
N VAL B 107 34.33 -22.05 11.79
CA VAL B 107 33.60 -22.06 10.54
C VAL B 107 34.56 -22.31 9.40
N GLU B 108 34.02 -22.71 8.25
CA GLU B 108 34.78 -22.95 7.05
C GLU B 108 33.85 -22.80 5.86
N VAL B 109 33.92 -21.69 5.16
CA VAL B 109 33.09 -21.46 3.99
C VAL B 109 33.88 -21.88 2.76
N THR B 110 33.18 -22.30 1.72
CA THR B 110 33.80 -22.70 0.46
C THR B 110 33.13 -21.93 -0.66
N ALA B 111 33.93 -21.39 -1.56
CA ALA B 111 33.42 -20.71 -2.75
C ALA B 111 34.20 -21.26 -3.94
N VAL B 112 33.74 -22.39 -4.47
CA VAL B 112 34.50 -23.12 -5.49
C VAL B 112 34.09 -22.62 -6.87
N GLY B 113 35.03 -21.99 -7.55
CA GLY B 113 34.84 -21.63 -8.94
C GLY B 113 35.92 -22.30 -9.77
N ASN B 114 36.85 -21.50 -10.25
CA ASN B 114 38.14 -21.98 -10.74
C ASN B 114 39.11 -20.83 -10.63
N GLN B 115 40.34 -21.05 -11.04
CA GLN B 115 41.36 -20.01 -10.95
C GLN B 115 41.27 -18.98 -12.07
N PHE B 116 40.16 -18.96 -12.82
CA PHE B 116 39.96 -18.00 -13.89
C PHE B 116 38.80 -17.05 -13.63
N ASN B 117 38.08 -17.20 -12.52
CA ASN B 117 37.17 -16.17 -12.10
C ASN B 117 37.96 -15.04 -11.43
N GLY B 118 37.26 -13.93 -11.19
CA GLY B 118 37.89 -12.84 -10.49
C GLY B 118 37.07 -12.41 -9.30
N GLY B 119 37.35 -11.25 -8.74
CA GLY B 119 36.59 -10.75 -7.63
C GLY B 119 36.95 -11.45 -6.34
N CYS B 120 36.38 -10.94 -5.25
CA CYS B 120 36.62 -11.55 -3.96
C CYS B 120 35.42 -11.30 -3.07
N LEU B 121 35.25 -12.16 -2.07
CA LEU B 121 34.23 -11.94 -1.06
C LEU B 121 34.85 -12.09 0.32
N LEU B 122 34.61 -11.12 1.19
CA LEU B 122 35.10 -11.17 2.55
C LEU B 122 34.20 -12.09 3.37
N VAL B 123 34.80 -12.81 4.31
CA VAL B 123 34.11 -13.68 5.23
C VAL B 123 34.42 -13.16 6.62
N ALA B 124 33.43 -13.10 7.51
CA ALA B 124 33.69 -12.57 8.83
C ALA B 124 32.79 -13.23 9.87
N MET B 125 33.39 -13.61 11.00
CA MET B 125 32.65 -13.96 12.20
C MET B 125 32.54 -12.73 13.07
N VAL B 126 31.32 -12.26 13.31
CA VAL B 126 31.13 -11.02 14.06
C VAL B 126 30.10 -11.22 15.18
N PRO B 127 30.42 -10.82 16.40
CA PRO B 127 29.48 -11.04 17.50
C PRO B 127 28.37 -10.01 17.51
N GLU B 128 27.16 -10.48 17.85
CA GLU B 128 26.00 -9.66 18.20
C GLU B 128 25.56 -8.75 17.06
N LEU B 129 25.55 -9.27 15.85
CA LEU B 129 25.44 -8.41 14.68
C LEU B 129 23.98 -8.25 14.28
N CYS B 130 23.49 -7.02 14.35
CA CYS B 130 22.18 -6.65 13.82
C CYS B 130 22.18 -5.16 13.52
N SER B 131 21.29 -4.77 12.60
CA SER B 131 21.07 -3.37 12.18
C SER B 131 22.34 -2.73 11.62
N ILE B 132 22.80 -3.27 10.50
CA ILE B 132 24.00 -2.78 9.87
C ILE B 132 23.63 -1.79 8.76
N GLN B 133 24.62 -1.01 8.35
CA GLN B 133 24.48 -0.15 7.19
C GLN B 133 25.44 -0.62 6.11
N LYS B 134 25.19 -0.17 4.88
CA LYS B 134 26.16 -0.46 3.82
C LYS B 134 27.35 0.50 3.89
N ARG B 135 27.21 1.62 4.60
CA ARG B 135 28.35 2.49 4.84
C ARG B 135 29.24 1.94 5.95
N GLU B 136 28.68 1.11 6.82
CA GLU B 136 29.39 0.38 7.86
C GLU B 136 30.19 -0.79 7.31
N LEU B 137 29.94 -1.22 6.06
CA LEU B 137 30.59 -2.40 5.53
C LEU B 137 32.06 -2.17 5.20
N TYR B 138 32.49 -0.91 5.12
CA TYR B 138 33.89 -0.61 4.81
C TYR B 138 34.83 -1.02 5.92
N GLN B 139 34.34 -1.15 7.15
CA GLN B 139 35.15 -1.54 8.28
C GLN B 139 34.71 -2.88 8.87
N LEU B 140 34.45 -3.87 8.02
CA LEU B 140 34.18 -5.21 8.51
C LEU B 140 35.47 -5.96 8.78
N THR B 141 36.61 -5.36 8.43
CA THR B 141 37.92 -5.99 8.58
C THR B 141 38.32 -6.14 10.05
N LEU B 142 37.71 -5.34 10.94
CA LEU B 142 38.04 -5.37 12.37
C LEU B 142 37.75 -6.72 13.03
N PHE B 143 36.79 -7.46 12.53
CA PHE B 143 36.36 -8.71 13.13
C PHE B 143 37.29 -9.83 12.70
N PRO B 144 37.14 -11.06 13.24
CA PRO B 144 37.88 -12.19 12.64
C PRO B 144 37.47 -12.44 11.21
N HIS B 145 38.35 -12.14 10.28
CA HIS B 145 38.00 -12.13 8.88
C HIS B 145 39.02 -12.90 8.09
N GLN B 146 38.63 -13.30 6.87
CA GLN B 146 39.53 -13.97 5.95
C GLN B 146 38.96 -13.88 4.54
N PHE B 147 39.71 -13.27 3.62
CA PHE B 147 39.23 -13.07 2.26
C PHE B 147 39.23 -14.37 1.47
N ILE B 148 38.34 -14.44 0.49
CA ILE B 148 38.31 -15.51 -0.49
C ILE B 148 38.31 -14.87 -1.87
N ASN B 149 39.38 -15.09 -2.62
CA ASN B 149 39.30 -14.82 -4.04
C ASN B 149 39.69 -16.06 -4.82
N PRO B 150 39.05 -16.32 -5.96
CA PRO B 150 39.34 -17.56 -6.71
C PRO B 150 40.72 -17.59 -7.33
N ARG B 151 41.40 -16.45 -7.42
CA ARG B 151 42.74 -16.42 -7.97
C ARG B 151 43.75 -17.07 -7.02
N THR B 152 43.47 -17.09 -5.73
CA THR B 152 44.37 -17.66 -4.74
C THR B 152 43.82 -18.89 -4.04
N ASN B 153 42.64 -18.79 -3.41
CA ASN B 153 42.16 -19.87 -2.56
C ASN B 153 40.71 -20.19 -2.90
N MET B 154 40.14 -21.14 -2.15
CA MET B 154 38.74 -21.50 -2.31
C MET B 154 38.01 -21.44 -0.99
N THR B 155 38.73 -21.60 0.12
CA THR B 155 38.13 -21.67 1.44
C THR B 155 38.66 -20.56 2.33
N ALA B 156 37.92 -20.32 3.41
CA ALA B 156 38.37 -19.48 4.51
C ALA B 156 37.97 -20.17 5.81
N HIS B 157 38.92 -20.30 6.72
CA HIS B 157 38.75 -21.14 7.90
C HIS B 157 38.99 -20.29 9.14
N ILE B 158 37.92 -19.88 9.80
CA ILE B 158 37.97 -18.95 10.93
C ILE B 158 37.59 -19.74 12.17
N THR B 159 38.22 -19.44 13.30
CA THR B 159 37.93 -20.10 14.57
C THR B 159 37.82 -19.06 15.67
N VAL B 160 36.73 -19.10 16.43
CA VAL B 160 36.45 -18.12 17.48
C VAL B 160 36.00 -18.82 18.76
N PRO B 161 36.26 -18.25 19.94
CA PRO B 161 35.80 -18.88 21.18
C PRO B 161 34.42 -18.40 21.55
N PHE B 162 33.93 -18.80 22.71
CA PHE B 162 32.66 -18.28 23.20
C PHE B 162 32.87 -16.89 23.74
N VAL B 163 32.29 -15.89 23.09
CA VAL B 163 32.16 -14.58 23.66
C VAL B 163 30.76 -14.46 24.24
N GLY B 164 30.55 -13.46 25.07
CA GLY B 164 29.21 -13.27 25.59
C GLY B 164 29.20 -12.41 26.83
N VAL B 165 28.00 -11.90 27.12
CA VAL B 165 27.76 -11.05 28.27
C VAL B 165 27.98 -11.83 29.56
N ASN B 166 27.72 -13.14 29.55
CA ASN B 166 27.90 -13.99 30.70
C ASN B 166 28.27 -15.40 30.23
N ARG B 167 28.69 -16.24 31.20
CA ARG B 167 29.49 -17.43 30.86
C ARG B 167 28.68 -18.50 30.14
N TYR B 168 27.46 -18.74 30.58
CA TYR B 168 26.59 -19.67 29.90
C TYR B 168 25.44 -18.90 29.27
N ASP B 169 24.89 -19.45 28.19
CA ASP B 169 23.97 -18.72 27.35
C ASP B 169 22.69 -19.54 27.18
N GLN B 170 21.60 -18.83 26.95
CA GLN B 170 20.33 -19.45 26.58
C GLN B 170 20.14 -19.21 25.09
N TYR B 171 20.42 -20.24 24.28
CA TYR B 171 20.41 -20.05 22.84
C TYR B 171 19.02 -19.90 22.24
N LYS B 172 17.96 -20.18 22.99
CA LYS B 172 16.63 -19.95 22.45
C LYS B 172 16.26 -18.47 22.42
N VAL B 173 16.89 -17.66 23.25
CA VAL B 173 16.57 -16.24 23.35
C VAL B 173 17.75 -15.36 22.95
N HIS B 174 18.82 -15.96 22.41
CA HIS B 174 20.05 -15.22 22.17
C HIS B 174 20.93 -15.97 21.18
N LYS B 175 21.53 -15.25 20.25
CA LYS B 175 22.44 -15.81 19.25
C LYS B 175 23.70 -14.95 19.24
N PRO B 176 24.81 -15.41 19.85
CA PRO B 176 25.97 -14.52 20.00
C PRO B 176 26.71 -14.23 18.70
N TRP B 177 26.99 -15.23 17.89
CA TRP B 177 27.81 -15.04 16.69
C TRP B 177 26.94 -14.92 15.45
N THR B 178 27.55 -14.42 14.38
CA THR B 178 26.87 -14.21 13.10
C THR B 178 27.89 -14.35 12.00
N LEU B 179 27.81 -15.42 11.23
CA LEU B 179 28.69 -15.61 10.08
C LEU B 179 28.24 -14.66 8.98
N VAL B 180 29.15 -13.80 8.54
CA VAL B 180 28.87 -12.78 7.54
C VAL B 180 29.80 -12.98 6.36
N VAL B 181 29.22 -13.16 5.18
CA VAL B 181 29.95 -13.10 3.93
C VAL B 181 29.37 -11.96 3.11
N MET B 182 30.23 -11.05 2.68
CA MET B 182 29.83 -9.99 1.78
C MET B 182 30.78 -9.99 0.61
N VAL B 183 30.35 -9.41 -0.50
CA VAL B 183 31.14 -9.45 -1.72
C VAL B 183 31.81 -8.10 -1.93
N VAL B 184 33.14 -8.11 -1.94
CA VAL B 184 33.93 -6.88 -2.02
C VAL B 184 34.15 -6.46 -3.46
N ALA B 185 34.66 -7.35 -4.27
CA ALA B 185 34.64 -7.12 -5.70
C ALA B 185 33.63 -8.06 -6.34
N PRO B 186 32.92 -7.62 -7.37
CA PRO B 186 31.90 -8.47 -7.98
C PRO B 186 32.54 -9.63 -8.73
N LEU B 187 31.77 -10.69 -8.89
CA LEU B 187 32.25 -11.85 -9.63
C LEU B 187 32.39 -11.48 -11.10
N THR B 188 33.62 -11.55 -11.59
CA THR B 188 33.92 -11.23 -12.98
C THR B 188 34.26 -12.53 -13.68
N VAL B 189 33.28 -13.10 -14.37
CA VAL B 189 33.53 -14.28 -15.18
C VAL B 189 34.30 -13.85 -16.42
N ASN B 190 34.94 -14.79 -17.07
CA ASN B 190 35.64 -14.51 -18.29
C ASN B 190 35.19 -15.50 -19.35
N SER B 191 35.95 -15.56 -20.45
CA SER B 191 35.66 -16.56 -21.48
C SER B 191 35.98 -17.97 -20.98
N GLU B 192 36.78 -18.07 -19.91
CA GLU B 192 37.36 -19.32 -19.46
C GLU B 192 37.14 -19.56 -17.97
N GLY B 193 36.30 -18.75 -17.34
CA GLY B 193 36.02 -18.91 -15.93
C GLY B 193 34.75 -19.73 -15.73
N ALA B 194 34.20 -19.64 -14.52
CA ALA B 194 33.01 -20.40 -14.15
C ALA B 194 31.89 -19.37 -13.98
N PRO B 195 30.69 -19.64 -14.51
CA PRO B 195 29.65 -18.60 -14.59
C PRO B 195 29.10 -18.19 -13.24
N GLN B 196 28.73 -19.19 -12.46
CA GLN B 196 28.07 -18.99 -11.19
C GLN B 196 28.73 -19.89 -10.16
N ILE B 197 29.13 -19.30 -9.04
CA ILE B 197 29.67 -20.12 -7.97
C ILE B 197 28.64 -20.15 -6.85
N LYS B 198 28.66 -21.23 -6.09
CA LYS B 198 27.75 -21.40 -4.97
C LYS B 198 28.55 -21.46 -3.69
N VAL B 199 28.14 -20.68 -2.69
CA VAL B 199 28.86 -20.60 -1.43
C VAL B 199 28.24 -21.56 -0.44
N TYR B 200 29.01 -22.55 -0.01
CA TYR B 200 28.61 -23.47 1.04
C TYR B 200 29.41 -23.15 2.29
N ALA B 201 29.09 -23.85 3.37
CA ALA B 201 29.84 -23.74 4.60
C ALA B 201 29.59 -24.96 5.46
N ASN B 202 30.65 -25.48 6.06
CA ASN B 202 30.50 -26.47 7.12
C ASN B 202 31.01 -25.86 8.42
N ILE B 203 30.11 -25.79 9.39
CA ILE B 203 30.35 -25.14 10.66
C ILE B 203 30.52 -26.25 11.69
N ALA B 204 31.31 -25.99 12.73
CA ALA B 204 31.38 -26.97 13.79
C ALA B 204 31.50 -26.29 15.14
N PRO B 205 30.86 -26.81 16.17
CA PRO B 205 31.12 -26.31 17.51
C PRO B 205 32.48 -26.78 18.01
N THR B 206 32.95 -26.13 19.06
CA THR B 206 34.12 -26.59 19.80
C THR B 206 33.77 -26.60 21.27
N ASN B 207 34.11 -27.72 21.93
CA ASN B 207 33.99 -28.05 23.36
C ASN B 207 32.76 -27.48 24.06
N VAL B 208 31.59 -27.96 23.63
CA VAL B 208 30.34 -27.51 24.23
C VAL B 208 30.28 -27.96 25.69
N HIS B 209 29.54 -27.20 26.48
CA HIS B 209 29.37 -27.50 27.88
C HIS B 209 27.94 -27.15 28.27
N VAL B 210 27.12 -28.17 28.49
CA VAL B 210 25.75 -27.94 28.85
C VAL B 210 25.61 -27.98 30.36
N ALA B 211 24.54 -27.36 30.85
CA ALA B 211 24.28 -27.31 32.27
C ALA B 211 22.79 -27.12 32.49
N GLY B 212 22.16 -28.06 33.19
CA GLY B 212 20.78 -27.90 33.53
C GLY B 212 19.85 -28.63 32.59
N GLU B 213 19.32 -29.77 33.04
CA GLU B 213 18.52 -30.64 32.19
C GLU B 213 17.08 -30.13 32.19
N PHE B 214 16.51 -29.96 31.00
CA PHE B 214 15.07 -29.69 30.92
C PHE B 214 14.28 -30.94 31.30
N PRO B 215 13.06 -30.77 31.78
CA PRO B 215 12.13 -31.90 31.85
C PRO B 215 11.75 -32.35 30.45
N SER B 216 11.36 -33.62 30.35
CA SER B 216 10.96 -34.14 29.06
C SER B 216 9.58 -33.61 28.66
N LYS B 217 9.34 -33.57 27.35
CA LYS B 217 8.16 -32.90 26.81
C LYS B 217 6.90 -33.74 27.02
N GLU B 218 7.05 -35.02 27.37
CA GLU B 218 5.91 -35.93 27.54
C GLU B 218 5.00 -35.56 28.72
N GLY C 1 44.01 26.10 68.88
CA GLY C 1 43.17 26.49 67.78
C GLY C 1 43.02 25.38 66.77
N ILE C 2 42.37 25.68 65.64
CA ILE C 2 42.26 24.74 64.55
C ILE C 2 43.25 25.14 63.48
N PHE C 3 43.50 24.22 62.56
CA PHE C 3 44.48 24.39 61.50
C PHE C 3 43.98 25.42 60.49
N PRO C 4 44.60 26.59 60.36
CA PRO C 4 44.06 27.61 59.46
C PRO C 4 44.41 27.33 58.00
N VAL C 5 43.41 27.48 57.14
CA VAL C 5 43.60 27.38 55.70
C VAL C 5 43.08 28.66 55.08
N ALA C 6 43.38 28.82 53.81
CA ALA C 6 42.91 29.96 53.02
C ALA C 6 42.13 29.39 51.85
N CYS C 7 40.80 29.61 51.85
CA CYS C 7 39.96 29.10 50.79
C CYS C 7 40.23 29.87 49.52
N SER C 8 41.13 29.34 48.69
CA SER C 8 41.73 30.11 47.61
C SER C 8 40.74 30.34 46.49
N ASP C 9 40.93 31.43 45.78
CA ASP C 9 39.98 31.87 44.78
C ASP C 9 40.47 31.50 43.39
N GLY C 10 39.52 31.22 42.51
CA GLY C 10 39.83 30.74 41.18
C GLY C 10 39.93 29.24 41.07
N TYR C 11 40.20 28.54 42.16
CA TYR C 11 40.36 27.10 42.16
C TYR C 11 39.08 26.44 42.61
N GLY C 12 38.93 25.17 42.24
CA GLY C 12 37.86 24.35 42.76
C GLY C 12 36.61 24.26 41.93
N GLY C 13 36.58 24.88 40.76
CA GLY C 13 35.44 24.75 39.90
C GLY C 13 35.38 23.37 39.25
N LEU C 14 34.21 23.04 38.73
CA LEU C 14 34.05 21.74 38.10
C LEU C 14 34.61 21.77 36.70
N VAL C 15 35.68 20.99 36.48
CA VAL C 15 36.28 20.83 35.16
C VAL C 15 35.94 19.42 34.70
N THR C 16 35.60 19.26 33.43
CA THR C 16 35.07 17.99 32.98
C THR C 16 36.13 16.95 32.68
N THR C 17 37.41 17.33 32.63
CA THR C 17 38.46 16.38 32.29
C THR C 17 39.50 16.24 33.40
N ASP C 18 39.19 16.75 34.60
CA ASP C 18 40.15 16.80 35.68
C ASP C 18 40.48 15.41 36.21
N PRO C 19 41.66 15.25 36.83
CA PRO C 19 41.98 14.00 37.52
C PRO C 19 41.44 13.89 38.94
N LYS C 20 40.50 14.74 39.35
CA LYS C 20 39.86 14.57 40.65
C LYS C 20 38.79 13.50 40.55
N THR C 21 38.82 12.55 41.47
CA THR C 21 37.83 11.49 41.54
C THR C 21 36.75 11.86 42.56
N ALA C 22 35.53 11.43 42.28
CA ALA C 22 34.40 11.80 43.12
C ALA C 22 34.38 10.96 44.38
N ASP C 23 33.82 11.53 45.44
CA ASP C 23 33.71 10.80 46.70
C ASP C 23 32.72 9.65 46.57
N PRO C 24 33.04 8.49 47.13
CA PRO C 24 32.11 7.35 47.04
C PRO C 24 30.91 7.56 47.93
N ALA C 25 29.88 6.75 47.66
CA ALA C 25 28.67 6.79 48.45
C ALA C 25 28.12 5.42 48.82
N TYR C 26 28.62 4.34 48.22
CA TYR C 26 28.01 3.02 48.40
C TYR C 26 29.11 2.00 48.17
N GLY C 27 29.68 1.45 49.25
CA GLY C 27 30.85 0.63 49.17
C GLY C 27 30.55 -0.85 49.18
N LYS C 28 31.63 -1.64 49.28
CA LYS C 28 31.60 -3.09 49.45
C LYS C 28 30.86 -3.78 48.31
N VAL C 29 31.34 -3.54 47.08
CA VAL C 29 30.77 -4.15 45.89
C VAL C 29 31.84 -5.02 45.27
N PHE C 30 31.53 -6.29 45.09
CA PHE C 30 32.45 -7.24 44.46
C PHE C 30 31.86 -7.65 43.13
N ASN C 31 32.59 -7.37 42.06
CA ASN C 31 32.12 -7.64 40.72
C ASN C 31 32.18 -9.13 40.41
N PRO C 32 31.41 -9.61 39.44
CA PRO C 32 31.64 -10.96 38.94
C PRO C 32 32.98 -11.02 38.22
N PRO C 33 33.64 -12.17 38.22
CA PRO C 33 34.99 -12.24 37.67
C PRO C 33 35.01 -12.14 36.15
N ARG C 34 36.04 -11.49 35.63
CA ARG C 34 36.15 -11.18 34.20
C ARG C 34 37.48 -11.62 33.61
N ASN C 35 38.26 -12.41 34.32
CA ASN C 35 39.66 -12.60 33.95
C ASN C 35 39.81 -13.55 32.76
N MET C 36 40.77 -13.21 31.89
CA MET C 36 41.05 -13.91 30.63
C MET C 36 39.82 -14.00 29.73
N LEU C 37 39.09 -12.91 29.62
CA LEU C 37 37.92 -12.87 28.76
C LEU C 37 38.36 -12.44 27.36
N PRO C 38 37.85 -13.08 26.30
CA PRO C 38 38.48 -12.94 24.98
C PRO C 38 38.18 -11.61 24.31
N GLY C 39 39.18 -11.12 23.58
CA GLY C 39 38.99 -10.02 22.66
C GLY C 39 39.22 -8.64 23.22
N ARG C 40 40.11 -8.50 24.18
CA ARG C 40 40.33 -7.21 24.84
C ARG C 40 41.35 -6.38 24.07
N PHE C 41 41.03 -5.12 23.85
CA PHE C 41 42.01 -4.17 23.34
C PHE C 41 42.23 -3.07 24.36
N THR C 42 43.45 -2.55 24.38
CA THR C 42 43.88 -1.59 25.39
C THR C 42 43.90 -0.17 24.84
N ASN C 43 44.51 0.04 23.68
CA ASN C 43 44.58 1.33 23.05
C ASN C 43 43.87 1.26 21.71
N PHE C 44 43.35 2.39 21.24
CA PHE C 44 42.61 2.39 19.99
C PHE C 44 43.51 2.32 18.77
N LEU C 45 44.80 2.55 18.91
CA LEU C 45 45.67 2.43 17.75
C LEU C 45 45.99 0.98 17.42
N ASP C 46 45.99 0.10 18.42
CA ASP C 46 46.28 -1.31 18.17
C ASP C 46 45.16 -1.97 17.38
N VAL C 47 43.93 -1.51 17.56
CA VAL C 47 42.85 -1.93 16.68
C VAL C 47 43.04 -1.35 15.30
N ALA C 48 43.53 -0.11 15.23
CA ALA C 48 43.71 0.55 13.95
C ALA C 48 44.96 0.06 13.22
N GLU C 49 45.89 -0.57 13.92
CA GLU C 49 47.10 -1.04 13.28
C GLU C 49 47.02 -2.51 12.91
N ALA C 50 46.29 -3.30 13.68
CA ALA C 50 46.19 -4.73 13.41
C ALA C 50 45.01 -5.08 12.51
N CYS C 51 44.12 -4.13 12.22
CA CYS C 51 42.92 -4.41 11.43
C CYS C 51 42.75 -3.34 10.36
N PRO C 52 43.17 -3.60 9.13
CA PRO C 52 42.97 -2.63 8.06
C PRO C 52 41.54 -2.62 7.55
N THR C 53 41.11 -1.44 7.10
CA THR C 53 39.73 -1.20 6.72
C THR C 53 39.72 -0.49 5.37
N PHE C 54 38.65 -0.71 4.60
CA PHE C 54 38.61 -0.34 3.18
C PHE C 54 38.57 1.17 2.99
N LEU C 55 38.76 1.59 1.74
CA LEU C 55 38.63 2.98 1.33
C LEU C 55 37.34 3.19 0.55
N HIS C 56 37.21 4.36 -0.04
CA HIS C 56 35.99 4.79 -0.71
C HIS C 56 36.37 5.39 -2.06
N PHE C 57 35.81 4.86 -3.13
CA PHE C 57 36.04 5.41 -4.46
C PHE C 57 34.73 5.82 -5.11
N GLU C 58 34.83 6.27 -6.35
CA GLU C 58 33.67 6.77 -7.07
C GLU C 58 32.71 5.64 -7.41
N GLY C 59 31.49 5.76 -6.91
CA GLY C 59 30.52 4.69 -7.01
C GLY C 59 30.31 3.93 -5.72
N ASP C 60 30.78 4.47 -4.59
CA ASP C 60 30.65 3.89 -3.26
C ASP C 60 31.31 2.52 -3.15
N VAL C 61 32.42 2.32 -3.87
CA VAL C 61 33.07 1.01 -3.91
C VAL C 61 34.46 1.09 -3.32
N PRO C 62 35.00 0.00 -2.77
CA PRO C 62 36.39 0.02 -2.29
C PRO C 62 37.41 -0.34 -3.35
N TYR C 63 36.98 -0.95 -4.44
CA TYR C 63 37.91 -1.38 -5.47
C TYR C 63 38.06 -0.32 -6.55
N VAL C 64 39.22 -0.32 -7.19
CA VAL C 64 39.48 0.56 -8.33
C VAL C 64 39.68 -0.31 -9.57
N THR C 65 39.11 0.13 -10.68
CA THR C 65 39.06 -0.67 -11.89
C THR C 65 40.19 -0.28 -12.84
N THR C 66 40.79 -1.28 -13.47
CA THR C 66 41.83 -1.04 -14.46
C THR C 66 41.27 -0.31 -15.67
N LYS C 67 42.12 0.49 -16.30
CA LYS C 67 41.69 1.45 -17.31
C LYS C 67 42.32 1.12 -18.65
N THR C 68 41.47 0.82 -19.63
CA THR C 68 41.92 0.39 -20.95
C THR C 68 41.92 1.54 -21.95
N ASP C 69 42.76 2.53 -21.68
CA ASP C 69 42.86 3.71 -22.53
C ASP C 69 44.24 4.33 -22.35
N SER C 70 44.44 5.53 -22.91
CA SER C 70 45.73 6.19 -22.83
C SER C 70 45.99 6.79 -21.46
N ASP C 71 44.93 7.13 -20.73
CA ASP C 71 45.09 7.67 -19.37
C ASP C 71 45.34 6.54 -18.39
N ARG C 72 46.32 6.73 -17.52
CA ARG C 72 46.82 5.67 -16.66
C ARG C 72 46.70 6.01 -15.18
N VAL C 73 45.85 6.96 -14.83
CA VAL C 73 45.67 7.35 -13.43
C VAL C 73 44.51 6.55 -12.86
N LEU C 74 44.83 5.57 -12.01
CA LEU C 74 43.77 4.81 -11.35
C LEU C 74 43.08 5.65 -10.29
N ALA C 75 43.86 6.24 -9.38
CA ALA C 75 43.30 7.05 -8.33
C ALA C 75 44.30 8.12 -7.95
N GLN C 76 43.78 9.26 -7.51
CA GLN C 76 44.64 10.37 -7.13
C GLN C 76 43.89 11.12 -6.04
N PHE C 77 44.21 10.83 -4.78
CA PHE C 77 43.48 11.44 -3.69
C PHE C 77 44.44 12.17 -2.78
N ASP C 78 43.99 13.29 -2.26
CA ASP C 78 44.77 14.08 -1.33
C ASP C 78 44.97 13.34 -0.03
N LEU C 79 46.03 13.69 0.68
CA LEU C 79 46.43 12.93 1.85
C LEU C 79 46.00 13.71 3.10
N SER C 80 44.85 13.34 3.62
CA SER C 80 44.38 13.86 4.90
C SER C 80 43.45 12.82 5.47
N LEU C 81 43.28 12.86 6.79
CA LEU C 81 42.33 11.95 7.41
C LEU C 81 40.92 12.52 7.42
N ALA C 82 40.71 13.69 6.83
CA ALA C 82 39.40 14.21 6.54
C ALA C 82 39.11 14.20 5.04
N ALA C 83 39.74 13.31 4.30
CA ALA C 83 39.57 13.26 2.86
C ALA C 83 38.26 12.58 2.50
N LYS C 84 37.98 12.55 1.20
CA LYS C 84 36.78 11.88 0.72
C LYS C 84 37.00 10.38 0.58
N HIS C 85 38.18 9.98 0.14
CA HIS C 85 38.50 8.57 -0.05
C HIS C 85 38.73 7.84 1.26
N MET C 86 39.27 8.54 2.26
CA MET C 86 39.59 7.93 3.54
C MET C 86 38.41 7.87 4.49
N SER C 87 37.21 8.23 4.04
CA SER C 87 36.14 8.60 4.97
C SER C 87 35.58 7.40 5.70
N ASN C 88 35.37 6.28 5.01
CA ASN C 88 34.79 5.11 5.66
C ASN C 88 35.81 4.26 6.41
N THR C 89 37.07 4.67 6.43
CA THR C 89 38.09 3.90 7.11
C THR C 89 37.95 4.07 8.62
N PHE C 90 38.24 2.99 9.36
CA PHE C 90 38.33 3.07 10.82
C PHE C 90 39.43 4.01 11.27
N LEU C 91 40.51 4.12 10.49
CA LEU C 91 41.61 5.01 10.84
C LEU C 91 41.18 6.46 10.84
N ALA C 92 40.30 6.84 9.92
CA ALA C 92 39.72 8.17 9.97
C ALA C 92 38.44 8.22 10.79
N GLY C 93 38.05 7.09 11.38
CA GLY C 93 36.93 7.13 12.31
C GLY C 93 37.34 7.72 13.64
N LEU C 94 38.48 7.27 14.17
CA LEU C 94 38.96 7.80 15.43
C LEU C 94 39.83 9.03 15.25
N ALA C 95 40.31 9.29 14.05
CA ALA C 95 40.99 10.55 13.78
C ALA C 95 40.03 11.70 13.53
N GLN C 96 38.73 11.46 13.69
CA GLN C 96 37.75 12.52 13.68
C GLN C 96 37.58 13.12 15.07
N TYR C 97 38.13 12.46 16.09
CA TYR C 97 38.00 12.90 17.48
C TYR C 97 39.30 13.45 18.05
N TYR C 98 40.27 13.75 17.20
CA TYR C 98 41.53 14.32 17.63
C TYR C 98 41.81 15.56 16.79
N THR C 99 42.92 16.23 17.09
CA THR C 99 43.25 17.43 16.34
C THR C 99 44.45 17.25 15.43
N GLN C 100 45.44 16.48 15.85
CA GLN C 100 46.67 16.40 15.09
C GLN C 100 47.36 15.08 15.35
N TYR C 101 48.15 14.64 14.37
CA TYR C 101 48.76 13.32 14.37
C TYR C 101 50.21 13.43 13.91
N SER C 102 50.86 12.27 13.81
CA SER C 102 52.10 12.11 13.08
C SER C 102 52.27 10.63 12.78
N GLY C 103 53.13 10.33 11.83
CA GLY C 103 53.51 8.96 11.58
C GLY C 103 53.02 8.47 10.23
N THR C 104 53.37 7.23 9.95
CA THR C 104 53.10 6.62 8.66
C THR C 104 51.68 6.08 8.60
N ILE C 105 51.15 5.99 7.39
CA ILE C 105 49.84 5.41 7.13
C ILE C 105 50.03 4.30 6.10
N ASN C 106 49.84 3.05 6.53
CA ASN C 106 49.99 1.93 5.61
C ASN C 106 48.80 1.85 4.68
N LEU C 107 49.08 1.59 3.40
CA LEU C 107 48.06 1.33 2.40
C LEU C 107 48.27 -0.08 1.87
N HIS C 108 47.21 -0.88 1.90
CA HIS C 108 47.26 -2.28 1.49
C HIS C 108 46.51 -2.44 0.18
N PHE C 109 47.12 -3.15 -0.77
CA PHE C 109 46.65 -3.19 -2.16
C PHE C 109 46.50 -4.64 -2.58
N MET C 110 45.28 -5.16 -2.57
CA MET C 110 45.04 -6.55 -2.95
C MET C 110 44.43 -6.60 -4.33
N PHE C 111 45.00 -7.42 -5.20
CA PHE C 111 44.53 -7.55 -6.57
C PHE C 111 43.63 -8.76 -6.69
N THR C 112 42.44 -8.56 -7.26
CA THR C 112 41.40 -9.58 -7.27
C THR C 112 41.08 -10.04 -8.69
N GLY C 113 42.06 -10.06 -9.57
CA GLY C 113 41.84 -10.49 -10.93
C GLY C 113 42.03 -11.98 -11.10
N PRO C 114 41.69 -12.49 -12.27
CA PRO C 114 41.85 -13.92 -12.55
C PRO C 114 43.32 -14.26 -12.77
N THR C 115 43.58 -15.55 -12.93
CA THR C 115 44.96 -16.03 -13.02
C THR C 115 45.61 -15.72 -14.36
N ASP C 116 44.85 -15.28 -15.36
CA ASP C 116 45.44 -14.93 -16.64
C ASP C 116 45.61 -13.43 -16.83
N ALA C 117 45.02 -12.62 -15.98
CA ALA C 117 45.17 -11.18 -16.07
C ALA C 117 46.34 -10.74 -15.22
N LYS C 118 47.30 -10.05 -15.84
CA LYS C 118 48.47 -9.54 -15.16
C LYS C 118 48.54 -8.03 -15.38
N ALA C 119 49.04 -7.33 -14.36
CA ALA C 119 49.16 -5.89 -14.42
C ALA C 119 50.25 -5.48 -13.45
N ARG C 120 50.78 -4.29 -13.64
CA ARG C 120 51.67 -3.71 -12.64
C ARG C 120 51.29 -2.26 -12.43
N TYR C 121 51.57 -1.78 -11.23
CA TYR C 121 51.04 -0.53 -10.70
C TYR C 121 52.20 0.27 -10.13
N MET C 122 51.91 1.51 -9.76
CA MET C 122 52.84 2.27 -8.94
C MET C 122 52.05 3.21 -8.06
N ILE C 123 52.63 3.54 -6.91
CA ILE C 123 52.06 4.52 -5.99
C ILE C 123 53.16 5.48 -5.57
N ALA C 124 52.88 6.78 -5.71
CA ALA C 124 53.87 7.80 -5.41
C ALA C 124 53.30 8.79 -4.42
N TYR C 125 54.20 9.43 -3.68
CA TYR C 125 53.85 10.46 -2.71
C TYR C 125 54.35 11.79 -3.24
N ALA C 126 53.43 12.67 -3.58
CA ALA C 126 53.79 14.00 -4.03
C ALA C 126 53.69 14.97 -2.87
N PRO C 127 54.79 15.49 -2.36
CA PRO C 127 54.75 16.44 -1.26
C PRO C 127 54.16 17.76 -1.73
N PRO C 128 53.62 18.58 -0.82
CA PRO C 128 52.92 19.79 -1.26
C PRO C 128 53.88 20.87 -1.74
N GLY C 129 53.37 21.72 -2.61
CA GLY C 129 54.15 22.82 -3.13
C GLY C 129 53.93 23.11 -4.60
N MET C 130 53.52 22.09 -5.35
CA MET C 130 53.15 22.28 -6.74
C MET C 130 52.08 21.25 -7.09
N GLU C 131 51.67 21.22 -8.35
CA GLU C 131 50.56 20.39 -8.77
C GLU C 131 50.94 18.91 -8.73
N PRO C 132 50.00 18.04 -8.39
CA PRO C 132 50.31 16.62 -8.31
C PRO C 132 50.49 16.04 -9.71
N PRO C 133 51.31 15.00 -9.85
CA PRO C 133 51.64 14.48 -11.18
C PRO C 133 50.50 13.70 -11.80
N LYS C 134 50.36 13.81 -13.11
CA LYS C 134 49.27 13.18 -13.84
C LYS C 134 49.75 12.06 -14.76
N THR C 135 51.04 11.81 -14.84
CA THR C 135 51.55 10.70 -15.62
C THR C 135 52.57 9.92 -14.80
N PRO C 136 52.68 8.61 -15.03
CA PRO C 136 53.72 7.84 -14.32
C PRO C 136 55.14 8.20 -14.73
N GLU C 137 55.34 8.89 -15.85
CA GLU C 137 56.66 9.44 -16.14
C GLU C 137 57.00 10.57 -15.19
N ALA C 138 56.04 11.48 -14.97
CA ALA C 138 56.27 12.61 -14.08
C ALA C 138 56.32 12.18 -12.63
N ALA C 139 55.59 11.14 -12.27
CA ALA C 139 55.57 10.65 -10.91
C ALA C 139 56.68 9.66 -10.63
N ALA C 140 57.64 9.50 -11.53
CA ALA C 140 58.78 8.66 -11.23
C ALA C 140 59.74 9.35 -10.30
N HIS C 141 59.66 10.67 -10.19
CA HIS C 141 60.57 11.47 -9.38
C HIS C 141 60.02 11.77 -8.00
N CYS C 142 59.07 10.99 -7.53
CA CYS C 142 58.59 11.07 -6.16
C CYS C 142 59.20 9.94 -5.36
N ILE C 143 58.72 9.75 -4.13
CA ILE C 143 59.13 8.62 -3.31
C ILE C 143 58.14 7.50 -3.64
N HIS C 144 58.42 6.79 -4.72
CA HIS C 144 57.42 5.89 -5.27
C HIS C 144 57.82 4.43 -5.04
N ALA C 145 56.98 3.53 -5.55
CA ALA C 145 57.18 2.09 -5.43
C ALA C 145 56.27 1.40 -6.43
N GLU C 146 56.78 0.34 -7.05
CA GLU C 146 56.06 -0.43 -8.06
C GLU C 146 55.93 -1.87 -7.61
N TRP C 147 54.89 -2.54 -8.10
CA TRP C 147 54.72 -3.96 -7.84
C TRP C 147 53.87 -4.54 -8.96
N ASP C 148 54.08 -5.81 -9.23
CA ASP C 148 53.29 -6.51 -10.23
C ASP C 148 52.56 -7.68 -9.60
N THR C 149 51.50 -8.09 -10.26
CA THR C 149 50.60 -9.10 -9.72
C THR C 149 51.09 -10.50 -10.04
N GLY C 150 51.41 -11.26 -9.01
CA GLY C 150 51.88 -12.62 -9.17
C GLY C 150 51.26 -13.55 -8.15
N LEU C 151 52.11 -14.31 -7.45
CA LEU C 151 51.59 -15.32 -6.53
C LEU C 151 51.10 -14.69 -5.23
N ASN C 152 51.94 -13.91 -4.57
CA ASN C 152 51.51 -13.13 -3.42
C ASN C 152 50.81 -11.90 -3.97
N SER C 153 49.52 -11.77 -3.70
CA SER C 153 48.67 -10.81 -4.39
C SER C 153 48.42 -9.52 -3.62
N LYS C 154 49.18 -9.25 -2.58
CA LYS C 154 48.93 -8.09 -1.72
C LYS C 154 50.21 -7.28 -1.57
N PHE C 155 50.09 -5.96 -1.59
CA PHE C 155 51.24 -5.08 -1.48
C PHE C 155 50.94 -4.00 -0.46
N THR C 156 51.88 -3.79 0.47
CA THR C 156 51.73 -2.81 1.53
C THR C 156 52.81 -1.75 1.40
N PHE C 157 52.39 -0.50 1.22
CA PHE C 157 53.29 0.63 1.02
C PHE C 157 53.05 1.63 2.13
N SER C 158 54.10 1.94 2.89
CA SER C 158 53.98 2.82 4.04
C SER C 158 54.22 4.26 3.58
N ILE C 159 53.19 5.08 3.68
CA ILE C 159 53.29 6.51 3.32
C ILE C 159 54.25 7.20 4.28
N PRO C 160 55.28 7.88 3.78
CA PRO C 160 56.17 8.60 4.68
C PRO C 160 55.49 9.82 5.27
N TYR C 161 55.91 10.19 6.46
CA TYR C 161 55.43 11.40 7.11
C TYR C 161 56.50 12.48 6.93
N LEU C 162 56.31 13.31 5.92
CA LEU C 162 57.16 14.47 5.69
C LEU C 162 56.37 15.71 6.06
N SER C 163 56.97 16.54 6.91
CA SER C 163 56.32 17.78 7.31
C SER C 163 57.38 18.75 7.81
N ALA C 164 57.06 20.03 7.73
CA ALA C 164 57.85 21.02 8.43
C ALA C 164 57.70 20.87 9.93
N ALA C 165 56.48 21.03 10.43
CA ALA C 165 56.20 20.89 11.85
C ALA C 165 56.23 19.42 12.25
N ASP C 166 56.25 19.20 13.56
CA ASP C 166 56.41 17.84 14.07
C ASP C 166 55.09 17.08 14.06
N TYR C 167 53.98 17.80 14.09
CA TYR C 167 52.64 17.23 14.10
C TYR C 167 51.80 17.94 13.06
N THR C 168 50.95 17.20 12.35
CA THR C 168 50.09 17.78 11.34
C THR C 168 48.64 17.61 11.68
N TYR C 169 47.83 18.58 11.29
CA TYR C 169 46.43 18.60 11.68
C TYR C 169 45.64 17.52 10.97
N THR C 170 44.84 16.79 11.73
CA THR C 170 44.00 15.76 11.13
C THR C 170 42.73 16.33 10.54
N ALA C 171 42.44 17.61 10.77
CA ALA C 171 41.29 18.27 10.19
C ALA C 171 41.77 19.24 9.13
N SER C 172 41.38 19.00 7.88
CA SER C 172 41.72 19.92 6.81
C SER C 172 40.94 21.22 7.01
N ASP C 173 41.62 22.34 6.76
CA ASP C 173 41.11 23.65 7.10
C ASP C 173 39.88 24.00 6.29
N VAL C 174 38.96 24.72 6.92
CA VAL C 174 37.67 24.98 6.29
C VAL C 174 37.82 26.01 5.16
N ALA C 175 38.55 27.09 5.43
CA ALA C 175 38.72 28.11 4.41
C ALA C 175 39.84 27.78 3.45
N GLU C 176 40.96 27.29 3.98
CA GLU C 176 42.15 27.05 3.17
C GLU C 176 41.96 25.79 2.32
N THR C 177 41.89 25.96 1.01
CA THR C 177 41.52 24.89 0.10
C THR C 177 42.66 24.41 -0.79
N THR C 178 43.90 24.50 -0.34
CA THR C 178 45.00 24.05 -1.17
C THR C 178 45.48 22.65 -0.77
N ASN C 179 45.23 22.23 0.48
CA ASN C 179 45.60 20.93 1.05
C ASN C 179 47.13 20.76 0.99
N VAL C 180 47.78 21.51 1.87
CA VAL C 180 49.21 21.75 1.87
C VAL C 180 49.90 20.72 2.75
N GLN C 181 49.25 19.58 2.97
CA GLN C 181 49.95 18.48 3.63
C GLN C 181 50.47 17.44 2.64
N GLY C 182 49.77 17.18 1.53
CA GLY C 182 50.33 16.34 0.50
C GLY C 182 49.32 15.57 -0.32
N TRP C 183 49.74 15.08 -1.48
CA TRP C 183 48.91 14.21 -2.30
C TRP C 183 49.56 12.83 -2.36
N VAL C 184 48.74 11.82 -2.58
CA VAL C 184 49.22 10.48 -2.88
C VAL C 184 48.53 9.98 -4.13
N CYS C 185 49.33 9.53 -5.09
CA CYS C 185 48.85 9.18 -6.42
C CYS C 185 49.16 7.71 -6.64
N LEU C 186 48.21 6.95 -7.18
CA LEU C 186 48.51 5.59 -7.60
C LEU C 186 48.07 5.43 -9.04
N PHE C 187 48.91 4.82 -9.85
CA PHE C 187 48.71 4.69 -11.28
C PHE C 187 48.63 3.22 -11.63
N GLN C 188 48.36 2.94 -12.90
CA GLN C 188 48.72 1.67 -13.47
C GLN C 188 49.75 1.97 -14.55
N ILE C 189 50.71 1.07 -14.73
CA ILE C 189 51.69 1.30 -15.76
C ILE C 189 51.34 0.53 -17.01
N THR C 190 50.95 -0.74 -16.84
CA THR C 190 50.43 -1.55 -17.93
C THR C 190 49.54 -2.62 -17.35
N HIS C 191 48.85 -3.32 -18.24
CA HIS C 191 48.03 -4.45 -17.83
C HIS C 191 47.90 -5.41 -19.01
N GLY C 192 47.91 -6.69 -18.71
CA GLY C 192 47.68 -7.66 -19.75
C GLY C 192 46.37 -8.40 -19.56
N LYS C 193 45.38 -8.05 -20.39
CA LYS C 193 44.05 -8.67 -20.40
C LYS C 193 43.37 -8.52 -19.02
N ALA C 194 43.58 -7.37 -18.39
CA ALA C 194 43.02 -7.11 -17.07
C ALA C 194 41.86 -6.12 -17.12
N ASP C 195 41.10 -6.15 -18.20
CA ASP C 195 39.96 -5.26 -18.33
C ASP C 195 38.83 -5.67 -17.40
N GLY C 196 38.20 -4.68 -16.78
CA GLY C 196 37.10 -4.93 -15.86
C GLY C 196 37.48 -5.56 -14.54
N ASP C 197 38.76 -5.73 -14.27
CA ASP C 197 39.24 -6.39 -13.06
C ASP C 197 39.64 -5.35 -12.03
N ALA C 198 39.64 -5.76 -10.77
CA ALA C 198 39.63 -4.84 -9.66
C ALA C 198 40.94 -4.84 -8.89
N LEU C 199 41.11 -3.81 -8.07
CA LEU C 199 42.22 -3.69 -7.13
C LEU C 199 41.64 -3.12 -5.85
N VAL C 200 41.29 -3.97 -4.92
CA VAL C 200 40.70 -3.50 -3.68
C VAL C 200 41.81 -2.96 -2.79
N VAL C 201 41.59 -1.79 -2.20
CA VAL C 201 42.62 -1.14 -1.42
C VAL C 201 42.16 -1.07 0.03
N LEU C 202 43.12 -0.92 0.93
CA LEU C 202 42.84 -0.86 2.36
C LEU C 202 43.77 0.16 2.98
N ALA C 203 43.48 0.53 4.23
CA ALA C 203 44.36 1.44 4.96
C ALA C 203 44.44 1.02 6.41
N SER C 204 45.63 1.16 6.98
CA SER C 204 45.86 0.82 8.37
C SER C 204 46.75 1.88 9.00
N ALA C 205 46.78 1.88 10.33
CA ALA C 205 47.74 2.71 11.03
C ALA C 205 49.13 2.14 10.84
N GLY C 206 50.12 3.02 10.83
CA GLY C 206 51.49 2.62 10.60
C GLY C 206 52.13 2.07 11.85
N LYS C 207 53.43 1.80 11.73
CA LYS C 207 54.19 1.33 12.88
C LYS C 207 54.39 2.43 13.91
N ASP C 208 54.60 3.67 13.45
CA ASP C 208 54.87 4.80 14.33
C ASP C 208 53.81 5.88 14.21
N PHE C 209 52.55 5.48 14.09
CA PHE C 209 51.44 6.40 13.97
C PHE C 209 50.86 6.65 15.35
N GLU C 210 50.76 7.92 15.74
CA GLU C 210 50.22 8.20 17.06
C GLU C 210 49.46 9.52 17.01
N LEU C 211 48.27 9.54 17.61
CA LEU C 211 47.43 10.73 17.61
C LEU C 211 47.59 11.48 18.92
N ARG C 212 46.83 12.55 19.07
CA ARG C 212 47.18 13.60 20.02
C ARG C 212 46.01 14.55 20.20
N LEU C 213 45.80 15.03 21.44
CA LEU C 213 44.88 16.11 21.80
C LEU C 213 43.43 15.85 21.44
N PRO C 214 42.71 15.01 22.19
CA PRO C 214 41.34 14.66 21.81
C PRO C 214 40.36 15.81 21.97
N VAL C 215 39.49 15.98 20.97
CA VAL C 215 38.36 16.89 21.01
C VAL C 215 37.10 16.15 20.63
N ASP C 216 35.98 16.87 20.62
CA ASP C 216 34.69 16.28 20.29
C ASP C 216 34.24 16.62 18.89
N ALA C 217 34.22 15.62 18.01
CA ALA C 217 33.79 15.81 16.63
C ALA C 217 32.33 16.23 16.57
N ARG C 218 31.51 15.62 17.42
CA ARG C 218 30.08 15.90 17.52
C ARG C 218 29.34 15.74 16.18
N THR C 219 29.70 14.70 15.44
CA THR C 219 29.10 14.37 14.14
C THR C 219 29.14 15.52 13.12
N GLN C 220 30.26 16.24 13.10
CA GLN C 220 30.44 17.35 12.19
C GLN C 220 31.35 16.97 11.03
N SER D 15 47.26 4.17 34.48
CA SER D 15 46.36 3.93 35.60
C SER D 15 44.99 4.57 35.35
N GLY D 16 44.93 5.49 34.41
CA GLY D 16 43.68 6.16 34.10
C GLY D 16 43.91 7.64 33.80
N ASN D 17 42.99 8.48 34.25
CA ASN D 17 43.12 9.92 34.13
C ASN D 17 43.24 10.55 35.52
N THR D 18 43.99 9.91 36.40
CA THR D 18 44.30 10.48 37.70
C THR D 18 45.61 11.25 37.62
N GLY D 19 45.75 12.23 38.51
CA GLY D 19 46.93 13.07 38.49
C GLY D 19 47.40 13.45 39.88
N SER D 20 47.03 12.65 40.86
CA SER D 20 47.34 12.92 42.26
C SER D 20 48.45 11.99 42.71
N ILE D 21 49.45 12.57 43.38
CA ILE D 21 50.52 11.78 43.98
C ILE D 21 50.18 11.34 45.40
N ILE D 22 49.20 11.97 46.03
CA ILE D 22 48.79 11.56 47.36
C ILE D 22 47.97 10.28 47.29
N ASN D 23 47.94 9.55 48.40
CA ASN D 23 47.08 8.38 48.48
C ASN D 23 45.63 8.82 48.58
N ASN D 24 44.74 7.93 48.16
CA ASN D 24 43.31 8.20 48.20
C ASN D 24 42.83 8.25 49.64
N TYR D 25 41.73 8.95 49.88
CA TYR D 25 41.22 9.03 51.24
C TYR D 25 40.38 7.81 51.59
N TYR D 26 39.46 7.43 50.71
CA TYR D 26 38.61 6.26 50.91
C TYR D 26 39.35 5.05 50.38
N MET D 27 39.17 3.91 51.06
CA MET D 27 40.23 2.89 51.08
C MET D 27 40.59 2.26 49.74
N GLN D 28 39.83 1.27 49.29
CA GLN D 28 39.89 0.88 47.89
C GLN D 28 38.50 0.42 47.50
N GLN D 29 37.76 -0.02 48.51
CA GLN D 29 36.49 -0.68 48.34
C GLN D 29 35.31 0.22 48.62
N TYR D 30 35.55 1.41 49.15
CA TYR D 30 34.54 2.46 49.11
C TYR D 30 34.82 3.46 48.00
N GLN D 31 35.74 3.14 47.10
CA GLN D 31 36.04 3.99 45.97
C GLN D 31 35.62 3.36 44.65
N ASN D 32 36.08 2.15 44.38
CA ASN D 32 35.70 1.42 43.18
C ASN D 32 34.89 0.19 43.57
N SER D 33 34.57 -0.61 42.55
CA SER D 33 34.06 -1.95 42.76
C SER D 33 35.23 -2.92 42.67
N MET D 34 35.39 -3.76 43.69
CA MET D 34 36.52 -4.68 43.71
C MET D 34 36.34 -5.78 42.67
N ASP D 35 37.41 -6.07 41.95
CA ASP D 35 37.39 -7.13 40.94
C ASP D 35 37.77 -8.45 41.57
N THR D 36 37.24 -9.53 41.02
CA THR D 36 37.42 -10.87 41.55
C THR D 36 38.05 -11.74 40.46
N GLN D 37 39.15 -12.39 40.80
CA GLN D 37 39.79 -13.30 39.87
C GLN D 37 39.09 -14.66 39.91
N LEU D 38 39.32 -15.44 38.86
CA LEU D 38 38.78 -16.78 38.74
C LEU D 38 39.88 -17.72 38.29
N GLY D 39 39.94 -18.90 38.91
CA GLY D 39 40.94 -19.90 38.58
C GLY D 39 40.82 -21.17 39.39
N ASP D 66 45.62 -6.65 25.70
CA ASP D 66 45.91 -8.05 25.95
C ASP D 66 45.99 -8.83 24.66
N TRP D 67 44.88 -8.90 23.92
CA TRP D 67 44.89 -9.61 22.65
C TRP D 67 45.46 -8.76 21.53
N PHE D 68 44.85 -7.61 21.27
CA PHE D 68 45.26 -6.78 20.14
C PHE D 68 46.62 -6.14 20.32
N SER D 69 47.18 -6.12 21.53
CA SER D 69 48.58 -5.74 21.65
C SER D 69 49.48 -6.88 21.23
N LYS D 70 49.04 -8.14 21.41
CA LYS D 70 49.79 -9.26 20.88
C LYS D 70 49.56 -9.43 19.40
N LEU D 71 48.41 -8.99 18.90
CA LEU D 71 48.13 -9.14 17.48
C LEU D 71 48.89 -8.10 16.67
N ALA D 72 49.01 -6.88 17.18
CA ALA D 72 49.68 -5.82 16.44
C ALA D 72 51.19 -5.93 16.54
N SER D 73 51.70 -6.71 17.49
CA SER D 73 53.14 -6.86 17.64
C SER D 73 53.68 -8.08 16.91
N SER D 74 52.82 -8.95 16.41
CA SER D 74 53.25 -10.07 15.57
C SER D 74 53.15 -9.74 14.09
N ALA D 75 53.26 -8.47 13.73
CA ALA D 75 53.08 -8.06 12.35
C ALA D 75 54.32 -8.38 11.53
N PHE D 76 54.11 -8.98 10.36
CA PHE D 76 55.22 -9.25 9.47
C PHE D 76 55.73 -7.97 8.83
N SER D 77 57.04 -7.92 8.62
CA SER D 77 57.69 -6.75 8.05
C SER D 77 58.79 -7.23 7.10
N GLY D 78 59.66 -6.30 6.72
CA GLY D 78 60.73 -6.63 5.80
C GLY D 78 60.22 -6.83 4.39
N LEU D 79 60.64 -7.91 3.75
CA LEU D 79 60.21 -8.23 2.40
C LEU D 79 59.67 -9.65 2.38
N PHE D 80 59.43 -10.15 1.16
CA PHE D 80 59.06 -11.55 0.97
C PHE D 80 60.08 -12.31 0.13
N GLY D 81 60.83 -11.60 -0.73
CA GLY D 81 61.84 -12.21 -1.55
C GLY D 81 63.21 -11.61 -1.33
N ALA D 82 64.15 -12.06 -2.16
CA ALA D 82 65.54 -11.66 -2.03
C ALA D 82 65.70 -10.21 -2.48
N LEU D 83 66.05 -9.33 -1.55
CA LEU D 83 66.15 -7.92 -1.85
C LEU D 83 67.55 -7.55 -2.31
N LEU D 84 67.66 -6.37 -2.92
CA LEU D 84 68.93 -5.78 -3.30
C LEU D 84 69.08 -4.43 -2.62
N ALA D 85 70.24 -3.82 -2.81
CA ALA D 85 70.53 -2.52 -2.22
C ALA D 85 70.31 -1.41 -3.22
N PHE E 1 -46.71 8.68 2.65
CA PHE E 1 -47.42 8.68 1.38
C PHE E 1 -48.22 9.97 1.19
N ASN E 2 -47.87 10.99 1.96
CA ASN E 2 -48.57 12.27 1.95
C ASN E 2 -47.60 13.43 1.91
N LEU E 3 -46.46 13.26 1.25
CA LEU E 3 -45.48 14.33 1.14
C LEU E 3 -45.91 15.34 0.08
N ASP E 4 -45.78 16.62 0.40
CA ASP E 4 -46.19 17.70 -0.50
C ASP E 4 -45.09 17.92 -1.53
N VAL E 5 -45.22 17.23 -2.67
CA VAL E 5 -44.24 17.36 -3.74
C VAL E 5 -44.58 18.51 -4.70
N ASP E 6 -45.82 18.97 -4.72
CA ASP E 6 -46.24 20.05 -5.62
C ASP E 6 -45.49 21.34 -5.32
N SER E 7 -45.76 21.94 -4.16
CA SER E 7 -45.11 23.18 -3.74
C SER E 7 -44.52 22.99 -2.35
N PRO E 8 -43.36 22.35 -2.26
CA PRO E 8 -42.72 22.14 -0.96
C PRO E 8 -42.05 23.42 -0.47
N ALA E 9 -41.45 23.32 0.72
CA ALA E 9 -40.76 24.45 1.34
C ALA E 9 -39.31 24.43 0.85
N GLU E 10 -38.99 25.29 -0.11
CA GLU E 10 -37.66 25.33 -0.68
C GLU E 10 -36.70 26.08 0.23
N TYR E 11 -35.50 25.53 0.42
CA TYR E 11 -34.46 26.15 1.23
C TYR E 11 -33.14 26.09 0.47
N SER E 12 -32.49 27.24 0.31
CA SER E 12 -31.22 27.34 -0.39
C SER E 12 -30.17 27.89 0.57
N GLY E 13 -28.93 27.96 0.07
CA GLY E 13 -27.83 28.45 0.85
C GLY E 13 -26.71 29.03 -0.01
N PRO E 14 -25.56 29.27 0.61
CA PRO E 14 -24.43 29.81 -0.17
C PRO E 14 -23.92 28.81 -1.19
N GLU E 15 -23.24 29.34 -2.20
CA GLU E 15 -22.69 28.52 -3.27
C GLU E 15 -21.47 27.75 -2.78
N GLY E 16 -21.38 26.48 -3.14
CA GLY E 16 -20.25 25.65 -2.74
C GLY E 16 -20.16 25.42 -1.25
N SER E 17 -21.29 25.48 -0.54
CA SER E 17 -21.32 25.30 0.90
C SER E 17 -21.97 24.00 1.34
N TYR E 18 -22.50 23.21 0.40
CA TYR E 18 -23.15 21.94 0.69
C TYR E 18 -24.30 22.14 1.68
N PHE E 19 -25.23 23.01 1.29
CA PHE E 19 -26.39 23.33 2.13
C PHE E 19 -27.36 22.17 2.17
N GLY E 20 -27.26 21.32 3.18
CA GLY E 20 -28.15 20.18 3.31
C GLY E 20 -27.43 18.88 3.66
N PHE E 21 -26.39 18.98 4.48
CA PHE E 21 -25.64 17.80 4.90
C PHE E 21 -26.05 17.29 6.26
N ALA E 22 -26.57 18.16 7.13
CA ALA E 22 -27.03 17.75 8.45
C ALA E 22 -28.18 18.65 8.86
N VAL E 23 -29.39 18.10 8.87
CA VAL E 23 -30.59 18.86 9.22
C VAL E 23 -31.26 18.20 10.43
N ASP E 24 -32.04 18.99 11.13
CA ASP E 24 -32.77 18.50 12.30
C ASP E 24 -33.87 19.50 12.65
N PHE E 25 -34.88 19.02 13.37
CA PHE E 25 -35.98 19.86 13.81
C PHE E 25 -35.59 20.61 15.08
N PHE E 26 -36.33 21.68 15.36
CA PHE E 26 -36.13 22.46 16.57
C PHE E 26 -37.42 23.15 16.95
N VAL E 27 -37.79 23.06 18.24
CA VAL E 27 -39.01 23.67 18.75
C VAL E 27 -38.64 24.48 20.00
N PRO E 28 -38.94 25.78 20.04
CA PRO E 28 -38.63 26.56 21.25
C PRO E 28 -39.60 26.28 22.38
N SER E 29 -39.48 25.12 23.01
CA SER E 29 -40.36 24.74 24.10
C SER E 29 -40.00 25.49 25.39
N SER E 30 -47.58 27.23 18.26
CA SER E 30 -46.26 27.76 18.60
C SER E 30 -45.43 28.01 17.35
N ARG E 31 -44.12 28.07 17.51
CA ARG E 31 -43.19 28.30 16.42
C ARG E 31 -42.29 27.09 16.23
N MET E 32 -41.68 27.01 15.05
CA MET E 32 -40.77 25.92 14.72
C MET E 32 -39.57 26.50 13.99
N PHE E 33 -38.46 25.76 14.05
CA PHE E 33 -37.21 26.17 13.42
C PHE E 33 -36.49 24.96 12.86
N LEU E 34 -35.89 25.14 11.68
CA LEU E 34 -35.13 24.09 11.01
C LEU E 34 -33.64 24.33 11.22
N LEU E 35 -32.88 23.23 11.27
CA LEU E 35 -31.44 23.27 11.50
C LEU E 35 -30.76 22.62 10.29
N VAL E 36 -30.21 23.45 9.41
CA VAL E 36 -29.50 22.99 8.22
C VAL E 36 -28.06 23.47 8.33
N GLY E 37 -27.14 22.54 8.54
CA GLY E 37 -25.73 22.89 8.72
C GLY E 37 -24.97 22.83 7.41
N ALA E 38 -24.28 23.92 7.10
CA ALA E 38 -23.46 23.98 5.89
C ALA E 38 -22.00 23.84 6.30
N PRO E 39 -21.31 22.76 5.90
CA PRO E 39 -19.92 22.58 6.34
C PRO E 39 -18.90 23.45 5.64
N LYS E 40 -19.21 23.97 4.46
CA LYS E 40 -18.28 24.78 3.68
C LYS E 40 -18.85 26.17 3.42
N ALA E 41 -19.46 26.78 4.43
CA ALA E 41 -20.02 28.11 4.32
C ALA E 41 -19.08 29.14 4.94
N ASN E 42 -19.31 30.40 4.59
CA ASN E 42 -18.48 31.49 5.10
C ASN E 42 -18.73 31.68 6.59
N THR E 43 -17.65 31.79 7.36
CA THR E 43 -17.73 31.95 8.80
C THR E 43 -17.41 33.40 9.18
N THR E 44 -17.83 33.77 10.40
CA THR E 44 -17.59 35.11 10.91
C THR E 44 -16.21 35.27 11.52
N GLN E 45 -15.44 34.20 11.65
CA GLN E 45 -14.11 34.29 12.22
C GLN E 45 -13.13 34.83 11.18
N PRO E 46 -12.34 35.85 11.51
CA PRO E 46 -11.41 36.40 10.52
C PRO E 46 -10.31 35.41 10.16
N GLY E 47 -9.94 35.41 8.89
CA GLY E 47 -8.89 34.53 8.42
C GLY E 47 -9.29 33.09 8.21
N ILE E 48 -10.56 32.75 8.41
CA ILE E 48 -11.05 31.38 8.25
C ILE E 48 -12.27 31.42 7.34
N VAL E 49 -12.17 30.76 6.19
CA VAL E 49 -13.26 30.69 5.23
C VAL E 49 -13.61 29.23 4.99
N GLU E 50 -14.87 29.01 4.59
CA GLU E 50 -15.39 27.66 4.31
C GLU E 50 -15.22 26.74 5.53
N GLY E 51 -15.53 27.27 6.71
CA GLY E 51 -15.41 26.50 7.93
C GLY E 51 -16.66 25.73 8.28
N GLY E 52 -17.81 26.38 8.18
CA GLY E 52 -19.08 25.73 8.48
C GLY E 52 -19.92 26.55 9.45
N GLN E 53 -21.23 26.37 9.36
CA GLN E 53 -22.16 27.09 10.23
C GLN E 53 -23.47 26.31 10.28
N VAL E 54 -24.35 26.74 11.18
CA VAL E 54 -25.64 26.10 11.40
C VAL E 54 -26.71 27.13 11.05
N LEU E 55 -27.26 27.03 9.85
CA LEU E 55 -28.31 27.94 9.41
C LEU E 55 -29.65 27.47 9.96
N LYS E 56 -30.32 28.33 10.71
CA LYS E 56 -31.63 28.03 11.27
C LYS E 56 -32.69 28.66 10.37
N CYS E 57 -33.41 27.82 9.63
CA CYS E 57 -34.43 28.28 8.69
C CYS E 57 -35.77 28.43 9.40
N ASP E 58 -36.35 29.62 9.31
CA ASP E 58 -37.64 29.91 9.92
C ASP E 58 -38.74 29.55 8.94
N TRP E 59 -39.60 28.61 9.34
CA TRP E 59 -40.69 28.15 8.49
C TRP E 59 -41.97 28.95 8.70
N SER E 60 -42.16 29.53 9.88
CA SER E 60 -43.36 30.31 10.15
C SER E 60 -43.36 31.58 9.32
N SER E 61 -44.57 31.98 8.90
CA SER E 61 -44.77 33.17 8.07
C SER E 61 -43.96 33.07 6.78
N THR E 62 -42.70 33.50 6.84
CA THR E 62 -41.80 33.46 5.69
C THR E 62 -40.55 32.67 6.06
N ARG E 63 -40.00 31.97 5.06
CA ARG E 63 -38.79 31.18 5.24
C ARG E 63 -37.61 32.12 5.47
N ARG E 64 -37.11 32.18 6.70
CA ARG E 64 -36.03 33.09 7.08
C ARG E 64 -34.88 32.27 7.63
N CYS E 65 -33.98 31.84 6.75
CA CYS E 65 -32.79 31.09 7.17
C CYS E 65 -31.72 32.05 7.66
N GLN E 66 -31.28 31.86 8.90
CA GLN E 66 -30.30 32.73 9.52
C GLN E 66 -29.04 31.93 9.84
N PRO E 67 -27.87 32.30 9.27
CA PRO E 67 -26.64 31.61 9.65
C PRO E 67 -26.26 31.83 11.10
N ILE E 68 -26.20 30.76 11.88
CA ILE E 68 -25.94 30.83 13.31
C ILE E 68 -24.70 30.01 13.62
N GLU E 69 -23.79 30.59 14.42
CA GLU E 69 -22.61 29.90 14.90
C GLU E 69 -22.53 30.10 16.41
N PHE E 70 -22.44 28.99 17.15
CA PHE E 70 -22.41 29.05 18.61
C PHE E 70 -21.08 29.59 19.11
N ASP E 71 -20.15 28.70 19.43
CA ASP E 71 -18.83 29.10 19.92
C ASP E 71 -18.01 29.58 18.73
N ALA E 72 -18.10 30.88 18.45
CA ALA E 72 -17.39 31.51 17.35
C ALA E 72 -16.02 32.03 17.75
N THR E 73 -15.31 31.32 18.61
CA THR E 73 -13.99 31.77 19.05
C THR E 73 -12.96 31.48 17.96
N GLY E 74 -11.94 32.33 17.89
CA GLY E 74 -10.89 32.17 16.90
C GLY E 74 -9.92 31.06 17.28
N ASN E 75 -8.84 31.00 16.51
CA ASN E 75 -7.81 29.99 16.73
C ASN E 75 -7.06 30.30 18.03
N ARG E 76 -7.23 29.44 19.03
CA ARG E 76 -6.57 29.64 20.31
C ARG E 76 -5.10 29.26 20.21
N ASP E 77 -4.36 29.56 21.28
CA ASP E 77 -2.93 29.28 21.35
C ASP E 77 -2.63 28.50 22.62
N TYR E 78 -1.43 27.94 22.68
CA TYR E 78 -1.00 27.16 23.84
C TYR E 78 0.43 27.52 24.21
N ALA E 79 1.38 27.25 23.31
CA ALA E 79 2.78 27.55 23.56
C ALA E 79 3.08 29.00 23.23
N LYS E 80 3.68 29.24 22.06
CA LYS E 80 4.01 30.59 21.63
C LYS E 80 4.12 30.61 20.11
N ASP E 81 3.40 31.53 19.48
CA ASP E 81 3.41 31.68 18.01
C ASP E 81 3.01 30.38 17.32
N ASP E 82 1.97 29.73 17.83
CA ASP E 82 1.49 28.48 17.26
C ASP E 82 0.01 28.30 17.57
N PRO E 83 -0.86 28.26 16.56
CA PRO E 83 -2.29 28.09 16.82
C PRO E 83 -2.59 26.73 17.42
N LEU E 84 -3.35 26.73 18.52
CA LEU E 84 -3.70 25.47 19.18
C LEU E 84 -4.73 24.69 18.35
N GLU E 85 -5.66 25.40 17.72
CA GLU E 85 -6.70 24.76 16.92
C GLU E 85 -6.72 25.38 15.54
N PHE E 86 -7.07 24.58 14.54
CA PHE E 86 -7.15 24.98 13.15
C PHE E 86 -8.57 24.77 12.66
N LYS E 87 -9.39 25.81 12.77
CA LYS E 87 -10.78 25.75 12.32
C LYS E 87 -10.94 26.01 10.83
N SER E 88 -9.85 26.14 10.09
CA SER E 88 -9.94 26.37 8.65
C SER E 88 -10.37 25.08 7.95
N HIS E 89 -11.50 25.16 7.23
CA HIS E 89 -12.06 24.00 6.53
C HIS E 89 -12.33 22.85 7.50
N GLN E 90 -12.94 23.18 8.64
CA GLN E 90 -13.24 22.19 9.67
C GLN E 90 -14.51 21.41 9.39
N TRP E 91 -15.26 21.77 8.36
CA TRP E 91 -16.51 21.09 7.99
C TRP E 91 -17.49 21.07 9.17
N PHE E 92 -17.70 22.24 9.76
CA PHE E 92 -18.61 22.38 10.90
C PHE E 92 -20.04 22.28 10.40
N GLY E 93 -20.62 21.09 10.54
CA GLY E 93 -21.98 20.85 10.08
C GLY E 93 -22.18 19.47 9.52
N ALA E 94 -21.41 18.49 10.01
CA ALA E 94 -21.53 17.12 9.55
C ALA E 94 -22.56 16.31 10.34
N SER E 95 -22.81 16.68 11.59
CA SER E 95 -23.79 15.97 12.41
C SER E 95 -24.35 16.96 13.42
N VAL E 96 -25.60 17.36 13.22
CA VAL E 96 -26.29 18.31 14.10
C VAL E 96 -27.55 17.61 14.59
N ARG E 97 -27.47 16.98 15.76
CA ARG E 97 -28.61 16.31 16.38
C ARG E 97 -29.18 17.21 17.47
N SER E 98 -30.50 17.42 17.43
CA SER E 98 -31.17 18.30 18.38
C SER E 98 -32.24 17.52 19.13
N LYS E 99 -32.65 18.08 20.28
CA LYS E 99 -33.69 17.48 21.09
C LYS E 99 -34.43 18.59 21.82
N GLN E 100 -35.67 18.86 21.38
CA GLN E 100 -36.51 19.90 21.96
C GLN E 100 -35.82 21.26 21.91
N ASP E 101 -35.11 21.63 22.98
CA ASP E 101 -34.44 22.91 23.05
C ASP E 101 -32.92 22.82 22.86
N LYS E 102 -32.33 21.65 23.07
CA LYS E 102 -30.89 21.48 22.94
C LYS E 102 -30.52 21.29 21.48
N ILE E 103 -29.49 22.00 21.04
CA ILE E 103 -28.99 21.93 19.67
C ILE E 103 -27.55 21.44 19.72
N LEU E 104 -27.33 20.20 19.30
CA LEU E 104 -26.01 19.57 19.31
C LEU E 104 -25.42 19.71 17.91
N ALA E 105 -24.58 20.73 17.71
CA ALA E 105 -23.93 20.99 16.43
C ALA E 105 -22.49 20.46 16.52
N CYS E 106 -22.31 19.19 16.17
CA CYS E 106 -21.02 18.55 16.25
C CYS E 106 -20.19 18.84 15.00
N ALA E 107 -18.91 18.47 15.06
CA ALA E 107 -17.97 18.67 13.97
C ALA E 107 -16.81 17.67 14.13
N PRO E 108 -16.85 16.55 13.41
CA PRO E 108 -15.76 15.57 13.56
C PRO E 108 -14.44 16.05 12.97
N LEU E 109 -14.47 16.84 11.90
CA LEU E 109 -13.25 17.29 11.24
C LEU E 109 -12.63 18.53 11.87
N TYR E 110 -12.69 18.63 13.20
CA TYR E 110 -12.07 19.74 13.93
C TYR E 110 -10.67 19.33 14.35
N HIS E 111 -9.67 20.03 13.85
CA HIS E 111 -8.28 19.72 14.12
C HIS E 111 -7.82 20.36 15.42
N TRP E 112 -6.84 19.72 16.05
CA TRP E 112 -6.30 20.19 17.33
C TRP E 112 -4.92 19.60 17.50
N ARG E 113 -3.92 20.45 17.73
CA ARG E 113 -2.54 20.00 17.84
C ARG E 113 -2.31 19.29 19.17
N THR E 114 -1.16 18.63 19.26
CA THR E 114 -0.78 17.93 20.48
C THR E 114 -0.18 18.90 21.49
N GLU E 115 -0.50 18.67 22.78
CA GLU E 115 0.00 19.53 23.84
C GLU E 115 1.51 19.40 24.05
N MET E 116 2.15 18.40 23.45
CA MET E 116 3.58 18.20 23.60
C MET E 116 4.38 18.39 22.31
N LYS E 117 3.72 18.44 21.15
CA LYS E 117 4.42 18.63 19.89
C LYS E 117 3.48 19.30 18.90
N GLN E 118 4.07 20.05 17.98
CA GLN E 118 3.31 20.80 16.97
C GLN E 118 2.83 19.82 15.91
N GLU E 119 1.55 19.45 15.97
CA GLU E 119 0.95 18.54 15.00
C GLU E 119 -0.40 19.11 14.59
N ARG E 120 -1.28 18.23 14.11
CA ARG E 120 -2.63 18.64 13.69
C ARG E 120 -3.55 17.42 13.70
N GLU E 121 -4.13 17.11 14.87
CA GLU E 121 -4.94 15.92 15.03
C GLU E 121 -6.41 16.28 14.93
N PRO E 122 -7.15 15.74 13.95
CA PRO E 122 -8.59 16.01 13.89
C PRO E 122 -9.36 15.29 14.99
N VAL E 123 -9.58 15.97 16.11
CA VAL E 123 -10.25 15.35 17.25
C VAL E 123 -11.75 15.59 17.28
N GLY E 124 -12.24 16.61 16.57
CA GLY E 124 -13.66 16.89 16.54
C GLY E 124 -14.18 17.55 17.81
N THR E 125 -15.14 18.46 17.66
CA THR E 125 -15.73 19.12 18.81
C THR E 125 -17.19 19.44 18.50
N CYS E 126 -18.00 19.48 19.56
CA CYS E 126 -19.43 19.73 19.43
C CYS E 126 -19.79 21.02 20.16
N PHE E 127 -20.80 21.72 19.64
CA PHE E 127 -21.32 22.93 20.25
C PHE E 127 -22.79 22.67 20.61
N LEU E 128 -23.06 22.53 21.91
CA LEU E 128 -24.39 22.21 22.39
C LEU E 128 -25.06 23.44 22.96
N GLN E 129 -26.35 23.61 22.65
CA GLN E 129 -27.16 24.72 23.15
C GLN E 129 -28.28 24.13 23.99
N ASP E 130 -28.14 24.22 25.31
CA ASP E 130 -29.15 23.72 26.25
C ASP E 130 -30.12 24.87 26.53
N GLY E 131 -31.26 24.85 25.85
CA GLY E 131 -32.26 25.89 26.02
C GLY E 131 -31.77 27.26 25.60
N THR E 132 -31.15 27.98 26.53
CA THR E 132 -30.59 29.30 26.26
C THR E 132 -29.11 29.39 26.60
N LYS E 133 -28.48 28.27 26.97
CA LYS E 133 -27.07 28.25 27.33
C LYS E 133 -26.24 27.67 26.18
N THR E 134 -25.10 28.31 25.91
CA THR E 134 -24.19 27.89 24.86
C THR E 134 -22.96 27.27 25.49
N VAL E 135 -22.83 25.95 25.36
CA VAL E 135 -21.71 25.20 25.91
C VAL E 135 -21.04 24.40 24.80
N GLU E 136 -19.87 23.85 25.10
CA GLU E 136 -19.10 23.06 24.16
C GLU E 136 -18.88 21.67 24.76
N TYR E 137 -19.20 20.64 23.98
CA TYR E 137 -19.05 19.25 24.39
C TYR E 137 -18.07 18.56 23.44
N ALA E 138 -16.94 18.13 23.98
CA ALA E 138 -15.92 17.43 23.19
C ALA E 138 -15.21 16.43 24.08
N PRO E 139 -15.74 15.21 24.18
CA PRO E 139 -15.09 14.21 25.04
C PRO E 139 -13.78 13.69 24.49
N CYS E 140 -13.60 13.72 23.16
CA CYS E 140 -12.36 13.25 22.54
C CYS E 140 -11.35 14.39 22.43
N ARG E 141 -11.06 15.00 23.58
CA ARG E 141 -10.09 16.10 23.63
C ARG E 141 -9.60 16.20 25.08
N SER E 142 -8.56 15.43 25.40
CA SER E 142 -8.01 15.43 26.75
C SER E 142 -6.57 14.92 26.73
N GLN E 143 -6.26 13.95 27.60
CA GLN E 143 -4.91 13.41 27.66
C GLN E 143 -4.60 12.53 26.45
N ASP E 144 -5.61 11.85 25.91
CA ASP E 144 -5.39 10.99 24.75
C ASP E 144 -5.03 11.83 23.53
N ILE E 145 -4.00 11.39 22.81
CA ILE E 145 -3.49 12.14 21.66
C ILE E 145 -3.47 11.24 20.42
N ASP E 146 -2.50 11.47 19.55
CA ASP E 146 -2.40 10.71 18.31
C ASP E 146 -2.03 9.26 18.59
N ALA E 147 -2.25 8.41 17.57
CA ALA E 147 -1.92 6.99 17.64
C ALA E 147 -2.63 6.30 18.81
N ASP E 148 -1.89 5.99 19.86
CA ASP E 148 -2.45 5.32 21.04
C ASP E 148 -3.23 6.31 21.91
N GLY E 149 -4.33 6.80 21.35
CA GLY E 149 -5.17 7.76 22.05
C GLY E 149 -6.44 8.09 21.29
N GLN E 150 -6.79 9.38 21.25
CA GLN E 150 -7.99 9.85 20.58
C GLN E 150 -7.67 11.01 19.65
N GLY E 151 -6.53 10.92 18.96
CA GLY E 151 -6.15 11.97 18.02
C GLY E 151 -7.03 11.96 16.77
N PHE E 152 -7.23 10.80 16.18
CA PHE E 152 -8.10 10.63 15.02
C PHE E 152 -9.51 10.20 15.40
N CYS E 153 -9.92 10.42 16.65
CA CYS E 153 -11.23 9.99 17.10
C CYS E 153 -12.35 10.71 16.36
N GLN E 154 -12.18 12.02 16.12
CA GLN E 154 -13.18 12.85 15.47
C GLN E 154 -14.52 12.78 16.23
N GLY E 155 -14.49 13.30 17.44
CA GLY E 155 -15.64 13.28 18.32
C GLY E 155 -16.82 14.08 17.79
N GLY E 156 -17.91 13.40 17.49
CA GLY E 156 -19.10 14.06 17.00
C GLY E 156 -19.57 13.52 15.66
N PHE E 157 -19.25 12.26 15.38
CA PHE E 157 -19.66 11.63 14.12
C PHE E 157 -21.06 11.05 14.24
N SER E 158 -21.21 10.00 15.05
CA SER E 158 -22.50 9.35 15.25
C SER E 158 -23.05 9.79 16.61
N ILE E 159 -23.94 10.77 16.59
CA ILE E 159 -24.51 11.34 17.80
C ILE E 159 -26.01 11.07 17.83
N ASP E 160 -26.55 10.98 19.04
CA ASP E 160 -27.98 10.76 19.23
C ASP E 160 -28.33 11.10 20.67
N PHE E 161 -29.61 11.38 20.89
CA PHE E 161 -30.12 11.71 22.22
C PHE E 161 -31.06 10.61 22.71
N THR E 162 -31.01 10.34 24.01
CA THR E 162 -31.84 9.34 24.64
C THR E 162 -33.04 10.01 25.32
N LYS E 163 -33.61 9.33 26.31
CA LYS E 163 -34.74 9.86 27.05
C LYS E 163 -34.36 10.38 28.43
N ALA E 164 -33.20 9.99 28.96
CA ALA E 164 -32.74 10.44 30.26
C ALA E 164 -31.74 11.59 30.16
N ASP E 165 -31.82 12.37 29.08
CA ASP E 165 -30.93 13.52 28.86
C ASP E 165 -29.47 13.09 28.88
N ARG E 166 -29.13 12.13 28.01
CA ARG E 166 -27.78 11.61 27.88
C ARG E 166 -27.31 11.80 26.45
N VAL E 167 -26.26 12.60 26.27
CA VAL E 167 -25.70 12.86 24.95
C VAL E 167 -24.87 11.65 24.53
N LEU E 168 -25.24 11.06 23.40
CA LEU E 168 -24.54 9.88 22.87
C LEU E 168 -23.65 10.31 21.70
N LEU E 169 -22.35 10.22 21.90
CA LEU E 169 -21.36 10.56 20.89
C LEU E 169 -20.61 9.30 20.46
N GLY E 170 -20.23 9.25 19.19
CA GLY E 170 -19.53 8.08 18.67
C GLY E 170 -18.54 8.42 17.57
N GLY E 171 -17.27 8.10 17.81
CA GLY E 171 -16.23 8.34 16.85
C GLY E 171 -15.61 7.05 16.33
N PRO E 172 -15.67 6.84 15.02
CA PRO E 172 -15.14 5.58 14.45
C PRO E 172 -13.62 5.52 14.46
N GLY E 173 -12.94 6.66 14.38
CA GLY E 173 -11.50 6.66 14.27
C GLY E 173 -10.76 6.70 15.60
N SER E 174 -11.42 6.25 16.67
CA SER E 174 -10.81 6.27 17.99
C SER E 174 -9.85 5.10 18.15
N PHE E 175 -8.62 5.39 18.58
CA PHE E 175 -7.60 4.39 18.84
C PHE E 175 -7.32 3.52 17.62
N TYR E 176 -6.52 4.05 16.68
CA TYR E 176 -6.15 3.33 15.47
C TYR E 176 -7.39 2.89 14.67
N TRP E 177 -8.30 3.84 14.46
CA TRP E 177 -9.50 3.65 13.65
C TRP E 177 -10.39 2.53 14.20
N GLN E 178 -10.33 2.28 15.51
CA GLN E 178 -11.22 1.29 16.12
C GLN E 178 -12.60 1.91 16.36
N GLY E 179 -12.70 2.83 17.32
CA GLY E 179 -13.94 3.51 17.61
C GLY E 179 -14.24 3.57 19.09
N GLN E 180 -15.01 4.57 19.48
CA GLN E 180 -15.39 4.76 20.88
C GLN E 180 -16.67 5.57 20.94
N LEU E 181 -17.62 5.14 21.77
CA LEU E 181 -18.91 5.81 21.92
C LEU E 181 -18.99 6.35 23.35
N ILE E 182 -18.72 7.65 23.50
CA ILE E 182 -18.76 8.31 24.80
C ILE E 182 -20.10 9.01 24.94
N SER E 183 -20.84 8.69 26.00
CA SER E 183 -22.14 9.28 26.27
C SER E 183 -22.09 9.96 27.63
N ASP E 184 -22.34 11.26 27.66
CA ASP E 184 -22.30 12.05 28.88
C ASP E 184 -23.57 12.88 29.00
N GLN E 185 -24.08 12.99 30.23
CA GLN E 185 -25.28 13.78 30.47
C GLN E 185 -25.00 15.26 30.31
N VAL E 186 -26.07 16.03 30.10
CA VAL E 186 -25.94 17.47 29.89
C VAL E 186 -25.54 18.20 31.17
N ALA E 187 -25.75 17.58 32.33
CA ALA E 187 -25.35 18.21 33.59
C ALA E 187 -23.84 18.38 33.67
N GLU E 188 -23.10 17.33 33.28
CA GLU E 188 -21.64 17.43 33.26
C GLU E 188 -21.14 18.32 32.13
N ILE E 189 -21.95 18.55 31.10
CA ILE E 189 -21.54 19.41 30.00
C ILE E 189 -21.72 20.88 30.39
N VAL E 190 -22.82 21.21 31.06
CA VAL E 190 -23.07 22.59 31.44
C VAL E 190 -22.43 22.95 32.78
N SER E 191 -22.03 21.96 33.58
CA SER E 191 -21.45 22.21 34.89
C SER E 191 -20.01 21.74 35.02
N LYS E 192 -19.50 20.95 34.07
CA LYS E 192 -18.14 20.43 34.14
C LYS E 192 -17.22 20.95 33.05
N TYR E 193 -17.72 21.76 32.11
CA TYR E 193 -16.88 22.29 31.04
C TYR E 193 -16.31 23.65 31.43
N ASP E 194 -15.08 23.90 30.99
CA ASP E 194 -14.40 25.16 31.26
C ASP E 194 -13.60 25.58 30.03
N PRO E 195 -13.84 26.78 29.49
CA PRO E 195 -13.08 27.21 28.31
C PRO E 195 -11.60 27.43 28.57
N ASN E 196 -11.19 27.57 29.83
CA ASN E 196 -9.77 27.76 30.13
C ASN E 196 -9.02 26.43 30.17
N VAL E 197 -9.71 25.33 30.43
CA VAL E 197 -9.09 24.01 30.47
C VAL E 197 -9.16 23.38 29.08
N TYR E 198 -8.01 22.94 28.58
CA TYR E 198 -7.95 22.32 27.26
C TYR E 198 -8.16 20.81 27.30
N SER E 199 -7.87 20.17 28.43
CA SER E 199 -8.05 18.73 28.59
C SER E 199 -9.38 18.48 29.28
N ILE E 200 -10.44 18.42 28.47
CA ILE E 200 -11.78 18.21 28.99
C ILE E 200 -11.98 16.73 29.28
N LYS E 201 -12.27 16.41 30.53
CA LYS E 201 -12.50 15.03 30.95
C LYS E 201 -13.67 15.00 31.92
N TYR E 202 -14.72 14.26 31.58
CA TYR E 202 -15.90 14.17 32.40
C TYR E 202 -15.78 13.02 33.40
N ASN E 203 -16.66 13.04 34.41
CA ASN E 203 -16.65 12.03 35.45
C ASN E 203 -17.24 10.73 34.93
N ASN E 204 -18.58 10.66 34.83
CA ASN E 204 -19.28 9.48 34.35
C ASN E 204 -19.05 9.34 32.85
N GLN E 205 -17.92 8.74 32.49
CA GLN E 205 -17.54 8.53 31.10
C GLN E 205 -17.71 7.03 30.79
N LEU E 206 -18.89 6.68 30.29
CA LEU E 206 -19.21 5.30 29.93
C LEU E 206 -18.91 5.10 28.45
N ALA E 207 -17.87 4.35 28.15
CA ALA E 207 -17.46 4.08 26.78
C ALA E 207 -16.67 2.78 26.76
N THR E 208 -16.13 2.44 25.59
CA THR E 208 -15.34 1.23 25.39
C THR E 208 -13.92 1.62 25.00
N ARG E 209 -12.94 1.01 25.66
CA ARG E 209 -11.54 1.30 25.39
C ARG E 209 -10.99 0.40 24.29
N THR E 210 -9.70 0.13 24.32
CA THR E 210 -9.07 -0.72 23.33
C THR E 210 -9.42 -2.18 23.58
N ALA E 211 -9.19 -3.01 22.56
CA ALA E 211 -9.48 -4.43 22.65
C ALA E 211 -8.30 -5.26 22.17
N GLN E 212 -8.55 -6.26 21.33
CA GLN E 212 -7.50 -7.12 20.81
C GLN E 212 -6.89 -6.53 19.54
N ALA E 213 -6.49 -7.39 18.61
CA ALA E 213 -5.87 -6.96 17.36
C ALA E 213 -6.79 -7.01 16.16
N ILE E 214 -7.81 -7.89 16.17
CA ILE E 214 -8.73 -8.00 15.05
C ILE E 214 -9.74 -6.86 14.99
N PHE E 215 -9.86 -6.08 16.06
CA PHE E 215 -10.78 -4.96 16.06
C PHE E 215 -10.18 -3.69 15.48
N ASP E 216 -8.94 -3.72 15.01
CA ASP E 216 -8.31 -2.55 14.43
C ASP E 216 -8.94 -2.22 13.07
N ASP E 217 -9.12 -0.92 12.82
CA ASP E 217 -9.73 -0.43 11.58
C ASP E 217 -11.11 -1.05 11.37
N SER E 218 -11.97 -0.88 12.38
CA SER E 218 -13.31 -1.44 12.36
C SER E 218 -14.41 -0.38 12.38
N TYR E 219 -14.11 0.86 12.76
CA TYR E 219 -15.09 1.95 12.84
C TYR E 219 -16.23 1.58 13.80
N LEU E 220 -15.86 1.37 15.06
CA LEU E 220 -16.82 1.03 16.11
C LEU E 220 -17.63 2.28 16.45
N GLY E 221 -18.84 2.36 15.91
CA GLY E 221 -19.70 3.49 16.17
C GLY E 221 -19.96 4.36 14.95
N TYR E 222 -20.16 3.72 13.80
CA TYR E 222 -20.46 4.46 12.58
C TYR E 222 -21.90 4.94 12.51
N SER E 223 -22.80 4.31 13.26
CA SER E 223 -24.19 4.73 13.33
C SER E 223 -24.74 4.37 14.70
N VAL E 224 -25.48 5.29 15.30
CA VAL E 224 -26.02 5.13 16.64
C VAL E 224 -27.54 5.09 16.58
N ALA E 225 -28.13 4.48 17.60
CA ALA E 225 -29.58 4.39 17.71
C ALA E 225 -29.95 4.25 19.18
N VAL E 226 -31.13 4.77 19.52
CA VAL E 226 -31.60 4.76 20.90
C VAL E 226 -32.87 3.93 20.98
N GLY E 227 -33.11 3.37 22.16
CA GLY E 227 -34.28 2.54 22.39
C GLY E 227 -33.96 1.43 23.37
N ASP E 228 -35.01 0.68 23.71
CA ASP E 228 -34.90 -0.43 24.64
C ASP E 228 -34.61 -1.72 23.88
N PHE E 229 -33.53 -2.41 24.25
CA PHE E 229 -33.16 -3.65 23.59
C PHE E 229 -32.78 -4.75 24.59
N ASN E 230 -33.08 -4.56 25.87
CA ASN E 230 -32.76 -5.57 26.88
C ASN E 230 -33.83 -5.62 27.95
N GLY E 231 -34.63 -4.56 28.07
CA GLY E 231 -35.70 -4.51 29.04
C GLY E 231 -35.33 -3.78 30.32
N ASP E 232 -35.29 -2.45 30.24
CA ASP E 232 -34.95 -1.63 31.40
C ASP E 232 -35.58 -0.25 31.28
N GLY E 233 -36.06 0.09 30.09
CA GLY E 233 -36.67 1.38 29.82
C GLY E 233 -35.70 2.44 29.33
N ILE E 234 -34.46 2.42 29.81
CA ILE E 234 -33.48 3.40 29.38
C ILE E 234 -33.01 3.07 27.97
N ASP E 235 -32.88 4.10 27.13
CA ASP E 235 -32.45 3.90 25.75
C ASP E 235 -31.01 3.40 25.71
N ASP E 236 -30.77 2.37 24.91
CA ASP E 236 -29.45 1.77 24.80
C ASP E 236 -28.60 2.53 23.79
N PHE E 237 -27.34 2.13 23.69
CA PHE E 237 -26.35 2.76 22.81
C PHE E 237 -25.97 1.76 21.73
N VAL E 238 -26.67 1.82 20.60
CA VAL E 238 -26.40 0.94 19.48
C VAL E 238 -25.17 1.43 18.73
N SER E 239 -24.29 0.50 18.37
CA SER E 239 -23.05 0.81 17.66
C SER E 239 -23.00 0.00 16.37
N GLY E 240 -22.61 0.64 15.28
CA GLY E 240 -22.50 0.01 13.98
C GLY E 240 -21.05 -0.17 13.58
N VAL E 241 -20.70 -1.39 13.21
CA VAL E 241 -19.34 -1.75 12.83
C VAL E 241 -19.37 -2.19 11.36
N PRO E 242 -18.98 -1.30 10.44
CA PRO E 242 -19.01 -1.67 9.01
C PRO E 242 -17.84 -2.58 8.62
N ARG E 243 -16.73 -2.48 9.34
CA ARG E 243 -15.52 -3.24 9.03
C ARG E 243 -15.29 -4.27 10.13
N ALA E 244 -16.15 -5.28 10.17
CA ALA E 244 -16.07 -6.35 11.14
C ALA E 244 -15.90 -7.68 10.42
N ALA E 245 -14.92 -8.48 10.88
CA ALA E 245 -14.63 -9.79 10.31
C ALA E 245 -14.34 -9.71 8.81
N ARG E 246 -13.05 -9.51 8.48
CA ARG E 246 -12.57 -9.35 7.10
C ARG E 246 -13.54 -8.52 6.26
N THR E 247 -13.89 -7.35 6.78
CA THR E 247 -14.81 -6.40 6.12
C THR E 247 -16.13 -7.07 5.77
N LEU E 248 -16.97 -7.31 6.77
CA LEU E 248 -18.29 -7.87 6.54
C LEU E 248 -19.37 -6.95 7.13
N GLY E 249 -19.30 -6.72 8.45
CA GLY E 249 -20.24 -5.84 9.09
C GLY E 249 -21.00 -6.48 10.24
N MET E 250 -20.75 -6.00 11.47
CA MET E 250 -21.45 -6.47 12.65
C MET E 250 -21.93 -5.27 13.45
N VAL E 251 -23.05 -5.46 14.15
CA VAL E 251 -23.67 -4.41 14.96
C VAL E 251 -23.52 -4.79 16.42
N TYR E 252 -22.83 -3.95 17.18
CA TYR E 252 -22.63 -4.16 18.62
C TYR E 252 -23.57 -3.23 19.38
N ILE E 253 -24.63 -3.79 19.94
CA ILE E 253 -25.62 -3.03 20.68
C ILE E 253 -25.19 -3.00 22.14
N TYR E 254 -24.72 -1.84 22.60
CA TYR E 254 -24.29 -1.67 23.98
C TYR E 254 -25.44 -1.16 24.84
N ASP E 255 -25.35 -1.44 26.14
CA ASP E 255 -26.38 -1.01 27.08
C ASP E 255 -26.24 0.47 27.38
N GLY E 256 -27.38 1.15 27.54
CA GLY E 256 -27.37 2.57 27.82
C GLY E 256 -27.44 2.88 29.30
N LYS E 257 -26.88 2.01 30.12
CA LYS E 257 -26.87 2.19 31.57
C LYS E 257 -25.49 2.00 32.19
N ASN E 258 -24.78 0.93 31.81
CA ASN E 258 -23.44 0.69 32.35
C ASN E 258 -22.46 0.25 31.27
N MET E 259 -22.79 0.48 29.99
CA MET E 259 -21.93 0.11 28.86
C MET E 259 -21.61 -1.38 28.87
N SER E 260 -22.50 -2.19 28.29
CA SER E 260 -22.31 -3.62 28.22
C SER E 260 -22.92 -4.15 26.94
N SER E 261 -22.23 -5.08 26.29
CA SER E 261 -22.70 -5.65 25.04
C SER E 261 -23.97 -6.48 25.27
N LEU E 262 -24.88 -6.43 24.31
CA LEU E 262 -26.15 -7.15 24.39
C LEU E 262 -26.23 -8.22 23.31
N TYR E 263 -26.43 -7.83 22.04
CA TYR E 263 -26.54 -8.78 20.95
C TYR E 263 -25.61 -8.36 19.82
N ASN E 264 -25.26 -9.34 18.98
CA ASN E 264 -24.39 -9.13 17.84
C ASN E 264 -25.07 -9.66 16.58
N PHE E 265 -24.90 -8.94 15.48
CA PHE E 265 -25.48 -9.29 14.20
C PHE E 265 -24.40 -9.73 13.23
N THR E 266 -24.82 -10.09 12.02
CA THR E 266 -23.92 -10.56 10.97
C THR E 266 -24.31 -9.91 9.66
N GLY E 267 -23.31 -9.42 8.92
CA GLY E 267 -23.56 -8.78 7.65
C GLY E 267 -23.97 -9.75 6.57
N GLU E 268 -24.25 -9.21 5.39
CA GLU E 268 -24.69 -9.98 4.24
C GLU E 268 -23.62 -10.10 3.17
N GLN E 269 -23.11 -8.97 2.67
CA GLN E 269 -22.09 -8.96 1.63
C GLN E 269 -20.82 -8.30 2.16
N MET E 270 -19.68 -8.81 1.72
CA MET E 270 -18.40 -8.26 2.14
C MET E 270 -18.24 -6.84 1.59
N ALA E 271 -17.70 -5.95 2.43
CA ALA E 271 -17.50 -4.55 2.08
C ALA E 271 -18.78 -3.90 1.60
N ALA E 272 -19.72 -3.65 2.52
CA ALA E 272 -20.99 -3.06 2.13
C ALA E 272 -21.52 -2.04 3.14
N TYR E 273 -20.71 -1.62 4.12
CA TYR E 273 -21.14 -0.68 5.15
C TYR E 273 -22.39 -1.17 5.88
N PHE E 274 -22.30 -2.39 6.40
CA PHE E 274 -23.40 -3.01 7.15
C PHE E 274 -23.53 -2.28 8.48
N GLY E 275 -24.24 -1.16 8.46
CA GLY E 275 -24.41 -0.34 9.64
C GLY E 275 -24.08 1.12 9.39
N PHE E 276 -24.28 1.58 8.15
CA PHE E 276 -24.01 2.96 7.81
C PHE E 276 -25.07 3.88 8.39
N SER E 277 -26.34 3.57 8.15
CA SER E 277 -27.47 4.35 8.66
C SER E 277 -28.46 3.40 9.31
N VAL E 278 -28.76 3.64 10.58
CA VAL E 278 -29.70 2.81 11.32
C VAL E 278 -30.82 3.70 11.86
N ALA E 279 -31.94 3.07 12.20
CA ALA E 279 -33.10 3.78 12.74
C ALA E 279 -33.87 2.82 13.63
N ALA E 280 -33.93 3.13 14.92
CA ALA E 280 -34.62 2.30 15.90
C ALA E 280 -35.97 2.90 16.20
N THR E 281 -37.04 2.20 15.83
CA THR E 281 -38.39 2.66 16.08
C THR E 281 -39.34 1.46 16.04
N ASP E 282 -40.51 1.64 16.64
CA ASP E 282 -41.51 0.59 16.65
C ASP E 282 -42.12 0.42 15.26
N ILE E 283 -42.36 -0.84 14.88
CA ILE E 283 -42.91 -1.13 13.57
C ILE E 283 -43.91 -2.29 13.69
N ASN E 284 -43.87 -2.99 14.82
CA ASN E 284 -44.76 -4.12 15.07
C ASN E 284 -45.84 -3.84 16.10
N GLY E 285 -45.58 -2.96 17.06
CA GLY E 285 -46.58 -2.62 18.06
C GLY E 285 -46.36 -3.28 19.40
N ASP E 286 -45.33 -2.84 20.13
CA ASP E 286 -45.03 -3.37 21.45
C ASP E 286 -44.22 -2.38 22.26
N ASP E 287 -44.12 -1.14 21.77
CA ASP E 287 -43.36 -0.07 22.43
C ASP E 287 -41.90 -0.45 22.60
N TYR E 288 -41.34 -1.12 21.59
CA TYR E 288 -39.93 -1.48 21.56
C TYR E 288 -39.31 -0.95 20.29
N ALA E 289 -38.06 -0.49 20.40
CA ALA E 289 -37.35 0.04 19.24
C ALA E 289 -36.87 -1.10 18.34
N ASP E 290 -36.91 -0.86 17.03
CA ASP E 290 -36.51 -1.85 16.03
C ASP E 290 -35.49 -1.22 15.11
N VAL E 291 -34.24 -1.66 15.21
CA VAL E 291 -33.16 -1.12 14.40
C VAL E 291 -33.25 -1.69 12.99
N PHE E 292 -33.31 -0.80 12.00
CA PHE E 292 -33.33 -1.19 10.59
C PHE E 292 -31.97 -0.82 10.00
N ILE E 293 -31.14 -1.83 9.75
CA ILE E 293 -29.76 -1.61 9.36
C ILE E 293 -29.70 -1.23 7.88
N GLY E 294 -28.90 -0.22 7.56
CA GLY E 294 -28.72 0.18 6.19
C GLY E 294 -27.51 -0.46 5.54
N ALA E 295 -27.51 -0.47 4.21
CA ALA E 295 -26.42 -1.08 3.43
C ALA E 295 -26.34 -0.38 2.08
N PRO E 296 -25.56 0.69 1.98
CA PRO E 296 -25.46 1.43 0.72
C PRO E 296 -24.76 0.65 -0.37
N LEU E 297 -23.56 0.14 -0.07
CA LEU E 297 -22.73 -0.54 -1.07
C LEU E 297 -23.03 -2.03 -1.16
N PHE E 298 -24.30 -2.38 -1.34
CA PHE E 298 -24.71 -3.76 -1.51
C PHE E 298 -25.04 -4.01 -2.98
N MET E 299 -24.70 -5.22 -3.45
CA MET E 299 -24.94 -5.61 -4.84
C MET E 299 -25.79 -6.87 -4.83
N ASP E 300 -27.05 -6.75 -5.24
CA ASP E 300 -27.96 -7.89 -5.24
C ASP E 300 -27.62 -8.86 -6.36
N ARG E 301 -27.81 -10.15 -6.08
CA ARG E 301 -27.52 -11.21 -7.04
C ARG E 301 -28.62 -11.20 -8.11
N GLY E 302 -28.31 -10.62 -9.27
CA GLY E 302 -29.27 -10.55 -10.36
C GLY E 302 -29.32 -11.84 -11.16
N SER E 303 -30.16 -11.80 -12.19
CA SER E 303 -30.35 -12.95 -13.07
C SER E 303 -29.42 -12.94 -14.28
N ASP E 304 -28.76 -11.82 -14.56
CA ASP E 304 -27.85 -11.71 -15.69
C ASP E 304 -26.41 -12.05 -15.33
N GLY E 305 -26.17 -12.56 -14.14
CA GLY E 305 -24.81 -12.91 -13.71
C GLY E 305 -24.02 -11.78 -13.10
N LYS E 306 -24.02 -10.61 -13.74
CA LYS E 306 -23.30 -9.46 -13.23
C LYS E 306 -24.09 -8.80 -12.10
N LEU E 307 -23.42 -8.54 -10.98
CA LEU E 307 -24.08 -7.90 -9.85
C LEU E 307 -24.30 -6.42 -10.12
N GLN E 308 -25.34 -5.87 -9.51
CA GLN E 308 -25.70 -4.47 -9.66
C GLN E 308 -25.79 -3.81 -8.29
N GLU E 309 -25.11 -2.68 -8.14
CA GLU E 309 -25.10 -1.95 -6.87
C GLU E 309 -26.45 -1.29 -6.66
N VAL E 310 -27.30 -1.92 -5.84
CA VAL E 310 -28.64 -1.40 -5.56
C VAL E 310 -28.87 -1.12 -4.08
N GLY E 311 -28.05 -1.64 -3.19
CA GLY E 311 -28.22 -1.43 -1.78
C GLY E 311 -29.19 -2.42 -1.16
N GLN E 312 -29.15 -2.49 0.17
CA GLN E 312 -30.02 -3.40 0.91
C GLN E 312 -30.22 -2.86 2.33
N VAL E 313 -31.46 -2.89 2.80
CA VAL E 313 -31.82 -2.48 4.14
C VAL E 313 -32.47 -3.67 4.83
N SER E 314 -31.91 -4.07 5.99
CA SER E 314 -32.45 -5.16 6.76
C SER E 314 -33.40 -4.63 7.83
N VAL E 315 -34.64 -5.11 7.80
CA VAL E 315 -35.68 -4.69 8.73
C VAL E 315 -35.74 -5.73 9.84
N SER E 316 -35.20 -5.39 10.99
CA SER E 316 -35.19 -6.28 12.15
C SER E 316 -36.32 -5.90 13.10
N LEU E 317 -37.06 -6.91 13.57
CA LEU E 317 -38.18 -6.72 14.46
C LEU E 317 -37.86 -7.36 15.81
N GLN E 318 -38.00 -6.59 16.88
CA GLN E 318 -37.73 -7.05 18.23
C GLN E 318 -39.04 -7.43 18.90
N ARG E 319 -39.07 -8.60 19.55
CA ARG E 319 -40.27 -9.06 20.24
C ARG E 319 -40.26 -8.60 21.70
N ALA E 320 -40.18 -9.55 22.62
CA ALA E 320 -40.17 -9.24 24.05
C ALA E 320 -38.75 -9.07 24.58
N SER E 321 -37.92 -10.11 24.47
CA SER E 321 -36.55 -10.05 24.94
C SER E 321 -35.66 -9.35 23.92
N GLY E 322 -34.99 -10.13 23.07
CA GLY E 322 -34.11 -9.56 22.07
C GLY E 322 -33.97 -10.42 20.83
N ASP E 323 -35.10 -10.95 20.34
CA ASP E 323 -35.11 -11.80 19.15
C ASP E 323 -35.37 -10.92 17.95
N PHE E 324 -34.29 -10.37 17.39
CA PHE E 324 -34.39 -9.48 16.24
C PHE E 324 -34.55 -10.30 14.96
N GLN E 325 -35.66 -10.09 14.25
CA GLN E 325 -35.93 -10.79 13.01
C GLN E 325 -35.43 -9.93 11.84
N THR E 326 -34.59 -10.52 10.99
CA THR E 326 -34.00 -9.83 9.86
C THR E 326 -34.87 -10.05 8.62
N THR E 327 -35.25 -8.95 7.97
CA THR E 327 -36.04 -8.98 6.74
C THR E 327 -35.26 -8.27 5.65
N LYS E 328 -34.78 -9.04 4.67
CA LYS E 328 -33.98 -8.47 3.59
C LYS E 328 -34.85 -7.57 2.71
N LEU E 329 -34.43 -6.32 2.55
CA LEU E 329 -35.11 -5.34 1.72
C LEU E 329 -34.14 -4.89 0.63
N ASN E 330 -34.27 -5.47 -0.56
CA ASN E 330 -33.38 -5.14 -1.66
C ASN E 330 -33.67 -3.73 -2.18
N GLY E 331 -32.72 -3.20 -2.94
CA GLY E 331 -32.82 -1.86 -3.50
C GLY E 331 -33.66 -1.82 -4.76
N PHE E 332 -33.37 -0.85 -5.62
CA PHE E 332 -34.12 -0.68 -6.86
C PHE E 332 -33.17 -0.43 -8.04
N GLU E 333 -32.89 0.84 -8.31
CA GLU E 333 -32.03 1.20 -9.42
C GLU E 333 -30.56 0.92 -9.09
N VAL E 334 -29.75 0.89 -10.14
CA VAL E 334 -28.32 0.62 -9.99
C VAL E 334 -27.60 1.90 -9.58
N PHE E 335 -26.58 1.76 -8.74
CA PHE E 335 -25.83 2.88 -8.19
C PHE E 335 -26.75 3.87 -7.47
N ALA E 336 -27.48 3.34 -6.49
CA ALA E 336 -28.42 4.13 -5.72
C ALA E 336 -28.08 4.23 -4.24
N ARG E 337 -27.36 3.27 -3.68
CA ARG E 337 -27.00 3.24 -2.26
C ARG E 337 -28.26 3.32 -1.39
N PHE E 338 -29.16 2.37 -1.60
CA PHE E 338 -30.41 2.31 -0.85
C PHE E 338 -30.14 1.94 0.60
N GLY E 339 -29.97 2.94 1.46
CA GLY E 339 -29.69 2.70 2.86
C GLY E 339 -28.80 3.76 3.47
N SER E 340 -28.87 4.99 2.95
CA SER E 340 -28.08 6.09 3.45
C SER E 340 -28.90 7.19 4.11
N ALA E 341 -30.10 7.46 3.62
CA ALA E 341 -30.99 8.48 4.18
C ALA E 341 -32.18 7.76 4.81
N ILE E 342 -31.95 7.19 5.99
CA ILE E 342 -32.98 6.47 6.73
C ILE E 342 -33.34 7.29 7.95
N ALA E 343 -34.62 7.64 8.08
CA ALA E 343 -35.09 8.44 9.20
C ALA E 343 -36.49 8.01 9.60
N PRO E 344 -36.73 7.74 10.89
CA PRO E 344 -38.07 7.34 11.32
C PRO E 344 -39.05 8.49 11.16
N LEU E 345 -40.29 8.14 10.80
CA LEU E 345 -41.34 9.14 10.63
C LEU E 345 -42.33 9.17 11.78
N GLY E 346 -42.52 8.05 12.48
CA GLY E 346 -43.46 8.03 13.59
C GLY E 346 -44.89 7.98 13.10
N ASP E 347 -45.78 8.64 13.85
CA ASP E 347 -47.20 8.68 13.52
C ASP E 347 -47.41 9.67 12.36
N LEU E 348 -47.14 9.19 11.15
CA LEU E 348 -47.32 10.02 9.97
C LEU E 348 -48.79 10.19 9.60
N ASP E 349 -49.60 9.16 9.85
CA ASP E 349 -51.02 9.22 9.54
C ASP E 349 -51.91 8.79 10.70
N GLN E 350 -51.35 8.52 11.87
CA GLN E 350 -52.10 8.10 13.06
C GLN E 350 -52.92 6.84 12.76
N ASP E 351 -52.26 5.84 12.20
CA ASP E 351 -52.89 4.57 11.85
C ASP E 351 -52.68 3.51 12.92
N GLY E 352 -52.09 3.87 14.06
CA GLY E 352 -51.83 2.94 15.13
C GLY E 352 -50.39 2.48 15.23
N PHE E 353 -49.58 2.69 14.21
CA PHE E 353 -48.19 2.29 14.21
C PHE E 353 -47.33 3.42 13.67
N ASN E 354 -46.02 3.23 13.72
CA ASN E 354 -45.08 4.23 13.25
C ASN E 354 -44.62 3.92 11.83
N ASP E 355 -44.15 4.95 11.14
CA ASP E 355 -43.66 4.84 9.77
C ASP E 355 -42.18 5.25 9.73
N ILE E 356 -41.57 5.09 8.56
CA ILE E 356 -40.16 5.40 8.38
C ILE E 356 -39.93 5.76 6.91
N ALA E 357 -38.98 6.65 6.67
CA ALA E 357 -38.64 7.10 5.33
C ALA E 357 -37.21 6.71 5.00
N ILE E 358 -37.02 6.05 3.87
CA ILE E 358 -35.70 5.64 3.38
C ILE E 358 -35.56 6.18 1.97
N ALA E 359 -34.64 7.10 1.76
CA ALA E 359 -34.43 7.73 0.48
C ALA E 359 -33.15 7.23 -0.17
N ALA E 360 -33.16 7.10 -1.49
CA ALA E 360 -31.99 6.69 -2.25
C ALA E 360 -31.28 7.92 -2.77
N PRO E 361 -30.09 8.26 -2.26
CA PRO E 361 -29.40 9.48 -2.71
C PRO E 361 -28.99 9.42 -4.16
N TYR E 362 -28.01 8.58 -4.48
CA TYR E 362 -27.44 8.51 -5.82
C TYR E 362 -28.37 7.85 -6.84
N GLY E 363 -29.58 7.44 -6.44
CA GLY E 363 -30.53 6.84 -7.35
C GLY E 363 -31.41 7.87 -8.02
N GLY E 364 -32.40 7.36 -8.76
CA GLY E 364 -33.34 8.20 -9.46
C GLY E 364 -32.86 8.60 -10.84
N GLU E 365 -33.73 9.34 -11.54
CA GLU E 365 -33.41 9.81 -12.87
C GLU E 365 -32.37 10.92 -12.81
N ASP E 366 -31.39 10.86 -13.72
CA ASP E 366 -30.31 11.84 -13.80
C ASP E 366 -29.52 11.93 -12.50
N LYS E 367 -29.46 10.82 -11.76
CA LYS E 367 -28.73 10.74 -10.49
C LYS E 367 -29.21 11.79 -9.49
N LYS E 368 -30.51 12.06 -9.48
CA LYS E 368 -31.07 13.03 -8.53
C LYS E 368 -31.34 12.38 -7.19
N GLY E 369 -32.49 11.72 -7.06
CA GLY E 369 -32.85 11.06 -5.82
C GLY E 369 -34.33 10.76 -5.70
N ILE E 370 -34.67 9.59 -5.16
CA ILE E 370 -36.05 9.17 -4.97
C ILE E 370 -36.23 8.82 -3.50
N VAL E 371 -37.18 9.48 -2.85
CA VAL E 371 -37.47 9.24 -1.43
C VAL E 371 -38.53 8.16 -1.33
N TYR E 372 -38.17 7.01 -0.77
CA TYR E 372 -39.08 5.89 -0.61
C TYR E 372 -39.72 5.95 0.78
N ILE E 373 -41.05 5.90 0.80
CA ILE E 373 -41.82 5.96 2.03
C ILE E 373 -42.24 4.56 2.43
N PHE E 374 -41.96 4.18 3.67
CA PHE E 374 -42.29 2.86 4.20
C PHE E 374 -43.21 3.04 5.41
N ASN E 375 -44.50 2.77 5.22
CA ASN E 375 -45.48 2.89 6.29
C ASN E 375 -45.64 1.57 7.01
N GLY E 376 -45.87 1.65 8.33
CA GLY E 376 -46.02 0.46 9.13
C GLY E 376 -47.42 -0.12 9.08
N ARG E 377 -47.55 -1.32 9.64
CA ARG E 377 -48.83 -2.02 9.66
C ARG E 377 -48.85 -2.90 10.90
N SER E 378 -49.75 -3.90 10.91
CA SER E 378 -49.87 -4.78 12.05
C SER E 378 -48.78 -5.85 12.08
N THR E 379 -48.42 -6.39 10.91
CA THR E 379 -47.40 -7.42 10.83
C THR E 379 -46.01 -6.83 11.07
N GLY E 380 -45.45 -6.19 10.05
CA GLY E 380 -44.13 -5.60 10.17
C GLY E 380 -43.99 -4.31 9.39
N LEU E 381 -43.17 -4.34 8.34
CA LEU E 381 -42.92 -3.18 7.50
C LEU E 381 -43.15 -3.55 6.04
N ASN E 382 -43.78 -2.64 5.30
CA ASN E 382 -44.05 -2.88 3.88
C ASN E 382 -42.75 -2.89 3.08
N ALA E 383 -42.70 -3.75 2.08
CA ALA E 383 -41.51 -3.89 1.24
C ALA E 383 -41.56 -2.96 0.03
N VAL E 384 -42.70 -2.88 -0.64
CA VAL E 384 -42.85 -2.03 -1.82
C VAL E 384 -43.03 -0.59 -1.36
N PRO E 385 -42.56 0.41 -2.12
CA PRO E 385 -42.75 1.80 -1.72
C PRO E 385 -44.18 2.28 -1.91
N SER E 386 -44.46 3.52 -1.51
CA SER E 386 -45.79 4.10 -1.64
C SER E 386 -45.83 5.41 -2.39
N GLN E 387 -44.72 6.14 -2.51
CA GLN E 387 -44.70 7.40 -3.22
C GLN E 387 -43.30 7.65 -3.77
N ILE E 388 -43.23 8.06 -5.03
CA ILE E 388 -41.97 8.32 -5.71
C ILE E 388 -41.75 9.82 -5.77
N LEU E 389 -40.57 10.27 -5.34
CA LEU E 389 -40.21 11.67 -5.33
C LEU E 389 -39.05 11.91 -6.30
N GLU E 390 -38.93 13.16 -6.74
CA GLU E 390 -37.88 13.58 -7.67
C GLU E 390 -37.21 14.83 -7.12
N GLY E 391 -36.18 15.29 -7.84
CA GLY E 391 -35.45 16.48 -7.46
C GLY E 391 -36.02 17.74 -8.07
N GLN E 392 -35.33 18.86 -7.80
CA GLN E 392 -35.75 20.16 -8.31
C GLN E 392 -34.63 20.81 -9.12
N TRP E 393 -33.60 21.35 -8.46
CA TRP E 393 -32.51 21.99 -9.16
C TRP E 393 -31.49 20.95 -9.64
N ALA E 394 -30.45 21.42 -10.32
CA ALA E 394 -29.39 20.58 -10.83
C ALA E 394 -28.15 20.71 -9.94
N ALA E 395 -27.07 20.07 -10.37
CA ALA E 395 -25.81 20.06 -9.63
C ALA E 395 -24.71 20.68 -10.50
N ARG E 396 -23.51 20.75 -9.93
CA ARG E 396 -22.35 21.32 -10.63
C ARG E 396 -21.27 20.26 -10.81
N SER E 397 -20.35 20.13 -9.85
CA SER E 397 -19.31 19.10 -9.90
C SER E 397 -19.62 17.94 -8.97
N CYS E 398 -20.07 18.23 -7.75
CA CYS E 398 -20.46 17.16 -6.83
C CYS E 398 -21.74 16.50 -7.32
N PRO E 399 -21.87 15.19 -7.16
CA PRO E 399 -23.11 14.53 -7.58
C PRO E 399 -24.29 15.04 -6.78
N PRO E 400 -25.48 15.05 -7.38
CA PRO E 400 -26.66 15.62 -6.69
C PRO E 400 -27.00 14.90 -5.39
N SER E 401 -27.43 13.64 -5.50
CA SER E 401 -27.82 12.83 -4.34
C SER E 401 -28.92 13.52 -3.54
N PHE E 402 -30.08 13.67 -4.18
CA PHE E 402 -31.24 14.30 -3.55
C PHE E 402 -31.77 13.40 -2.45
N GLY E 403 -31.58 13.80 -1.20
CA GLY E 403 -32.02 13.00 -0.07
C GLY E 403 -30.88 12.37 0.68
N TYR E 404 -30.28 13.11 1.61
CA TYR E 404 -29.16 12.60 2.38
C TYR E 404 -29.38 12.85 3.87
N SER E 405 -29.68 14.08 4.25
CA SER E 405 -29.90 14.45 5.64
C SER E 405 -31.40 14.59 5.88
N MET E 406 -31.92 13.81 6.82
CA MET E 406 -33.34 13.85 7.13
C MET E 406 -33.57 13.27 8.52
N LYS E 407 -34.61 13.78 9.18
CA LYS E 407 -34.98 13.30 10.51
C LYS E 407 -36.47 12.98 10.55
N GLY E 408 -37.11 13.20 11.70
CA GLY E 408 -38.53 12.94 11.82
C GLY E 408 -38.94 12.84 13.27
N ALA E 409 -40.11 12.26 13.49
CA ALA E 409 -40.68 12.06 14.83
C ALA E 409 -40.82 13.38 15.58
N THR E 410 -41.15 14.45 14.84
CA THR E 410 -41.31 15.77 15.44
C THR E 410 -42.24 16.59 14.55
N ASP E 411 -43.37 17.01 15.09
CA ASP E 411 -44.31 17.82 14.33
C ASP E 411 -43.75 19.22 14.11
N ILE E 412 -43.86 19.71 12.88
CA ILE E 412 -43.32 21.02 12.53
C ILE E 412 -44.34 21.94 11.86
N ASP E 413 -45.25 21.44 11.04
CA ASP E 413 -46.24 22.27 10.37
C ASP E 413 -47.48 22.52 11.23
N LYS E 414 -47.46 22.07 12.50
CA LYS E 414 -48.57 22.27 13.42
C LYS E 414 -49.88 21.74 12.87
N ASN E 415 -50.04 20.42 12.88
CA ASN E 415 -51.28 19.80 12.40
C ASN E 415 -51.42 18.39 12.98
N GLY E 416 -50.33 17.85 13.49
CA GLY E 416 -50.32 16.50 14.04
C GLY E 416 -49.51 15.50 13.23
N TYR E 417 -49.14 15.82 11.99
CA TYR E 417 -48.37 14.91 11.15
C TYR E 417 -46.99 15.50 10.92
N PRO E 418 -45.91 14.81 11.27
CA PRO E 418 -44.57 15.36 11.05
C PRO E 418 -44.20 15.34 9.58
N ASP E 419 -43.47 16.37 9.16
CA ASP E 419 -43.04 16.49 7.77
C ASP E 419 -41.72 15.76 7.57
N LEU E 420 -41.05 16.02 6.45
CA LEU E 420 -39.79 15.38 6.14
C LEU E 420 -38.84 16.41 5.55
N ILE E 421 -37.73 16.67 6.24
CA ILE E 421 -36.74 17.64 5.79
C ILE E 421 -35.75 16.86 4.91
N VAL E 422 -35.99 16.91 3.60
CA VAL E 422 -35.12 16.24 2.64
C VAL E 422 -33.98 17.20 2.30
N GLY E 423 -32.84 17.01 2.96
CA GLY E 423 -31.69 17.86 2.77
C GLY E 423 -30.65 17.21 1.89
N ALA E 424 -30.33 17.87 0.78
CA ALA E 424 -29.37 17.38 -0.20
C ALA E 424 -28.17 18.32 -0.22
N PHE E 425 -27.00 17.78 0.16
CA PHE E 425 -25.78 18.58 0.18
C PHE E 425 -25.09 18.65 -1.17
N GLY E 426 -25.40 17.73 -2.09
CA GLY E 426 -24.78 17.76 -3.40
C GLY E 426 -25.22 18.97 -4.21
N VAL E 427 -26.54 19.16 -4.33
CA VAL E 427 -27.07 20.34 -5.02
C VAL E 427 -27.15 21.55 -4.11
N ASP E 428 -26.67 21.45 -2.87
CA ASP E 428 -26.68 22.55 -1.91
C ASP E 428 -28.10 23.06 -1.67
N ARG E 429 -29.06 22.14 -1.58
CA ARG E 429 -30.46 22.52 -1.45
C ARG E 429 -31.14 21.63 -0.42
N ALA E 430 -31.92 22.25 0.47
CA ALA E 430 -32.70 21.54 1.47
C ALA E 430 -34.17 21.81 1.20
N ILE E 431 -34.88 20.79 0.75
CA ILE E 431 -36.29 20.89 0.40
C ILE E 431 -37.10 20.17 1.47
N LEU E 432 -38.08 20.87 2.04
CA LEU E 432 -38.94 20.32 3.08
C LEU E 432 -40.27 19.89 2.48
N TYR E 433 -40.55 18.59 2.56
CA TYR E 433 -41.82 18.04 2.09
C TYR E 433 -42.79 17.96 3.26
N ARG E 434 -43.91 18.65 3.16
CA ARG E 434 -44.92 18.69 4.21
C ARG E 434 -45.83 17.48 4.12
N ALA E 435 -46.28 17.00 5.28
CA ALA E 435 -47.17 15.85 5.36
C ALA E 435 -48.61 16.30 5.15
N ARG E 436 -49.25 15.77 4.11
CA ARG E 436 -50.63 16.13 3.82
C ARG E 436 -51.57 15.42 4.80
N PRO E 437 -52.64 16.09 5.25
CA PRO E 437 -53.58 15.45 6.18
C PRO E 437 -54.26 14.23 5.57
N VAL E 438 -53.94 13.05 6.10
CA VAL E 438 -54.53 11.81 5.60
C VAL E 438 -55.97 11.72 6.07
N ILE E 439 -56.90 11.53 5.14
CA ILE E 439 -58.32 11.45 5.42
C ILE E 439 -58.75 10.00 5.26
N THR E 440 -59.33 9.43 6.33
CA THR E 440 -59.85 8.07 6.30
C THR E 440 -61.28 8.14 5.79
N VAL E 441 -61.44 7.93 4.49
CA VAL E 441 -62.75 8.01 3.85
C VAL E 441 -63.38 6.63 3.82
N ASN E 442 -64.65 6.56 4.23
CA ASN E 442 -65.42 5.32 4.23
C ASN E 442 -66.70 5.56 3.42
N ALA E 443 -66.79 4.94 2.25
CA ALA E 443 -67.94 5.11 1.37
C ALA E 443 -68.96 4.01 1.67
N GLY E 444 -69.91 3.81 0.76
CA GLY E 444 -70.93 2.80 0.94
C GLY E 444 -71.96 2.80 -0.17
N LEU E 445 -72.41 1.61 -0.58
CA LEU E 445 -73.38 1.50 -1.67
C LEU E 445 -74.34 0.36 -1.32
N GLU E 446 -75.58 0.71 -1.00
CA GLU E 446 -76.62 -0.25 -0.66
C GLU E 446 -77.71 -0.15 -1.71
N VAL E 447 -77.69 -1.08 -2.66
CA VAL E 447 -78.67 -1.11 -3.74
C VAL E 447 -79.64 -2.24 -3.43
N TYR E 448 -80.83 -1.89 -2.93
CA TYR E 448 -81.84 -2.87 -2.59
C TYR E 448 -83.07 -2.68 -3.48
N PRO E 449 -83.74 -3.77 -3.87
CA PRO E 449 -83.39 -5.16 -3.52
C PRO E 449 -82.26 -5.73 -4.37
N SER E 450 -81.72 -6.88 -3.95
CA SER E 450 -80.63 -7.51 -4.70
C SER E 450 -81.14 -8.09 -6.02
N ILE E 451 -82.10 -9.00 -5.95
CA ILE E 451 -82.66 -9.58 -7.17
C ILE E 451 -83.57 -8.57 -7.84
N LEU E 452 -83.58 -8.59 -9.18
CA LEU E 452 -84.36 -7.65 -9.98
C LEU E 452 -85.21 -8.46 -10.96
N ASN E 453 -86.53 -8.44 -10.75
CA ASN E 453 -87.44 -9.14 -11.64
C ASN E 453 -87.66 -8.35 -12.92
N GLN E 454 -87.70 -9.05 -14.04
CA GLN E 454 -87.90 -8.38 -15.32
C GLN E 454 -89.32 -7.85 -15.45
N ASP E 455 -90.30 -8.56 -14.92
CA ASP E 455 -91.69 -8.17 -14.96
C ASP E 455 -92.20 -7.79 -13.57
N ASN E 456 -91.41 -7.01 -12.84
CA ASN E 456 -91.79 -6.60 -11.50
C ASN E 456 -92.85 -5.49 -11.55
N LYS E 457 -92.57 -4.41 -12.27
CA LYS E 457 -93.48 -3.29 -12.43
C LYS E 457 -93.89 -2.71 -11.09
N THR E 458 -93.03 -1.89 -10.49
CA THR E 458 -93.28 -1.28 -9.19
C THR E 458 -93.49 0.23 -9.29
N CYS E 459 -92.52 0.96 -9.83
CA CYS E 459 -92.63 2.41 -9.93
C CYS E 459 -93.44 2.81 -11.15
N SER E 460 -93.27 4.06 -11.59
CA SER E 460 -93.96 4.58 -12.78
C SER E 460 -93.04 5.55 -13.48
N LEU E 461 -92.81 5.31 -14.77
CA LEU E 461 -91.94 6.18 -15.55
C LEU E 461 -92.64 7.50 -15.83
N PRO E 462 -92.07 8.63 -15.41
CA PRO E 462 -92.74 9.92 -15.67
C PRO E 462 -92.67 10.29 -17.14
N GLY E 463 -93.78 10.81 -17.66
CA GLY E 463 -93.89 11.20 -19.04
C GLY E 463 -94.63 10.22 -19.92
N THR E 464 -94.81 8.97 -19.46
CA THR E 464 -95.52 7.95 -20.22
C THR E 464 -96.42 7.19 -19.27
N ALA E 465 -97.15 6.22 -19.82
CA ALA E 465 -98.08 5.39 -19.07
C ALA E 465 -97.68 3.91 -19.13
N LEU E 466 -96.38 3.65 -19.05
CA LEU E 466 -95.84 2.30 -19.11
C LEU E 466 -94.98 2.05 -17.86
N LYS E 467 -95.36 1.06 -17.07
CA LYS E 467 -94.62 0.74 -15.86
C LYS E 467 -93.37 -0.06 -16.20
N VAL E 468 -92.32 0.14 -15.39
CA VAL E 468 -91.05 -0.55 -15.56
C VAL E 468 -90.54 -0.99 -14.20
N SER E 469 -89.60 -1.93 -14.22
CA SER E 469 -88.99 -2.42 -12.99
C SER E 469 -88.01 -1.39 -12.45
N CYS E 470 -88.04 -1.16 -11.14
CA CYS E 470 -87.20 -0.16 -10.50
C CYS E 470 -86.54 -0.74 -9.27
N PHE E 471 -85.49 -0.06 -8.81
CA PHE E 471 -84.75 -0.47 -7.63
C PHE E 471 -84.21 0.77 -6.94
N ASN E 472 -83.99 0.66 -5.63
CA ASN E 472 -83.52 1.78 -4.81
C ASN E 472 -82.01 1.69 -4.66
N VAL E 473 -81.34 2.82 -4.91
CA VAL E 473 -79.89 2.93 -4.77
C VAL E 473 -79.61 3.94 -3.67
N ARG E 474 -79.13 3.45 -2.53
CA ARG E 474 -78.85 4.28 -1.36
C ARG E 474 -77.36 4.17 -1.05
N PHE E 475 -76.59 5.14 -1.52
CA PHE E 475 -75.15 5.19 -1.29
C PHE E 475 -74.86 6.16 -0.15
N CYS E 476 -74.03 5.71 0.80
CA CYS E 476 -73.67 6.51 1.96
C CYS E 476 -72.21 6.93 1.89
N LEU E 477 -71.93 8.10 2.46
CA LEU E 477 -70.58 8.65 2.51
C LEU E 477 -70.23 9.04 3.93
N LYS E 478 -68.97 8.82 4.30
CA LYS E 478 -68.49 9.15 5.64
C LYS E 478 -67.01 9.49 5.55
N ALA E 479 -66.59 10.45 6.38
CA ALA E 479 -65.20 10.88 6.44
C ALA E 479 -64.74 10.93 7.88
N ASP E 480 -63.53 10.43 8.14
CA ASP E 480 -62.97 10.42 9.49
C ASP E 480 -61.46 10.44 9.38
N GLY E 481 -60.83 11.45 9.96
CA GLY E 481 -59.39 11.56 9.93
C GLY E 481 -58.83 12.58 10.90
N LYS E 482 -57.73 12.25 11.57
CA LYS E 482 -57.12 13.15 12.51
C LYS E 482 -56.29 14.21 11.80
N GLY E 483 -56.07 15.32 12.48
CA GLY E 483 -55.31 16.44 11.95
C GLY E 483 -56.11 17.72 11.93
N VAL E 484 -55.39 18.80 11.63
CA VAL E 484 -55.97 20.14 11.54
C VAL E 484 -56.27 20.42 10.07
N LEU E 485 -57.55 20.31 9.70
CA LEU E 485 -57.99 20.54 8.33
C LEU E 485 -59.47 20.86 8.34
N PRO E 486 -59.97 21.62 7.37
CA PRO E 486 -61.41 21.92 7.33
C PRO E 486 -62.23 20.65 7.15
N ARG E 487 -63.27 20.50 7.98
CA ARG E 487 -64.11 19.32 7.91
C ARG E 487 -65.03 19.34 6.69
N LYS E 488 -65.34 20.53 6.15
CA LYS E 488 -66.21 20.66 4.99
C LYS E 488 -65.48 20.13 3.76
N LEU E 489 -65.59 18.81 3.55
CA LEU E 489 -64.95 18.16 2.42
C LEU E 489 -65.91 18.14 1.24
N ASN E 490 -65.52 18.82 0.16
CA ASN E 490 -66.34 18.91 -1.06
C ASN E 490 -65.99 17.73 -1.95
N PHE E 491 -66.75 16.64 -1.79
CA PHE E 491 -66.55 15.43 -2.57
C PHE E 491 -67.33 15.51 -3.88
N GLN E 492 -66.66 15.17 -4.99
CA GLN E 492 -67.29 15.15 -6.30
C GLN E 492 -67.75 13.73 -6.57
N VAL E 493 -69.01 13.46 -6.26
CA VAL E 493 -69.59 12.14 -6.44
C VAL E 493 -70.00 11.97 -7.90
N GLU E 494 -69.41 10.98 -8.56
CA GLU E 494 -69.71 10.66 -9.96
C GLU E 494 -70.47 9.34 -10.00
N LEU E 495 -71.76 9.40 -10.28
CA LEU E 495 -72.62 8.23 -10.30
C LEU E 495 -72.59 7.59 -11.69
N LEU E 496 -72.18 6.33 -11.75
CA LEU E 496 -72.12 5.58 -13.00
C LEU E 496 -72.87 4.26 -12.84
N LEU E 497 -73.60 3.87 -13.87
CA LEU E 497 -74.38 2.65 -13.87
C LEU E 497 -73.96 1.76 -15.04
N ASP E 498 -73.94 0.45 -14.78
CA ASP E 498 -73.58 -0.55 -15.79
C ASP E 498 -72.20 -0.27 -16.37
N LYS E 499 -71.15 -0.68 -15.65
CA LYS E 499 -69.79 -0.44 -16.13
C LYS E 499 -69.44 -1.36 -17.30
N LEU E 500 -70.03 -2.57 -17.33
CA LEU E 500 -69.72 -3.49 -18.42
C LEU E 500 -70.27 -3.01 -19.75
N LYS E 501 -71.53 -2.59 -19.77
CA LYS E 501 -72.15 -2.11 -21.00
C LYS E 501 -71.96 -0.60 -21.14
N GLY E 502 -68.97 0.14 -23.39
CA GLY E 502 -68.94 -0.64 -24.62
C GLY E 502 -70.23 -0.53 -25.42
N ALA E 503 -71.22 -1.31 -25.02
CA ALA E 503 -72.51 -1.31 -25.70
C ALA E 503 -73.45 -0.32 -25.01
N ILE E 504 -74.75 -0.44 -25.24
CA ILE E 504 -75.72 0.46 -24.63
C ILE E 504 -75.96 0.02 -23.19
N ARG E 505 -75.92 0.98 -22.27
CA ARG E 505 -76.14 0.69 -20.87
C ARG E 505 -77.62 0.43 -20.60
N ARG E 506 -77.89 -0.47 -19.65
CA ARG E 506 -79.26 -0.86 -19.33
C ARG E 506 -79.80 -0.17 -18.09
N ALA E 507 -78.95 0.43 -17.26
CA ALA E 507 -79.36 1.08 -16.03
C ALA E 507 -79.17 2.58 -16.16
N LEU E 508 -80.22 3.34 -15.86
CA LEU E 508 -80.17 4.80 -15.90
C LEU E 508 -81.07 5.35 -14.80
N PHE E 509 -80.76 6.56 -14.37
CA PHE E 509 -81.50 7.20 -13.29
C PHE E 509 -82.82 7.77 -13.81
N LEU E 510 -83.66 8.17 -12.86
CA LEU E 510 -84.97 8.75 -13.16
C LEU E 510 -84.99 10.27 -13.03
N TYR E 511 -84.31 10.82 -12.02
CA TYR E 511 -84.30 12.26 -11.83
C TYR E 511 -83.47 12.99 -12.87
N SER E 512 -82.51 12.30 -13.50
CA SER E 512 -81.66 12.90 -14.52
C SER E 512 -81.85 12.30 -15.91
N ARG E 513 -82.41 11.09 -16.01
CA ARG E 513 -82.62 10.42 -17.29
C ARG E 513 -81.32 10.27 -18.07
N SER E 514 -80.25 9.90 -17.37
CA SER E 514 -78.94 9.73 -17.98
C SER E 514 -78.15 8.74 -17.14
N PRO E 515 -77.37 7.85 -17.78
CA PRO E 515 -76.58 6.89 -17.00
C PRO E 515 -75.51 7.56 -16.14
N SER E 516 -74.78 8.51 -16.70
CA SER E 516 -73.74 9.22 -15.97
C SER E 516 -74.35 10.44 -15.28
N HIS E 517 -74.17 10.54 -13.97
CA HIS E 517 -74.71 11.63 -13.17
C HIS E 517 -73.58 12.30 -12.39
N SER E 518 -73.66 13.62 -12.29
CA SER E 518 -72.67 14.41 -11.56
C SER E 518 -73.33 15.02 -10.32
N LYS E 519 -72.72 14.80 -9.16
CA LYS E 519 -73.25 15.29 -7.90
C LYS E 519 -72.12 15.91 -7.09
N ASN E 520 -72.43 17.03 -6.43
CA ASN E 520 -71.47 17.73 -5.57
C ASN E 520 -71.94 17.55 -4.13
N MET E 521 -71.28 16.65 -3.40
CA MET E 521 -71.67 16.32 -2.04
C MET E 521 -70.55 16.73 -1.10
N THR E 522 -70.78 17.80 -0.34
CA THR E 522 -69.82 18.31 0.63
C THR E 522 -70.24 17.83 2.01
N ILE E 523 -69.51 16.86 2.56
CA ILE E 523 -69.85 16.28 3.86
C ILE E 523 -68.91 16.85 4.92
N SER E 524 -69.10 16.45 6.17
CA SER E 524 -68.30 16.90 7.28
C SER E 524 -67.41 15.77 7.78
N ARG E 525 -66.22 16.14 8.26
CA ARG E 525 -65.26 15.18 8.78
C ARG E 525 -65.48 14.97 10.28
N GLY E 526 -65.53 13.71 10.69
CA GLY E 526 -65.72 13.37 12.09
C GLY E 526 -67.17 13.35 12.55
N GLY E 527 -68.11 13.84 11.75
CA GLY E 527 -69.50 13.86 12.13
C GLY E 527 -70.21 12.54 11.91
N LEU E 528 -71.38 12.59 11.31
CA LEU E 528 -72.17 11.40 11.02
C LEU E 528 -72.03 11.00 9.56
N MET E 529 -72.39 9.75 9.27
CA MET E 529 -72.32 9.22 7.92
C MET E 529 -73.45 9.81 7.08
N GLN E 530 -73.12 10.83 6.28
CA GLN E 530 -74.12 11.47 5.44
C GLN E 530 -74.43 10.57 4.25
N CYS E 531 -75.66 10.10 4.18
CA CYS E 531 -76.07 9.16 3.14
C CYS E 531 -77.07 9.82 2.19
N GLU E 532 -77.24 9.20 1.03
CA GLU E 532 -78.16 9.69 0.01
C GLU E 532 -78.85 8.50 -0.64
N GLU E 533 -80.15 8.62 -0.86
CA GLU E 533 -80.96 7.56 -1.45
C GLU E 533 -81.73 8.10 -2.64
N LEU E 534 -81.72 7.34 -3.73
CA LEU E 534 -82.45 7.70 -4.94
C LEU E 534 -83.04 6.43 -5.56
N ILE E 535 -83.83 6.61 -6.62
CA ILE E 535 -84.51 5.51 -7.29
C ILE E 535 -83.99 5.43 -8.72
N ALA E 536 -83.64 4.23 -9.15
CA ALA E 536 -83.17 3.98 -10.52
C ALA E 536 -83.91 2.79 -11.09
N TYR E 537 -84.52 2.97 -12.26
CA TYR E 537 -85.31 1.93 -12.89
C TYR E 537 -84.55 1.30 -14.05
N LEU E 538 -85.10 0.19 -14.55
CA LEU E 538 -84.52 -0.56 -15.65
C LEU E 538 -85.24 -0.25 -16.95
N ARG E 539 -84.54 -0.47 -18.06
CA ARG E 539 -85.11 -0.22 -19.38
C ARG E 539 -86.26 -1.18 -19.67
N ASP E 540 -86.97 -0.90 -20.76
CA ASP E 540 -88.10 -1.72 -21.16
C ASP E 540 -87.61 -3.07 -21.68
N GLU E 541 -88.53 -4.04 -21.71
CA GLU E 541 -88.19 -5.37 -22.18
C GLU E 541 -87.77 -5.37 -23.65
N SER E 542 -88.42 -4.53 -24.46
CA SER E 542 -88.12 -4.45 -25.89
C SER E 542 -86.96 -3.51 -26.20
N GLU E 543 -85.93 -3.47 -25.36
CA GLU E 543 -84.78 -2.61 -25.60
C GLU E 543 -83.49 -3.41 -25.51
N PHE E 544 -83.25 -4.06 -24.37
CA PHE E 544 -82.04 -4.83 -24.17
C PHE E 544 -82.21 -6.23 -24.76
N ARG E 545 -81.20 -7.08 -24.55
CA ARG E 545 -81.21 -8.43 -25.08
C ARG E 545 -80.78 -9.44 -24.01
N ASP E 546 -79.59 -9.24 -23.45
CA ASP E 546 -79.09 -10.16 -22.43
C ASP E 546 -79.86 -9.99 -21.12
N LYS E 547 -80.17 -11.12 -20.49
CA LYS E 547 -80.95 -11.13 -19.25
C LYS E 547 -80.22 -11.87 -18.14
N LEU E 548 -78.89 -12.01 -18.24
CA LEU E 548 -78.11 -12.71 -17.23
C LEU E 548 -76.95 -11.91 -16.67
N THR E 549 -76.67 -10.72 -17.20
CA THR E 549 -75.56 -9.92 -16.69
C THR E 549 -76.03 -9.05 -15.53
N PRO E 550 -75.39 -9.12 -14.37
CA PRO E 550 -75.79 -8.29 -13.24
C PRO E 550 -75.44 -6.83 -13.48
N ILE E 551 -76.23 -5.95 -12.86
CA ILE E 551 -76.02 -4.51 -12.98
C ILE E 551 -74.90 -4.10 -12.03
N THR E 552 -73.76 -3.70 -12.59
CA THR E 552 -72.61 -3.28 -11.81
C THR E 552 -72.63 -1.76 -11.68
N ILE E 553 -73.01 -1.28 -10.50
CA ILE E 553 -73.05 0.16 -10.23
C ILE E 553 -71.65 0.61 -9.82
N PHE E 554 -71.12 1.59 -10.56
CA PHE E 554 -69.77 2.10 -10.33
C PHE E 554 -69.85 3.58 -9.96
N MET E 555 -69.52 3.90 -8.71
CA MET E 555 -69.51 5.27 -8.22
C MET E 555 -68.07 5.69 -7.96
N GLU E 556 -67.69 6.83 -8.53
CA GLU E 556 -66.32 7.35 -8.41
C GLU E 556 -66.40 8.80 -7.96
N TYR E 557 -65.98 9.06 -6.72
CA TYR E 557 -65.95 10.40 -6.16
C TYR E 557 -64.52 10.88 -6.02
N ARG E 558 -64.32 12.19 -6.16
CA ARG E 558 -63.01 12.79 -6.07
C ARG E 558 -63.10 14.11 -5.31
N LEU E 559 -62.32 14.23 -4.24
CA LEU E 559 -62.32 15.45 -3.43
C LEU E 559 -61.81 16.63 -4.25
N ASP E 560 -62.65 17.66 -4.38
CA ASP E 560 -62.30 18.85 -5.13
C ASP E 560 -61.32 19.69 -4.31
N TYR E 561 -60.08 19.80 -4.80
CA TYR E 561 -59.02 20.53 -4.10
C TYR E 561 -59.19 22.02 -4.38
N ARG E 562 -60.07 22.66 -3.62
CA ARG E 562 -60.31 24.09 -3.76
C ARG E 562 -60.36 24.77 -2.40
N THR E 563 -61.45 24.52 -1.65
CA THR E 563 -61.63 25.11 -0.32
C THR E 563 -61.10 24.23 0.79
N ALA E 564 -60.24 23.27 0.47
CA ALA E 564 -59.67 22.37 1.46
C ALA E 564 -58.37 22.89 2.07
N ALA E 565 -57.98 24.12 1.76
CA ALA E 565 -56.76 24.70 2.30
C ALA E 565 -57.09 25.65 3.46
N ASP E 566 -56.25 25.62 4.48
CA ASP E 566 -56.45 26.46 5.65
C ASP E 566 -55.11 26.65 6.35
N THR E 567 -54.91 27.86 6.89
CA THR E 567 -53.70 28.22 7.62
C THR E 567 -52.44 27.98 6.78
N THR E 568 -51.99 26.72 6.72
CA THR E 568 -50.79 26.40 5.96
C THR E 568 -51.04 26.32 4.46
N GLY E 569 -52.30 26.17 4.04
CA GLY E 569 -52.61 26.09 2.63
C GLY E 569 -52.15 24.80 1.97
N LEU E 570 -52.39 23.66 2.62
CA LEU E 570 -51.97 22.36 2.12
C LEU E 570 -53.20 21.52 1.78
N GLN E 571 -53.16 20.88 0.61
CA GLN E 571 -54.28 20.07 0.17
C GLN E 571 -54.21 18.69 0.82
N PRO E 572 -55.25 18.24 1.51
CA PRO E 572 -55.22 16.92 2.13
C PRO E 572 -55.23 15.81 1.07
N ILE E 573 -54.93 14.60 1.53
CA ILE E 573 -54.88 13.42 0.67
C ILE E 573 -55.66 12.30 1.35
N LEU E 574 -56.11 11.35 0.53
CA LEU E 574 -56.87 10.21 1.03
C LEU E 574 -55.94 9.20 1.70
N ASN E 575 -56.53 8.14 2.22
CA ASN E 575 -55.78 7.10 2.90
C ASN E 575 -55.09 6.18 1.89
N GLN E 576 -54.01 5.56 2.33
CA GLN E 576 -53.25 4.66 1.47
C GLN E 576 -54.01 3.34 1.28
N PHE E 577 -53.85 2.76 0.09
CA PHE E 577 -54.50 1.49 -0.27
C PHE E 577 -56.01 1.57 -0.09
N THR E 578 -56.58 2.72 -0.45
CA THR E 578 -58.02 2.96 -0.36
C THR E 578 -58.49 3.66 -1.63
N PRO E 579 -59.07 2.92 -2.58
CA PRO E 579 -59.54 3.57 -3.81
C PRO E 579 -60.71 4.51 -3.52
N ALA E 580 -60.80 5.55 -4.35
CA ALA E 580 -61.85 6.55 -4.24
C ALA E 580 -63.09 6.18 -5.06
N ASN E 581 -63.23 4.92 -5.46
CA ASN E 581 -64.37 4.48 -6.24
C ASN E 581 -64.76 3.06 -5.82
N ILE E 582 -66.06 2.79 -5.85
CA ILE E 582 -66.60 1.49 -5.49
C ILE E 582 -67.55 1.03 -6.59
N SER E 583 -67.91 -0.26 -6.54
CA SER E 583 -68.79 -0.83 -7.54
C SER E 583 -69.43 -2.08 -6.96
N ARG E 584 -70.75 -2.19 -7.11
CA ARG E 584 -71.50 -3.35 -6.64
C ARG E 584 -72.21 -4.01 -7.82
N GLN E 585 -72.93 -5.09 -7.53
CA GLN E 585 -73.65 -5.85 -8.55
C GLN E 585 -75.09 -6.04 -8.12
N ALA E 586 -75.94 -6.32 -9.11
CA ALA E 586 -77.37 -6.56 -8.89
C ALA E 586 -77.81 -7.69 -9.81
N HIS E 587 -78.16 -8.83 -9.21
CA HIS E 587 -78.56 -9.99 -9.98
C HIS E 587 -79.96 -9.78 -10.59
N ILE E 588 -80.14 -10.31 -11.79
CA ILE E 588 -81.40 -10.24 -12.51
C ILE E 588 -81.84 -11.66 -12.82
N LEU E 589 -82.89 -12.12 -12.16
CA LEU E 589 -83.39 -13.47 -12.36
C LEU E 589 -84.14 -13.58 -13.68
N LEU E 590 -84.28 -14.82 -14.16
CA LEU E 590 -84.98 -15.07 -15.41
C LEU E 590 -85.85 -16.32 -15.30
N GLY F 1 -21.14 -27.69 -73.88
CA GLY F 1 -21.22 -26.26 -74.10
C GLY F 1 -20.17 -25.75 -75.07
N CYS F 2 -19.46 -26.67 -75.72
CA CYS F 2 -18.43 -26.35 -76.68
C CYS F 2 -18.84 -26.59 -78.12
N ALA F 3 -20.10 -27.00 -78.35
CA ALA F 3 -20.57 -27.26 -79.70
C ALA F 3 -20.98 -25.94 -80.36
N LEU F 4 -20.58 -25.78 -81.62
CA LEU F 4 -20.88 -24.58 -82.40
C LEU F 4 -20.41 -23.32 -81.69
N GLY F 5 -19.10 -23.08 -81.69
CA GLY F 5 -18.55 -21.91 -81.05
C GLY F 5 -17.58 -21.14 -81.92
N GLY F 6 -17.10 -21.78 -82.99
CA GLY F 6 -16.17 -21.14 -83.91
C GLY F 6 -14.77 -21.02 -83.35
N THR F 9 -12.65 -16.27 -84.88
CA THR F 9 -11.72 -15.87 -83.84
C THR F 9 -11.34 -17.05 -82.95
N CYS F 10 -10.03 -17.27 -82.81
CA CYS F 10 -9.55 -18.39 -82.00
C CYS F 10 -9.76 -18.16 -80.51
N GLU F 11 -9.87 -16.90 -80.08
CA GLU F 11 -10.06 -16.62 -78.66
C GLU F 11 -11.47 -16.99 -78.20
N ASP F 12 -12.46 -16.93 -79.10
CA ASP F 12 -13.82 -17.28 -78.73
C ASP F 12 -13.94 -18.74 -78.32
N CYS F 13 -13.19 -19.63 -78.99
CA CYS F 13 -13.19 -21.03 -78.60
C CYS F 13 -12.63 -21.22 -77.20
N LEU F 14 -11.64 -20.43 -76.82
CA LEU F 14 -11.08 -20.48 -75.47
C LEU F 14 -11.91 -19.70 -74.47
N LEU F 15 -12.91 -18.93 -74.93
CA LEU F 15 -13.72 -18.10 -74.05
C LEU F 15 -15.09 -18.71 -73.77
N ILE F 16 -15.62 -19.52 -74.68
CA ILE F 16 -16.96 -20.08 -74.49
C ILE F 16 -16.99 -21.09 -73.37
N GLY F 17 -15.89 -21.79 -73.13
CA GLY F 17 -15.83 -22.79 -72.10
C GLY F 17 -14.42 -23.25 -71.79
N PRO F 18 -14.19 -23.70 -70.56
CA PRO F 18 -12.85 -24.16 -70.16
C PRO F 18 -12.49 -25.51 -70.77
N GLN F 19 -13.49 -26.35 -70.98
CA GLN F 19 -13.26 -27.69 -71.52
C GLN F 19 -13.26 -27.73 -73.05
N CYS F 20 -13.31 -26.57 -73.70
CA CYS F 20 -13.32 -26.53 -75.16
C CYS F 20 -11.91 -26.67 -75.71
N ALA F 21 -11.81 -27.32 -76.86
CA ALA F 21 -10.53 -27.55 -77.53
C ALA F 21 -10.55 -26.91 -78.91
N TRP F 22 -9.37 -26.49 -79.35
CA TRP F 22 -9.20 -25.84 -80.64
C TRP F 22 -8.10 -26.53 -81.43
N CYS F 23 -8.30 -26.68 -82.74
CA CYS F 23 -7.33 -27.29 -83.63
C CYS F 23 -7.08 -26.34 -84.80
N ALA F 24 -5.86 -25.84 -84.90
CA ALA F 24 -5.49 -24.92 -85.98
C ALA F 24 -4.92 -25.67 -87.16
N ARG F 37 -11.82 -25.85 -85.88
CA ARG F 37 -12.82 -26.60 -85.12
C ARG F 37 -12.67 -26.34 -83.63
N CYS F 38 -13.79 -26.41 -82.90
CA CYS F 38 -13.81 -26.17 -81.46
C CYS F 38 -14.69 -27.25 -80.83
N ASP F 39 -14.06 -28.21 -80.17
CA ASP F 39 -14.78 -29.31 -79.55
C ASP F 39 -13.96 -29.84 -78.38
N THR F 40 -14.65 -30.50 -77.46
CA THR F 40 -13.99 -31.06 -76.28
C THR F 40 -13.08 -32.21 -76.69
N PRO F 41 -11.91 -32.35 -76.04
CA PRO F 41 -10.97 -33.44 -76.33
C PRO F 41 -11.56 -34.82 -76.09
N CYS F 49 -6.20 -33.92 -86.60
CA CYS F 49 -5.50 -32.97 -85.76
C CYS F 49 -4.46 -33.66 -84.87
N GLN F 50 -3.21 -33.25 -85.01
CA GLN F 50 -2.12 -33.84 -84.24
C GLN F 50 -2.09 -33.25 -82.83
N LEU F 51 -1.13 -33.72 -82.03
CA LEU F 51 -0.99 -33.25 -80.66
C LEU F 51 -0.31 -31.90 -80.57
N ASN F 52 0.43 -31.49 -81.61
CA ASN F 52 1.11 -30.20 -81.57
C ASN F 52 0.14 -29.05 -81.79
N PHE F 53 -0.95 -29.29 -82.53
CA PHE F 53 -1.94 -28.25 -82.79
C PHE F 53 -2.93 -28.07 -81.65
N ILE F 54 -2.91 -28.95 -80.64
CA ILE F 54 -3.82 -28.85 -79.51
C ILE F 54 -3.31 -27.75 -78.59
N GLU F 55 -4.02 -26.62 -78.55
CA GLU F 55 -3.66 -25.47 -77.72
C GLU F 55 -4.83 -25.19 -76.77
N ASN F 56 -4.71 -25.68 -75.53
CA ASN F 56 -5.73 -25.50 -74.51
C ASN F 56 -5.09 -24.89 -73.27
N PRO F 57 -4.90 -23.56 -73.26
CA PRO F 57 -4.31 -22.91 -72.08
C PRO F 57 -5.26 -22.90 -70.89
N VAL F 58 -5.35 -24.02 -70.18
CA VAL F 58 -6.24 -24.10 -69.03
C VAL F 58 -5.68 -23.27 -67.87
N SER F 59 -6.56 -22.91 -66.94
CA SER F 59 -6.15 -22.14 -65.78
C SER F 59 -5.22 -22.96 -64.90
N GLN F 60 -4.07 -22.38 -64.56
CA GLN F 60 -3.07 -23.07 -63.75
C GLN F 60 -2.18 -22.05 -63.07
N VAL F 61 -1.65 -22.42 -61.91
CA VAL F 61 -0.77 -21.57 -61.14
C VAL F 61 0.58 -22.24 -61.00
N GLU F 62 1.63 -21.43 -60.82
CA GLU F 62 2.99 -21.93 -60.66
C GLU F 62 3.62 -21.26 -59.45
N ILE F 63 4.18 -22.06 -58.55
CA ILE F 63 4.82 -21.55 -57.36
C ILE F 63 6.19 -20.99 -57.71
N LEU F 64 6.65 -20.03 -56.90
CA LEU F 64 7.95 -19.41 -57.11
C LEU F 64 8.79 -19.48 -55.84
N LYS F 65 8.22 -19.08 -54.71
CA LYS F 65 8.89 -19.11 -53.42
C LYS F 65 8.01 -19.82 -52.40
N ASN F 66 7.64 -21.06 -52.73
CA ASN F 66 6.79 -21.86 -51.86
C ASN F 66 7.60 -22.40 -50.68
N LYS F 67 6.99 -22.37 -49.50
CA LYS F 67 7.64 -22.84 -48.28
C LYS F 67 6.57 -23.49 -47.39
N PRO F 68 6.82 -24.67 -46.86
CA PRO F 68 5.81 -25.33 -46.01
C PRO F 68 5.65 -24.59 -44.69
N LEU F 69 4.57 -24.95 -43.98
CA LEU F 69 4.26 -24.31 -42.72
C LEU F 69 5.26 -24.71 -41.64
N SER F 70 5.42 -23.84 -40.65
CA SER F 70 6.32 -24.09 -39.54
C SER F 70 5.81 -23.35 -38.31
N VAL F 71 5.97 -23.99 -37.15
CA VAL F 71 5.51 -23.41 -35.89
C VAL F 71 6.42 -23.90 -34.78
N GLY F 72 6.81 -22.97 -33.90
CA GLY F 72 7.68 -23.31 -32.79
C GLY F 72 8.30 -22.10 -32.13
N ARG F 73 7.62 -20.96 -32.21
CA ARG F 73 8.06 -19.70 -31.62
C ARG F 73 9.43 -19.29 -32.17
N GLN F 74 9.43 -18.56 -33.28
CA GLN F 74 10.65 -18.09 -33.91
C GLN F 74 10.79 -16.59 -33.75
N LYS F 75 12.04 -16.13 -33.68
CA LYS F 75 12.32 -14.71 -33.51
C LYS F 75 12.39 -13.95 -34.83
N ASN F 76 13.03 -14.54 -35.84
CA ASN F 76 13.14 -13.89 -37.13
C ASN F 76 11.80 -13.88 -37.85
N SER F 77 11.42 -12.73 -38.39
CA SER F 77 10.14 -12.60 -39.08
C SER F 77 10.16 -13.22 -40.47
N SER F 78 11.32 -13.29 -41.13
CA SER F 78 11.41 -13.87 -42.46
C SER F 78 11.29 -15.38 -42.44
N ASP F 79 11.55 -16.02 -41.31
CA ASP F 79 11.45 -17.48 -41.21
C ASP F 79 10.06 -17.96 -40.80
N ILE F 80 9.26 -17.10 -40.18
CA ILE F 80 7.92 -17.47 -39.76
C ILE F 80 7.01 -17.51 -40.99
N VAL F 81 6.36 -18.66 -41.21
CA VAL F 81 5.46 -18.84 -42.35
C VAL F 81 4.07 -18.47 -41.86
N GLN F 82 3.70 -17.20 -42.03
CA GLN F 82 2.37 -16.75 -41.61
C GLN F 82 1.31 -17.10 -42.63
N ILE F 83 1.68 -17.19 -43.91
CA ILE F 83 0.73 -17.54 -44.97
C ILE F 83 1.48 -18.23 -46.10
N ALA F 84 0.97 -19.38 -46.55
CA ALA F 84 1.60 -20.15 -47.60
C ALA F 84 0.65 -20.30 -48.79
N PRO F 85 1.15 -20.13 -50.03
CA PRO F 85 2.54 -19.77 -50.31
C PRO F 85 2.80 -18.27 -50.25
N GLN F 86 3.91 -17.82 -50.82
CA GLN F 86 4.26 -16.41 -50.85
C GLN F 86 4.30 -15.89 -52.29
N SER F 87 5.37 -16.15 -53.04
CA SER F 87 5.47 -15.74 -54.42
C SER F 87 4.90 -16.82 -55.33
N LEU F 88 3.97 -16.44 -56.20
CA LEU F 88 3.30 -17.39 -57.08
C LEU F 88 2.75 -16.64 -58.29
N ILE F 89 3.02 -17.18 -59.48
CA ILE F 89 2.51 -16.61 -60.73
C ILE F 89 1.22 -17.33 -61.10
N LEU F 90 0.17 -16.56 -61.38
CA LEU F 90 -1.15 -17.10 -61.66
C LEU F 90 -1.57 -16.72 -63.07
N LYS F 91 -2.08 -17.70 -63.82
CA LYS F 91 -2.60 -17.47 -65.16
C LYS F 91 -3.87 -18.31 -65.32
N LEU F 92 -4.96 -17.65 -65.68
CA LEU F 92 -6.26 -18.29 -65.79
C LEU F 92 -6.69 -18.40 -67.24
N ARG F 93 -7.86 -19.02 -67.44
CA ARG F 93 -8.45 -19.22 -68.74
C ARG F 93 -9.82 -18.53 -68.79
N PRO F 94 -10.12 -17.78 -69.84
CA PRO F 94 -11.43 -17.10 -69.91
C PRO F 94 -12.60 -18.07 -69.92
N GLY F 95 -13.26 -18.21 -68.77
CA GLY F 95 -14.38 -19.12 -68.62
C GLY F 95 -14.16 -20.21 -67.59
N GLY F 96 -12.93 -20.46 -67.16
CA GLY F 96 -12.67 -21.48 -66.17
C GLY F 96 -12.14 -20.92 -64.86
N ALA F 97 -12.18 -21.73 -63.81
CA ALA F 97 -11.74 -21.35 -62.48
C ALA F 97 -10.53 -22.18 -62.06
N GLN F 98 -9.94 -21.80 -60.93
CA GLN F 98 -8.78 -22.49 -60.38
C GLN F 98 -8.92 -22.59 -58.87
N THR F 99 -8.72 -23.78 -58.33
CA THR F 99 -8.83 -24.01 -56.90
C THR F 99 -7.45 -23.86 -56.26
N LEU F 100 -7.32 -22.93 -55.33
CA LEU F 100 -6.08 -22.69 -54.62
C LEU F 100 -6.15 -23.22 -53.20
N GLN F 101 -4.99 -23.54 -52.64
CA GLN F 101 -4.87 -24.08 -51.28
C GLN F 101 -3.96 -23.14 -50.49
N VAL F 102 -4.55 -22.15 -49.84
CA VAL F 102 -3.81 -21.19 -49.03
C VAL F 102 -3.70 -21.74 -47.61
N HIS F 103 -2.47 -22.04 -47.19
CA HIS F 103 -2.20 -22.59 -45.87
C HIS F 103 -1.79 -21.46 -44.95
N VAL F 104 -2.59 -21.21 -43.91
CA VAL F 104 -2.34 -20.17 -42.92
C VAL F 104 -2.19 -20.83 -41.57
N ARG F 105 -1.05 -20.64 -40.93
CA ARG F 105 -0.77 -21.20 -39.62
C ARG F 105 -0.21 -20.12 -38.71
N GLN F 106 -0.79 -19.99 -37.52
CA GLN F 106 -0.32 -19.00 -36.56
C GLN F 106 0.88 -19.52 -35.79
N THR F 107 1.62 -18.58 -35.19
CA THR F 107 2.81 -18.90 -34.41
C THR F 107 2.64 -18.38 -32.98
N GLU F 108 3.54 -18.81 -32.11
CA GLU F 108 3.52 -18.40 -30.72
C GLU F 108 4.06 -16.98 -30.56
N ASP F 109 7.64 -13.37 -33.73
CA ASP F 109 6.49 -13.69 -32.89
C ASP F 109 5.18 -13.46 -33.63
N TYR F 110 4.06 -13.68 -32.94
CA TYR F 110 2.74 -13.50 -33.55
C TYR F 110 2.41 -12.02 -33.69
N PRO F 111 0.04 -11.27 -27.11
CA PRO F 111 -0.69 -10.03 -26.84
C PRO F 111 -1.18 -9.92 -25.40
N VAL F 112 -0.27 -9.62 -24.48
CA VAL F 112 -0.59 -9.48 -23.06
C VAL F 112 -0.10 -8.11 -22.59
N ASP F 113 -1.01 -7.33 -22.01
CA ASP F 113 -0.71 -6.01 -21.49
C ASP F 113 -0.74 -6.08 -19.98
N LEU F 114 0.41 -6.41 -19.38
CA LEU F 114 0.52 -6.53 -17.93
C LEU F 114 0.80 -5.15 -17.32
N TYR F 115 0.06 -4.82 -16.27
CA TYR F 115 0.20 -3.55 -15.57
C TYR F 115 0.69 -3.83 -14.16
N TYR F 116 1.97 -3.53 -13.90
CA TYR F 116 2.54 -3.76 -12.58
C TYR F 116 2.06 -2.69 -11.61
N LEU F 117 1.47 -3.13 -10.50
CA LEU F 117 0.97 -2.23 -9.47
C LEU F 117 1.50 -2.68 -8.12
N MET F 118 2.14 -1.76 -7.38
CA MET F 118 2.73 -2.08 -6.10
C MET F 118 2.39 -0.99 -5.10
N ASP F 119 2.03 -1.40 -3.89
CA ASP F 119 1.73 -0.45 -2.82
C ASP F 119 3.02 0.14 -2.25
N LEU F 120 2.94 1.39 -1.83
CA LEU F 120 4.06 2.11 -1.24
C LEU F 120 3.72 2.43 0.22
N SER F 121 3.90 1.44 1.08
CA SER F 121 3.65 1.58 2.52
C SER F 121 4.90 1.18 3.29
N ALA F 122 4.78 1.16 4.62
CA ALA F 122 5.93 0.79 5.45
C ALA F 122 6.26 -0.68 5.32
N SER F 123 5.26 -1.52 5.10
CA SER F 123 5.48 -2.96 4.97
C SER F 123 5.97 -3.36 3.58
N MET F 124 6.15 -2.41 2.67
CA MET F 124 6.60 -2.69 1.31
C MET F 124 8.03 -2.21 1.08
N ASP F 125 8.81 -2.01 2.14
CA ASP F 125 10.17 -1.50 1.99
C ASP F 125 11.13 -2.60 1.55
N ASP F 126 11.21 -3.68 2.33
CA ASP F 126 12.13 -4.76 2.00
C ASP F 126 11.68 -5.57 0.79
N ASP F 127 10.40 -5.50 0.43
CA ASP F 127 9.88 -6.26 -0.70
C ASP F 127 10.57 -5.91 -2.01
N LEU F 128 11.15 -4.71 -2.10
CA LEU F 128 11.88 -4.33 -3.31
C LEU F 128 13.14 -5.13 -3.51
N ASN F 129 13.67 -5.76 -2.44
CA ASN F 129 14.91 -6.52 -2.55
C ASN F 129 14.85 -7.60 -3.63
N THR F 130 13.66 -8.07 -3.97
CA THR F 130 13.49 -9.01 -5.08
C THR F 130 12.98 -8.36 -6.35
N ILE F 131 12.30 -7.23 -6.25
CA ILE F 131 11.72 -6.55 -7.42
C ILE F 131 12.67 -5.51 -8.01
N LYS F 132 13.87 -5.35 -7.43
CA LYS F 132 14.83 -4.40 -7.99
C LYS F 132 15.33 -4.83 -9.36
N GLU F 133 15.21 -6.11 -9.71
CA GLU F 133 15.60 -6.64 -11.00
C GLU F 133 14.73 -7.87 -11.27
N LEU F 134 13.46 -7.62 -11.58
CA LEU F 134 12.48 -8.68 -11.80
C LEU F 134 11.94 -8.73 -13.22
N GLY F 135 11.82 -7.58 -13.88
CA GLY F 135 11.29 -7.55 -15.24
C GLY F 135 12.18 -8.23 -16.26
N SER F 136 13.47 -8.40 -15.97
CA SER F 136 14.37 -9.06 -16.91
C SER F 136 14.02 -10.52 -17.08
N ARG F 137 13.74 -11.23 -15.98
CA ARG F 137 13.36 -12.63 -16.04
C ARG F 137 11.87 -12.82 -16.29
N LEU F 138 11.02 -11.91 -15.78
CA LEU F 138 9.59 -12.02 -16.03
C LEU F 138 9.26 -11.77 -17.50
N SER F 139 9.92 -10.78 -18.10
CA SER F 139 9.69 -10.52 -19.52
C SER F 139 10.23 -11.67 -20.39
N LYS F 140 11.24 -12.38 -19.90
CA LYS F 140 11.77 -13.52 -20.64
C LYS F 140 10.84 -14.74 -20.54
N GLU F 141 10.34 -15.01 -19.33
CA GLU F 141 9.41 -16.12 -19.17
C GLU F 141 8.12 -15.85 -19.93
N MET F 142 7.56 -14.65 -19.78
CA MET F 142 6.37 -14.29 -20.54
C MET F 142 6.65 -14.19 -22.04
N SER F 143 7.90 -13.93 -22.43
CA SER F 143 8.25 -13.96 -23.84
C SER F 143 8.30 -15.39 -24.38
N LYS F 144 8.71 -16.35 -23.55
CA LYS F 144 8.72 -17.74 -23.96
C LYS F 144 7.34 -18.39 -23.83
N LEU F 145 6.42 -17.78 -23.09
CA LEU F 145 5.07 -18.29 -22.96
C LEU F 145 4.05 -17.52 -23.79
N THR F 146 4.37 -16.30 -24.21
CA THR F 146 3.46 -15.49 -25.01
C THR F 146 4.28 -14.66 -25.99
N SER F 147 3.71 -14.43 -27.17
CA SER F 147 4.38 -13.64 -28.20
C SER F 147 4.61 -12.21 -27.73
N ASN F 148 3.57 -11.37 -27.80
CA ASN F 148 3.68 -9.99 -27.38
C ASN F 148 3.42 -9.86 -25.89
N PHE F 149 4.22 -9.03 -25.22
CA PHE F 149 4.10 -8.82 -23.79
C PHE F 149 4.64 -7.43 -23.46
N ARG F 150 3.91 -6.72 -22.59
CA ARG F 150 4.29 -5.38 -22.17
C ARG F 150 4.39 -5.33 -20.65
N LEU F 151 5.27 -4.46 -20.16
CA LEU F 151 5.51 -4.29 -18.74
C LEU F 151 5.12 -2.88 -18.33
N GLY F 152 4.22 -2.77 -17.35
CA GLY F 152 3.74 -1.48 -16.89
C GLY F 152 4.38 -1.07 -15.57
N PHE F 153 3.84 0.00 -15.01
CA PHE F 153 4.33 0.53 -13.75
C PHE F 153 3.20 1.25 -13.03
N GLY F 154 3.13 1.09 -11.71
CA GLY F 154 2.11 1.73 -10.91
C GLY F 154 2.60 1.97 -9.50
N SER F 155 2.06 3.01 -8.87
CA SER F 155 2.45 3.37 -7.52
C SER F 155 1.32 4.16 -6.87
N PHE F 156 1.02 3.84 -5.61
CA PHE F 156 -0.03 4.53 -4.87
C PHE F 156 0.29 4.45 -3.39
N VAL F 157 0.00 5.53 -2.66
CA VAL F 157 0.23 5.58 -1.23
C VAL F 157 -1.09 5.82 -0.51
N GLU F 158 -1.44 7.08 -0.27
CA GLU F 158 -2.65 7.44 0.44
C GLU F 158 -2.91 8.92 0.23
N LYS F 159 -4.16 9.31 0.40
CA LYS F 159 -4.55 10.71 0.28
C LYS F 159 -3.90 11.52 1.38
N PRO F 160 -3.09 12.55 1.06
CA PRO F 160 -2.41 13.32 2.10
C PRO F 160 -3.35 14.24 2.88
N VAL F 161 -4.45 13.69 3.39
CA VAL F 161 -5.42 14.44 4.17
C VAL F 161 -5.71 13.68 5.45
N SER F 162 -5.84 14.41 6.56
CA SER F 162 -6.18 13.79 7.83
C SER F 162 -7.55 13.12 7.75
N PRO F 163 -7.77 12.03 8.52
CA PRO F 163 -6.84 11.43 9.48
C PRO F 163 -5.87 10.44 8.85
N PHE F 164 -5.90 10.32 7.53
CA PHE F 164 -5.00 9.39 6.84
C PHE F 164 -3.55 9.83 6.98
N VAL F 165 -3.22 11.01 6.44
CA VAL F 165 -1.89 11.58 6.52
C VAL F 165 -2.01 12.98 7.09
N LYS F 166 -1.16 13.31 8.06
CA LYS F 166 -1.20 14.62 8.69
C LYS F 166 -0.84 15.70 7.69
N THR F 167 -1.58 16.81 7.73
CA THR F 167 -1.39 17.93 6.81
C THR F 167 -0.33 18.91 7.30
N THR F 168 0.47 18.54 8.29
CA THR F 168 1.52 19.42 8.78
C THR F 168 2.70 19.43 7.80
N PRO F 169 3.47 20.52 7.78
CA PRO F 169 4.62 20.58 6.85
C PRO F 169 5.65 19.50 7.09
N GLU F 170 5.76 18.97 8.31
CA GLU F 170 6.72 17.92 8.62
C GLU F 170 6.16 16.53 8.36
N GLU F 171 4.96 16.42 7.77
CA GLU F 171 4.38 15.12 7.45
C GLU F 171 3.98 14.98 5.98
N ILE F 172 3.70 16.07 5.26
CA ILE F 172 3.34 15.95 3.86
C ILE F 172 4.57 15.64 3.02
N ALA F 173 5.65 16.41 3.20
CA ALA F 173 6.88 16.17 2.45
C ALA F 173 7.62 14.93 2.94
N ASN F 174 7.37 14.48 4.17
CA ASN F 174 8.02 13.31 4.71
C ASN F 174 7.16 12.69 5.81
N PRO F 175 6.40 11.64 5.50
CA PRO F 175 5.57 11.00 6.54
C PRO F 175 6.37 10.20 7.55
N CYS F 176 7.66 9.95 7.30
CA CYS F 176 8.49 9.17 8.21
C CYS F 176 9.14 10.11 9.24
N SER F 177 8.28 10.68 10.09
CA SER F 177 8.72 11.59 11.14
C SER F 177 9.00 10.89 12.46
N SER F 178 8.13 9.98 12.88
CA SER F 178 8.34 9.25 14.13
C SER F 178 9.51 8.29 14.02
N ILE F 179 9.83 7.82 12.83
CA ILE F 179 10.95 6.91 12.59
C ILE F 179 12.07 7.71 11.94
N PRO F 180 13.29 7.69 12.49
CA PRO F 180 14.39 8.46 11.90
C PRO F 180 14.83 7.92 10.55
N TYR F 181 14.08 8.26 9.50
CA TYR F 181 14.40 7.82 8.15
C TYR F 181 13.76 8.77 7.16
N PHE F 182 14.46 8.99 6.05
CA PHE F 182 13.99 9.91 5.02
C PHE F 182 13.19 9.13 3.98
N CYS F 183 11.91 9.49 3.83
CA CYS F 183 11.01 8.83 2.90
C CYS F 183 10.51 9.83 1.87
N LEU F 184 9.85 9.32 0.84
CA LEU F 184 9.28 10.17 -0.19
C LEU F 184 7.98 10.81 0.30
N PRO F 185 7.62 11.98 -0.23
CA PRO F 185 6.37 12.62 0.18
C PRO F 185 5.16 11.80 -0.22
N THR F 186 4.12 11.88 0.60
CA THR F 186 2.91 11.10 0.36
C THR F 186 2.13 11.68 -0.81
N PHE F 187 1.71 10.83 -1.74
CA PHE F 187 0.93 11.23 -2.89
C PHE F 187 -0.19 10.21 -3.11
N GLY F 188 -1.03 10.48 -4.11
CA GLY F 188 -2.15 9.61 -4.41
C GLY F 188 -1.81 8.56 -5.44
N PHE F 189 -1.53 8.99 -6.68
CA PHE F 189 -1.20 8.07 -7.76
C PHE F 189 -0.39 8.82 -8.81
N LYS F 190 0.73 8.23 -9.22
CA LYS F 190 1.60 8.83 -10.22
C LYS F 190 1.96 7.78 -11.25
N HIS F 191 1.38 7.88 -12.44
CA HIS F 191 1.69 6.98 -13.55
C HIS F 191 2.85 7.58 -14.34
N ILE F 192 4.06 7.30 -13.88
CA ILE F 192 5.26 7.89 -14.47
C ILE F 192 5.52 7.29 -15.84
N LEU F 193 6.03 6.07 -15.87
CA LEU F 193 6.39 5.42 -17.13
C LEU F 193 5.27 4.51 -17.58
N PRO F 194 4.63 4.79 -18.73
CA PRO F 194 3.59 3.88 -19.24
C PRO F 194 4.20 2.56 -19.70
N LEU F 195 3.31 1.61 -19.97
CA LEU F 195 3.75 0.30 -20.44
C LEU F 195 4.19 0.38 -21.89
N THR F 196 5.20 -0.43 -22.23
CA THR F 196 5.76 -0.47 -23.57
C THR F 196 6.39 -1.84 -23.78
N ASN F 197 7.11 -1.99 -24.89
CA ASN F 197 7.76 -3.25 -25.23
C ASN F 197 9.07 -3.45 -24.49
N ASP F 198 9.56 -2.45 -23.77
CA ASP F 198 10.81 -2.58 -23.05
C ASP F 198 10.62 -3.41 -21.78
N ALA F 199 11.74 -3.80 -21.18
CA ALA F 199 11.73 -4.63 -19.97
C ALA F 199 12.47 -3.96 -18.82
N GLU F 200 13.77 -3.67 -18.97
CA GLU F 200 14.54 -3.06 -17.90
C GLU F 200 14.24 -1.57 -17.73
N ARG F 201 13.53 -0.96 -18.69
CA ARG F 201 13.24 0.47 -18.60
C ARG F 201 12.36 0.77 -17.39
N PHE F 202 11.39 -0.11 -17.11
CA PHE F 202 10.56 0.08 -15.92
C PHE F 202 11.30 -0.32 -14.65
N ASN F 203 12.21 -1.30 -14.74
CA ASN F 203 13.02 -1.67 -13.59
C ASN F 203 13.92 -0.52 -13.15
N GLU F 204 14.43 0.27 -14.11
CA GLU F 204 15.20 1.45 -13.75
C GLU F 204 14.34 2.46 -13.00
N ILE F 205 13.06 2.58 -13.38
CA ILE F 205 12.16 3.46 -12.67
C ILE F 205 11.88 2.94 -11.27
N VAL F 206 11.79 1.61 -11.13
CA VAL F 206 11.57 1.03 -9.80
C VAL F 206 12.78 1.26 -8.90
N LYS F 207 13.99 1.15 -9.47
CA LYS F 207 15.19 1.34 -8.66
C LYS F 207 15.37 2.80 -8.25
N ASN F 208 14.83 3.74 -9.03
CA ASN F 208 14.96 5.15 -8.67
C ASN F 208 13.96 5.55 -7.59
N GLN F 209 12.76 5.02 -7.63
CA GLN F 209 11.74 5.35 -6.63
C GLN F 209 12.04 4.65 -5.32
N LYS F 210 11.78 5.35 -4.21
CA LYS F 210 12.03 4.81 -2.89
C LYS F 210 10.77 4.19 -2.31
N ILE F 211 10.60 4.27 -0.99
CA ILE F 211 9.45 3.69 -0.30
C ILE F 211 8.90 4.72 0.68
N SER F 212 7.61 5.01 0.56
CA SER F 212 6.95 5.95 1.45
C SER F 212 6.32 5.20 2.63
N ALA F 213 5.50 5.89 3.41
CA ALA F 213 4.84 5.29 4.55
C ALA F 213 3.54 6.04 4.83
N ASN F 214 2.77 5.51 5.77
CA ASN F 214 1.50 6.10 6.17
C ASN F 214 1.24 5.71 7.62
N ILE F 215 -0.01 5.86 8.06
CA ILE F 215 -0.41 5.54 9.43
C ILE F 215 -1.49 4.46 9.46
N ASP F 216 -2.53 4.62 8.65
CA ASP F 216 -3.62 3.65 8.63
C ASP F 216 -3.19 2.37 7.91
N THR F 217 -3.89 1.29 8.22
CA THR F 217 -3.60 -0.02 7.63
C THR F 217 -4.13 -0.13 6.21
N PRO F 218 -5.40 0.19 5.92
CA PRO F 218 -5.89 0.09 4.55
C PRO F 218 -5.29 1.18 3.66
N GLU F 219 -5.13 0.84 2.38
CA GLU F 219 -4.55 1.73 1.40
C GLU F 219 -5.61 2.09 0.35
N GLY F 220 -5.14 2.66 -0.77
CA GLY F 220 -6.04 3.07 -1.83
C GLY F 220 -5.59 2.60 -3.20
N GLY F 221 -5.81 1.32 -3.50
CA GLY F 221 -5.46 0.77 -4.78
C GLY F 221 -6.57 0.87 -5.81
N PHE F 222 -7.79 1.11 -5.34
CA PHE F 222 -8.93 1.24 -6.25
C PHE F 222 -8.79 2.46 -7.15
N ASP F 223 -8.07 3.49 -6.69
CA ASP F 223 -7.83 4.64 -7.55
C ASP F 223 -6.88 4.29 -8.68
N ALA F 224 -5.85 3.48 -8.39
CA ALA F 224 -4.92 3.07 -9.43
C ALA F 224 -5.57 2.08 -10.40
N ILE F 225 -6.44 1.21 -9.89
CA ILE F 225 -7.13 0.26 -10.75
C ILE F 225 -8.14 0.98 -11.64
N MET F 226 -8.90 1.91 -11.06
CA MET F 226 -9.91 2.62 -11.84
C MET F 226 -9.28 3.56 -12.86
N GLN F 227 -8.31 4.37 -12.42
CA GLN F 227 -7.62 5.25 -13.35
C GLN F 227 -6.83 4.48 -14.38
N ALA F 228 -6.36 3.28 -14.03
CA ALA F 228 -5.68 2.40 -14.97
C ALA F 228 -6.62 1.47 -15.69
N ALA F 229 -7.94 1.67 -15.56
CA ALA F 229 -8.94 0.83 -16.19
C ALA F 229 -9.89 1.58 -17.10
N VAL F 230 -10.22 2.84 -16.80
CA VAL F 230 -11.14 3.61 -17.63
C VAL F 230 -10.45 4.00 -18.93
N CYS F 231 -9.58 5.01 -18.86
CA CYS F 231 -8.89 5.48 -20.05
C CYS F 231 -7.81 4.50 -20.48
N LYS F 232 -7.67 4.33 -21.79
CA LYS F 232 -6.67 3.43 -22.36
C LYS F 232 -5.58 4.15 -23.14
N GLU F 233 -5.84 5.38 -23.61
CA GLU F 233 -4.81 6.12 -24.34
C GLU F 233 -3.78 6.72 -23.40
N LYS F 234 -4.23 7.20 -22.23
CA LYS F 234 -3.29 7.79 -21.27
C LYS F 234 -2.40 6.72 -20.64
N ILE F 235 -2.95 5.53 -20.40
CA ILE F 235 -2.16 4.44 -19.82
C ILE F 235 -1.34 3.75 -20.89
N GLY F 236 -2.01 3.20 -21.90
CA GLY F 236 -1.32 2.54 -22.98
C GLY F 236 -1.82 1.13 -23.26
N TRP F 237 -3.14 0.97 -23.30
CA TRP F 237 -3.75 -0.33 -23.57
C TRP F 237 -3.98 -0.51 -25.06
N ARG F 238 -3.93 -1.76 -25.50
CA ARG F 238 -4.15 -2.10 -26.90
C ARG F 238 -5.64 -2.36 -27.14
N ASN F 239 -5.97 -3.08 -28.21
CA ASN F 239 -7.35 -3.38 -28.55
C ASN F 239 -7.66 -4.86 -28.36
N ASP F 240 -7.00 -5.74 -29.10
CA ASP F 240 -7.22 -7.18 -29.01
C ASP F 240 -6.00 -7.80 -28.31
N SER F 241 -5.98 -7.68 -27.00
CA SER F 241 -4.88 -8.22 -26.20
C SER F 241 -5.38 -8.50 -24.79
N LEU F 242 -4.62 -9.32 -24.07
CA LEU F 242 -4.96 -9.66 -22.69
C LEU F 242 -4.47 -8.57 -21.75
N HIS F 243 -5.31 -8.25 -20.75
CA HIS F 243 -5.01 -7.23 -19.78
C HIS F 243 -4.79 -7.86 -18.41
N LEU F 244 -3.66 -7.57 -17.79
CA LEU F 244 -3.32 -8.08 -16.46
C LEU F 244 -2.94 -6.91 -15.58
N LEU F 245 -3.53 -6.86 -14.38
CA LEU F 245 -3.28 -5.79 -13.42
C LEU F 245 -2.80 -6.44 -12.12
N VAL F 246 -1.49 -6.42 -11.89
CA VAL F 246 -0.91 -7.01 -10.70
C VAL F 246 -1.05 -6.04 -9.54
N PHE F 247 -1.59 -6.52 -8.42
CA PHE F 247 -1.83 -5.72 -7.22
C PHE F 247 -1.01 -6.31 -6.09
N VAL F 248 0.22 -5.82 -5.94
CA VAL F 248 1.12 -6.30 -4.90
C VAL F 248 0.91 -5.45 -3.66
N SER F 249 0.34 -6.05 -2.61
CA SER F 249 0.08 -5.35 -1.37
C SER F 249 -0.12 -6.37 -0.25
N ASP F 250 0.38 -6.05 0.93
CA ASP F 250 0.26 -6.91 2.10
C ASP F 250 -0.65 -6.34 3.17
N ALA F 251 -1.41 -5.29 2.86
CA ALA F 251 -2.31 -4.68 3.83
C ALA F 251 -3.74 -4.67 3.30
N ASP F 252 -4.62 -3.91 3.94
CA ASP F 252 -6.00 -3.81 3.52
C ASP F 252 -6.13 -2.69 2.48
N SER F 253 -7.37 -2.27 2.18
CA SER F 253 -7.59 -1.23 1.20
C SER F 253 -8.92 -0.55 1.50
N HIS F 254 -8.96 0.77 1.32
CA HIS F 254 -10.20 1.51 1.51
C HIS F 254 -11.19 1.20 0.39
N PHE F 255 -12.46 1.50 0.64
CA PHE F 255 -13.50 1.24 -0.34
C PHE F 255 -14.68 2.16 -0.06
N GLY F 256 -15.28 2.69 -1.12
CA GLY F 256 -16.47 3.50 -0.96
C GLY F 256 -16.16 4.86 -0.35
N MET F 257 -16.91 5.21 0.69
CA MET F 257 -16.78 6.51 1.35
C MET F 257 -15.82 6.50 2.52
N ASP F 258 -14.81 5.64 2.50
CA ASP F 258 -13.82 5.62 3.57
C ASP F 258 -13.05 6.93 3.64
N SER F 259 -12.96 7.65 2.53
CA SER F 259 -12.33 8.97 2.50
C SER F 259 -13.30 10.09 2.88
N LYS F 260 -14.47 9.74 3.44
CA LYS F 260 -15.42 10.77 3.85
C LYS F 260 -14.87 11.61 5.00
N LEU F 261 -14.03 11.02 5.85
CA LEU F 261 -13.42 11.75 6.95
C LEU F 261 -12.22 12.58 6.53
N ALA F 262 -11.94 12.67 5.22
CA ALA F 262 -10.82 13.44 4.71
C ALA F 262 -11.29 14.66 3.92
N GLY F 263 -12.41 15.24 4.32
CA GLY F 263 -12.94 16.41 3.63
C GLY F 263 -13.37 16.16 2.21
N ILE F 264 -13.77 14.94 1.89
CA ILE F 264 -14.22 14.56 0.54
C ILE F 264 -15.57 13.88 0.69
N VAL F 265 -16.62 14.52 0.18
CA VAL F 265 -17.97 14.00 0.26
C VAL F 265 -18.58 13.82 -1.14
N CYS F 266 -17.76 13.82 -2.18
CA CYS F 266 -18.22 13.65 -3.55
C CYS F 266 -17.43 12.52 -4.20
N PRO F 267 -18.05 11.38 -4.46
CA PRO F 267 -17.31 10.24 -5.02
C PRO F 267 -16.85 10.51 -6.44
N ASN F 268 -16.07 9.56 -6.96
CA ASN F 268 -15.55 9.67 -8.32
C ASN F 268 -16.66 9.44 -9.33
N ASP F 269 -16.57 10.13 -10.46
CA ASP F 269 -17.57 9.99 -11.53
C ASP F 269 -17.24 8.87 -12.50
N GLY F 270 -16.09 8.21 -12.36
CA GLY F 270 -15.72 7.13 -13.24
C GLY F 270 -14.95 7.54 -14.48
N LEU F 271 -14.35 8.72 -14.49
CA LEU F 271 -13.58 9.21 -15.62
C LEU F 271 -12.15 9.53 -15.18
N CYS F 272 -11.26 9.58 -16.16
CA CYS F 272 -9.86 9.89 -15.89
C CYS F 272 -9.66 11.40 -15.85
N HIS F 273 -8.89 11.86 -14.86
CA HIS F 273 -8.57 13.27 -14.68
C HIS F 273 -7.07 13.44 -14.48
N LEU F 274 -6.27 12.81 -15.33
CA LEU F 274 -4.83 12.88 -15.22
C LEU F 274 -4.32 14.24 -15.71
N ASP F 275 -3.07 14.53 -15.38
CA ASP F 275 -2.45 15.79 -15.78
C ASP F 275 -1.31 15.56 -16.77
N SER F 276 -0.20 16.26 -16.58
CA SER F 276 0.94 16.11 -17.48
C SER F 276 1.68 14.80 -17.23
N LYS F 277 1.98 14.50 -15.96
CA LYS F 277 2.67 13.29 -15.59
C LYS F 277 1.73 12.12 -15.33
N ASN F 278 0.49 12.20 -15.82
CA ASN F 278 -0.52 11.16 -15.63
C ASN F 278 -0.74 10.86 -14.14
N GLU F 279 -0.85 11.93 -13.36
CA GLU F 279 -1.05 11.82 -11.93
C GLU F 279 -2.51 12.04 -11.57
N TYR F 280 -2.97 11.33 -10.54
CA TYR F 280 -4.35 11.43 -10.07
C TYR F 280 -4.46 12.67 -9.19
N SER F 281 -4.78 13.81 -9.83
CA SER F 281 -4.87 15.07 -9.11
C SER F 281 -6.15 15.20 -8.28
N MET F 282 -7.10 14.28 -8.44
CA MET F 282 -8.35 14.31 -7.70
C MET F 282 -8.26 13.60 -6.35
N SER F 283 -7.07 13.61 -5.72
CA SER F 283 -6.91 12.95 -4.43
C SER F 283 -7.60 13.69 -3.30
N THR F 284 -7.94 14.97 -3.50
CA THR F 284 -8.63 15.77 -2.50
C THR F 284 -10.01 16.23 -2.97
N VAL F 285 -10.49 15.71 -4.10
CA VAL F 285 -11.78 16.11 -4.66
C VAL F 285 -12.74 14.93 -4.77
N LEU F 286 -12.24 13.76 -5.20
CA LEU F 286 -13.06 12.58 -5.39
C LEU F 286 -12.69 11.50 -4.39
N GLU F 287 -13.67 10.62 -4.13
CA GLU F 287 -13.48 9.52 -3.19
C GLU F 287 -12.92 8.31 -3.93
N TYR F 288 -13.07 7.11 -3.34
CA TYR F 288 -12.66 5.86 -3.97
C TYR F 288 -13.82 5.26 -4.76
N PRO F 289 -13.54 4.59 -5.88
CA PRO F 289 -14.61 3.99 -6.66
C PRO F 289 -15.24 2.81 -5.92
N THR F 290 -16.55 2.68 -6.09
CA THR F 290 -17.29 1.62 -5.42
C THR F 290 -17.04 0.28 -6.10
N ILE F 291 -17.62 -0.78 -5.53
CA ILE F 291 -17.48 -2.11 -6.10
C ILE F 291 -18.21 -2.22 -7.42
N GLY F 292 -19.35 -1.53 -7.56
CA GLY F 292 -20.07 -1.56 -8.82
C GLY F 292 -19.28 -0.96 -9.97
N GLN F 293 -18.51 0.09 -9.68
CA GLN F 293 -17.65 0.67 -10.70
C GLN F 293 -16.48 -0.23 -11.04
N LEU F 294 -16.00 -1.00 -10.05
CA LEU F 294 -14.91 -1.94 -10.30
C LEU F 294 -15.39 -3.09 -11.20
N ILE F 295 -16.55 -3.68 -10.87
CA ILE F 295 -17.07 -4.77 -11.68
C ILE F 295 -17.52 -4.25 -13.04
N ASP F 296 -17.98 -3.00 -13.12
CA ASP F 296 -18.46 -2.47 -14.39
C ASP F 296 -17.30 -2.12 -15.31
N LYS F 297 -16.24 -1.52 -14.77
CA LYS F 297 -15.13 -1.06 -15.61
C LYS F 297 -14.14 -2.18 -15.90
N LEU F 298 -13.87 -3.05 -14.92
CA LEU F 298 -12.91 -4.13 -15.14
C LEU F 298 -13.44 -5.17 -16.12
N VAL F 299 -14.76 -5.35 -16.17
CA VAL F 299 -15.34 -6.30 -17.12
C VAL F 299 -15.74 -5.60 -18.42
N GLN F 300 -16.21 -4.35 -18.33
CA GLN F 300 -16.57 -3.61 -19.54
C GLN F 300 -15.34 -3.32 -20.39
N ASN F 301 -14.23 -2.95 -19.76
CA ASN F 301 -12.99 -2.68 -20.46
C ASN F 301 -12.11 -3.93 -20.61
N ASN F 302 -12.54 -5.07 -20.07
CA ASN F 302 -11.81 -6.33 -20.14
C ASN F 302 -10.41 -6.18 -19.56
N VAL F 303 -10.38 -5.99 -18.24
CA VAL F 303 -9.15 -5.83 -17.49
C VAL F 303 -9.20 -6.81 -16.33
N LEU F 304 -8.31 -7.82 -16.35
CA LEU F 304 -8.25 -8.82 -15.31
C LEU F 304 -7.38 -8.33 -14.16
N LEU F 305 -7.84 -8.57 -12.94
CA LEU F 305 -7.14 -8.16 -11.73
C LEU F 305 -6.52 -9.38 -11.06
N ILE F 306 -5.24 -9.25 -10.69
CA ILE F 306 -4.50 -10.32 -10.03
C ILE F 306 -4.06 -9.83 -8.66
N PHE F 307 -4.48 -10.54 -7.62
CA PHE F 307 -4.13 -10.17 -6.25
C PHE F 307 -2.80 -10.79 -5.86
N ALA F 308 -1.98 -10.01 -5.15
CA ALA F 308 -0.67 -10.45 -4.65
C ALA F 308 -0.57 -10.03 -3.19
N VAL F 309 -1.04 -10.89 -2.29
CA VAL F 309 -1.05 -10.61 -0.86
C VAL F 309 -0.30 -11.71 -0.14
N THR F 310 0.07 -11.43 1.11
CA THR F 310 0.77 -12.39 1.95
C THR F 310 -0.22 -13.32 2.63
N GLN F 311 0.05 -13.68 3.89
CA GLN F 311 -0.85 -14.54 4.64
C GLN F 311 -2.04 -13.75 5.16
N GLU F 312 -2.95 -14.46 5.82
CA GLU F 312 -4.14 -13.88 6.44
C GLU F 312 -5.06 -13.22 5.43
N GLN F 313 -4.53 -12.28 4.64
CA GLN F 313 -5.32 -11.55 3.65
C GLN F 313 -5.78 -12.41 2.48
N VAL F 314 -5.45 -13.71 2.46
CA VAL F 314 -5.88 -14.57 1.37
C VAL F 314 -7.40 -14.70 1.36
N HIS F 315 -8.01 -14.75 2.53
CA HIS F 315 -9.47 -14.85 2.60
C HIS F 315 -10.12 -13.47 2.41
N LEU F 316 -9.52 -12.43 2.99
CA LEU F 316 -10.09 -11.08 2.86
C LEU F 316 -10.12 -10.65 1.40
N TYR F 317 -9.00 -10.80 0.70
CA TYR F 317 -8.98 -10.51 -0.73
C TYR F 317 -9.61 -11.62 -1.57
N GLU F 318 -9.77 -12.81 -1.00
CA GLU F 318 -10.45 -13.89 -1.71
C GLU F 318 -11.94 -13.62 -1.82
N ASN F 319 -12.54 -13.02 -0.79
CA ASN F 319 -13.93 -12.60 -0.89
C ASN F 319 -14.11 -11.54 -1.97
N TYR F 320 -13.17 -10.60 -2.07
CA TYR F 320 -13.20 -9.64 -3.17
C TYR F 320 -13.00 -10.32 -4.51
N ALA F 321 -12.23 -11.42 -4.54
CA ALA F 321 -12.08 -12.20 -5.76
C ALA F 321 -13.37 -12.94 -6.12
N LYS F 322 -14.22 -13.23 -5.13
CA LYS F 322 -15.51 -13.85 -5.41
C LYS F 322 -16.55 -12.81 -5.83
N LEU F 323 -16.48 -11.60 -5.27
CA LEU F 323 -17.44 -10.57 -5.65
C LEU F 323 -17.16 -10.04 -7.05
N ILE F 324 -15.91 -9.78 -7.37
CA ILE F 324 -15.50 -9.28 -8.68
C ILE F 324 -15.17 -10.48 -9.56
N PRO F 325 -15.87 -10.69 -10.67
CA PRO F 325 -15.58 -11.86 -11.52
C PRO F 325 -14.25 -11.69 -12.24
N GLY F 326 -13.56 -12.81 -12.42
CA GLY F 326 -12.27 -12.81 -13.09
C GLY F 326 -11.16 -12.23 -12.25
N ALA F 327 -10.86 -12.86 -11.12
CA ALA F 327 -9.82 -12.40 -10.23
C ALA F 327 -9.32 -13.56 -9.38
N THR F 328 -7.99 -13.67 -9.26
CA THR F 328 -7.36 -14.72 -8.49
C THR F 328 -6.45 -14.11 -7.42
N VAL F 329 -6.23 -14.87 -6.35
CA VAL F 329 -5.39 -14.43 -5.25
C VAL F 329 -4.13 -15.29 -5.21
N GLY F 330 -3.29 -15.06 -4.21
CA GLY F 330 -2.06 -15.82 -4.08
C GLY F 330 -1.46 -15.64 -2.70
N LEU F 331 -0.30 -16.26 -2.51
CA LEU F 331 0.43 -16.21 -1.26
C LEU F 331 1.79 -15.58 -1.50
N LEU F 332 2.11 -14.54 -0.74
CA LEU F 332 3.38 -13.83 -0.85
C LEU F 332 4.21 -14.04 0.41
N GLN F 333 5.51 -14.27 0.23
CA GLN F 333 6.41 -14.47 1.35
C GLN F 333 6.88 -13.14 1.91
N LYS F 334 7.73 -13.20 2.93
CA LYS F 334 8.26 -11.99 3.56
C LYS F 334 9.34 -11.33 2.71
N ASP F 335 9.97 -12.06 1.80
CA ASP F 335 11.01 -11.51 0.94
C ASP F 335 10.53 -11.28 -0.49
N SER F 336 9.25 -11.52 -0.77
CA SER F 336 8.67 -11.33 -2.11
C SER F 336 9.43 -12.13 -3.16
N GLY F 337 9.85 -13.34 -2.79
CA GLY F 337 10.58 -14.22 -3.68
C GLY F 337 9.75 -15.24 -4.42
N ASN F 338 8.42 -15.15 -4.35
CA ASN F 338 7.53 -16.09 -5.03
C ASN F 338 6.53 -15.36 -5.91
N ILE F 339 6.92 -14.19 -6.43
CA ILE F 339 6.01 -13.43 -7.29
C ILE F 339 5.90 -14.07 -8.66
N LEU F 340 6.96 -14.73 -9.12
CA LEU F 340 6.93 -15.37 -10.44
C LEU F 340 5.89 -16.49 -10.48
N GLN F 341 5.76 -17.23 -9.39
CA GLN F 341 4.74 -18.29 -9.36
C GLN F 341 3.34 -17.72 -9.31
N LEU F 342 3.16 -16.54 -8.72
CA LEU F 342 1.84 -15.93 -8.64
C LEU F 342 1.43 -15.32 -9.98
N ILE F 343 2.38 -14.68 -10.68
CA ILE F 343 2.05 -14.06 -11.96
C ILE F 343 1.94 -15.11 -13.05
N ILE F 344 2.90 -16.04 -13.11
CA ILE F 344 2.85 -17.08 -14.14
C ILE F 344 1.71 -18.05 -13.87
N SER F 345 1.54 -18.46 -12.61
CA SER F 345 0.44 -19.35 -12.26
C SER F 345 -0.91 -18.66 -12.43
N ALA F 346 -0.97 -17.36 -12.13
CA ALA F 346 -2.21 -16.62 -12.31
C ALA F 346 -2.54 -16.44 -13.78
N TYR F 347 -1.51 -16.35 -14.64
CA TYR F 347 -1.77 -16.23 -16.07
C TYR F 347 -2.25 -17.55 -16.66
N GLU F 348 -1.68 -18.67 -16.20
CA GLU F 348 -2.12 -19.97 -16.70
C GLU F 348 -3.47 -20.37 -16.11
N GLU F 349 -3.81 -19.86 -14.93
CA GLU F 349 -5.11 -20.18 -14.33
C GLU F 349 -6.24 -19.48 -15.06
N LEU F 350 -6.06 -18.22 -15.43
CA LEU F 350 -7.08 -17.47 -16.13
C LEU F 350 -7.06 -17.78 -17.63
N ARG F 351 -5.82 -14.94 -30.78
CA ARG F 351 -5.01 -16.14 -30.67
C ARG F 351 -5.87 -17.39 -30.87
N SER F 352 -7.03 -17.42 -30.23
CA SER F 352 -7.93 -18.56 -30.34
C SER F 352 -8.66 -18.60 -31.68
N GLU F 353 -8.75 -17.48 -32.38
CA GLU F 353 -9.42 -17.42 -33.68
C GLU F 353 -8.44 -17.12 -34.80
N VAL F 354 -9.32 -16.98 -38.69
CA VAL F 354 -8.42 -16.18 -39.52
C VAL F 354 -9.19 -15.57 -40.69
N GLU F 355 -9.26 -14.24 -40.72
CA GLU F 355 -9.95 -13.53 -41.78
C GLU F 355 -8.98 -13.16 -42.88
N LEU F 356 -9.40 -13.38 -44.13
CA LEU F 356 -8.57 -13.08 -45.30
C LEU F 356 -9.20 -11.95 -46.09
N GLU F 357 -8.40 -10.93 -46.39
CA GLU F 357 -8.85 -9.79 -47.18
C GLU F 357 -8.02 -9.66 -48.44
N VAL F 358 -8.65 -9.14 -49.49
CA VAL F 358 -8.04 -8.99 -50.80
C VAL F 358 -7.91 -7.50 -51.10
N LEU F 359 -6.74 -7.07 -51.53
CA LEU F 359 -6.45 -5.69 -51.86
C LEU F 359 -5.96 -5.59 -53.28
N GLY F 360 -6.56 -4.69 -54.06
CA GLY F 360 -6.16 -4.49 -55.44
C GLY F 360 -6.55 -5.65 -56.34
N ASP F 361 -7.85 -5.83 -56.56
CA ASP F 361 -8.36 -6.91 -57.39
C ASP F 361 -9.43 -6.36 -58.33
N THR F 362 -9.89 -7.23 -59.23
CA THR F 362 -10.91 -6.86 -60.19
C THR F 362 -12.29 -6.88 -59.54
N GLU F 363 -13.12 -5.91 -59.92
CA GLU F 363 -14.47 -5.82 -59.35
C GLU F 363 -15.30 -7.04 -59.75
N GLY F 364 -15.17 -7.49 -60.99
CA GLY F 364 -15.90 -8.67 -61.44
C GLY F 364 -15.14 -9.96 -61.19
N LEU F 365 -14.94 -10.29 -59.92
CA LEU F 365 -14.20 -11.48 -59.53
C LEU F 365 -15.05 -12.32 -58.59
N ASN F 366 -15.12 -13.62 -58.85
CA ASN F 366 -15.87 -14.56 -58.04
C ASN F 366 -14.90 -15.40 -57.22
N LEU F 367 -15.01 -15.32 -55.89
CA LEU F 367 -14.13 -16.03 -54.99
C LEU F 367 -14.95 -16.83 -53.98
N SER F 368 -14.44 -18.00 -53.63
CA SER F 368 -15.06 -18.85 -52.62
C SER F 368 -13.99 -19.36 -51.67
N PHE F 369 -14.37 -19.51 -50.40
CA PHE F 369 -13.44 -19.93 -49.35
C PHE F 369 -14.03 -21.11 -48.59
N THR F 370 -13.26 -22.18 -48.48
CA THR F 370 -13.62 -23.37 -47.71
C THR F 370 -12.74 -23.37 -46.46
N ALA F 371 -13.25 -22.79 -45.38
CA ALA F 371 -12.48 -22.62 -44.15
C ALA F 371 -12.26 -23.98 -43.50
N ILE F 372 -11.02 -24.46 -43.53
CA ILE F 372 -10.63 -25.69 -42.83
C ILE F 372 -10.00 -25.23 -41.52
N CYS F 373 -10.80 -25.23 -40.46
CA CYS F 373 -10.37 -24.66 -39.19
C CYS F 373 -9.67 -25.68 -38.31
N ASN F 374 -10.41 -26.27 -37.35
CA ASN F 374 -9.81 -27.15 -36.37
C ASN F 374 -9.52 -28.54 -36.94
N ASN F 375 -10.33 -29.53 -36.57
CA ASN F 375 -10.10 -30.91 -36.96
C ASN F 375 -10.79 -31.21 -38.29
N GLY F 376 -10.30 -30.55 -39.33
CA GLY F 376 -10.82 -30.76 -40.66
C GLY F 376 -12.28 -30.37 -40.84
N THR F 377 -12.73 -29.35 -40.11
CA THR F 377 -14.11 -28.87 -40.21
C THR F 377 -14.17 -27.83 -41.31
N LEU F 378 -14.70 -28.22 -42.47
CA LEU F 378 -14.80 -27.32 -43.61
C LEU F 378 -16.02 -26.41 -43.46
N PHE F 379 -15.87 -25.17 -43.92
CA PHE F 379 -16.93 -24.17 -43.90
C PHE F 379 -16.96 -23.49 -45.27
N GLN F 380 -17.91 -23.90 -46.11
CA GLN F 380 -18.03 -23.32 -47.44
C GLN F 380 -18.63 -21.91 -47.35
N HIS F 381 -18.20 -21.06 -48.29
CA HIS F 381 -18.66 -19.67 -48.36
C HIS F 381 -18.38 -18.93 -47.05
N GLN F 382 -17.23 -19.20 -46.45
CA GLN F 382 -16.83 -18.56 -45.20
C GLN F 382 -15.31 -18.50 -45.14
N LYS F 383 -14.78 -17.33 -44.79
CA LYS F 383 -13.34 -17.10 -44.70
C LYS F 383 -12.96 -16.64 -43.30
N LYS F 384 -13.57 -17.24 -42.28
CA LYS F 384 -13.29 -16.89 -40.90
C LYS F 384 -13.43 -18.13 -40.03
N CYS F 385 -12.44 -18.37 -39.18
CA CYS F 385 -12.43 -19.50 -38.27
C CYS F 385 -12.52 -19.03 -36.82
N SER F 386 -12.88 -19.96 -35.95
CA SER F 386 -12.99 -19.67 -34.52
C SER F 386 -12.74 -20.95 -33.74
N HIS F 387 -12.40 -20.79 -32.47
CA HIS F 387 -12.13 -21.89 -31.54
C HIS F 387 -11.03 -22.81 -32.09
N MET F 388 -9.82 -22.26 -32.10
CA MET F 388 -8.63 -22.97 -32.56
C MET F 388 -7.56 -22.93 -31.47
N LYS F 389 -6.68 -23.93 -31.50
CA LYS F 389 -5.60 -24.04 -30.55
C LYS F 389 -4.37 -23.31 -31.09
N VAL F 390 -3.21 -23.54 -30.46
CA VAL F 390 -1.96 -22.92 -30.86
C VAL F 390 -1.15 -23.98 -31.59
N GLY F 391 -1.11 -23.90 -32.91
CA GLY F 391 -0.37 -24.85 -33.72
C GLY F 391 -1.26 -25.66 -34.63
N ASP F 392 -2.23 -25.02 -35.26
CA ASP F 392 -3.15 -25.68 -36.18
C ASP F 392 -3.06 -25.04 -37.56
N THR F 393 -3.51 -25.79 -38.56
CA THR F 393 -3.49 -25.33 -39.94
C THR F 393 -4.79 -24.61 -40.28
N ALA F 394 -4.76 -23.89 -41.42
CA ALA F 394 -5.92 -23.14 -41.90
C ALA F 394 -5.84 -23.09 -43.42
N SER F 395 -6.35 -24.14 -44.06
CA SER F 395 -6.35 -24.24 -45.51
C SER F 395 -7.62 -23.62 -46.08
N PHE F 396 -7.44 -22.82 -47.13
CA PHE F 396 -8.55 -22.15 -47.80
C PHE F 396 -8.44 -22.40 -49.30
N SER F 397 -9.43 -23.07 -49.87
CA SER F 397 -9.46 -23.38 -51.29
C SER F 397 -10.03 -22.17 -52.04
N VAL F 398 -9.16 -21.20 -52.31
CA VAL F 398 -9.54 -19.98 -53.00
C VAL F 398 -9.76 -20.29 -54.48
N THR F 399 -11.03 -20.38 -54.89
CA THR F 399 -11.39 -20.67 -56.27
C THR F 399 -11.51 -19.35 -57.02
N VAL F 400 -10.49 -19.01 -57.79
CA VAL F 400 -10.45 -17.77 -58.55
C VAL F 400 -11.02 -18.02 -59.94
N ASN F 401 -11.90 -17.13 -60.38
CA ASN F 401 -12.55 -17.25 -61.69
C ASN F 401 -12.69 -15.85 -62.29
N ILE F 402 -12.07 -15.64 -63.44
CA ILE F 402 -12.15 -14.35 -64.14
C ILE F 402 -12.82 -14.57 -65.48
N PRO F 403 -14.04 -14.08 -65.68
CA PRO F 403 -14.71 -14.29 -66.99
C PRO F 403 -14.12 -13.44 -68.10
N HIS F 404 -13.60 -12.27 -67.79
CA HIS F 404 -13.03 -11.39 -68.80
C HIS F 404 -11.54 -11.68 -68.97
N CYS F 405 -10.83 -10.80 -69.66
CA CYS F 405 -9.41 -10.93 -69.90
C CYS F 405 -8.67 -9.72 -69.35
N GLU F 406 -7.34 -9.82 -69.32
CA GLU F 406 -6.48 -8.74 -68.85
C GLU F 406 -5.34 -8.53 -69.85
N ARG F 407 -4.88 -7.28 -69.93
CA ARG F 407 -3.80 -6.94 -70.85
C ARG F 407 -2.42 -7.15 -70.24
N ARG F 408 -2.30 -7.03 -68.92
CA ARG F 408 -1.02 -7.21 -68.26
C ARG F 408 -1.14 -8.16 -67.07
N SER F 409 -0.35 -7.93 -66.02
CA SER F 409 -0.37 -8.76 -64.82
C SER F 409 -0.92 -7.92 -63.68
N ARG F 410 -2.12 -8.27 -63.22
CA ARG F 410 -2.74 -7.54 -62.11
C ARG F 410 -2.06 -7.91 -60.79
N HIS F 411 -1.78 -6.90 -59.97
CA HIS F 411 -1.14 -7.11 -58.67
C HIS F 411 -2.22 -7.27 -57.62
N ILE F 412 -2.57 -8.51 -57.31
CA ILE F 412 -3.56 -8.82 -56.29
C ILE F 412 -2.83 -9.19 -55.01
N ILE F 413 -3.11 -8.46 -53.93
CA ILE F 413 -2.44 -8.67 -52.65
C ILE F 413 -3.47 -9.26 -51.70
N ILE F 414 -3.46 -10.58 -51.55
CA ILE F 414 -4.36 -11.27 -50.64
C ILE F 414 -3.59 -11.48 -49.33
N LYS F 415 -4.04 -10.82 -48.27
CA LYS F 415 -3.37 -10.87 -46.98
C LYS F 415 -4.37 -11.15 -45.88
N PRO F 416 -3.94 -11.83 -44.80
CA PRO F 416 -4.84 -12.08 -43.67
C PRO F 416 -5.03 -10.83 -42.81
N VAL F 417 -5.71 -10.99 -41.69
CA VAL F 417 -5.98 -9.90 -40.76
C VAL F 417 -5.24 -10.23 -39.46
N GLY F 418 -4.24 -9.42 -39.12
CA GLY F 418 -3.45 -9.62 -37.92
C GLY F 418 -2.07 -10.18 -38.13
N LEU F 419 -1.65 -10.39 -39.37
CA LEU F 419 -0.34 -10.92 -39.68
C LEU F 419 0.43 -9.95 -40.58
N GLY F 420 1.74 -10.12 -40.62
CA GLY F 420 2.60 -9.26 -41.42
C GLY F 420 2.80 -9.74 -42.84
N ASP F 421 2.94 -11.05 -43.01
CA ASP F 421 3.17 -11.62 -44.33
C ASP F 421 1.89 -11.55 -45.16
N ALA F 422 2.04 -11.16 -46.42
CA ALA F 422 0.92 -11.03 -47.35
C ALA F 422 1.05 -12.11 -48.44
N LEU F 423 0.26 -11.94 -49.50
CA LEU F 423 0.26 -12.86 -50.63
C LEU F 423 0.24 -12.04 -51.92
N GLU F 424 1.37 -12.02 -52.61
CA GLU F 424 1.50 -11.29 -53.87
C GLU F 424 1.17 -12.22 -55.04
N LEU F 425 0.15 -11.87 -55.81
CA LEU F 425 -0.29 -12.66 -56.94
C LEU F 425 -0.31 -11.80 -58.20
N LEU F 426 0.38 -12.25 -59.24
CA LEU F 426 0.45 -11.55 -60.52
C LEU F 426 -0.46 -12.28 -61.51
N VAL F 427 -1.56 -11.64 -61.89
CA VAL F 427 -2.52 -12.23 -62.81
C VAL F 427 -2.09 -11.88 -64.23
N SER F 428 -1.50 -12.84 -64.92
CA SER F 428 -1.05 -12.67 -66.31
C SER F 428 -1.63 -13.81 -67.14
N PRO F 429 -2.89 -13.73 -67.51
CA PRO F 429 -3.52 -14.80 -68.29
C PRO F 429 -3.09 -14.77 -69.74
N GLU F 430 -3.33 -15.90 -70.42
CA GLU F 430 -3.03 -16.06 -71.85
C GLU F 430 -4.35 -16.26 -72.57
N CYS F 431 -5.06 -15.16 -72.82
CA CYS F 431 -6.37 -15.25 -73.47
C CYS F 431 -6.24 -15.54 -74.96
N ASN F 432 -5.28 -14.91 -75.63
CA ASN F 432 -5.10 -15.11 -77.05
C ASN F 432 -4.45 -16.46 -77.33
N CYS F 433 -4.70 -16.97 -78.54
CA CYS F 433 -4.14 -18.25 -78.94
C CYS F 433 -2.66 -18.09 -79.30
N ASP F 434 -1.96 -19.23 -79.39
CA ASP F 434 -0.54 -19.22 -79.68
C ASP F 434 -0.25 -18.93 -81.15
N CYS F 435 -1.22 -19.11 -82.04
CA CYS F 435 -1.03 -18.87 -83.47
C CYS F 435 -1.37 -17.44 -83.87
N GLN F 436 -1.70 -16.58 -82.91
CA GLN F 436 -2.01 -15.18 -83.19
C GLN F 436 -0.84 -14.25 -82.95
N LYS F 437 0.04 -14.57 -82.01
CA LYS F 437 1.20 -13.74 -81.71
C LYS F 437 2.25 -13.86 -82.79
N VAL F 439 2.41 -15.66 -88.65
CA VAL F 439 1.68 -15.01 -89.74
C VAL F 439 2.63 -14.66 -90.88
N GLU F 440 2.49 -15.35 -91.99
CA GLU F 440 3.32 -15.13 -93.17
C GLU F 440 2.52 -14.31 -94.18
N VAL F 441 2.90 -13.04 -94.35
CA VAL F 441 2.21 -12.16 -95.28
C VAL F 441 2.61 -12.52 -96.71
N ASN F 442 1.61 -12.83 -97.54
CA ASN F 442 1.82 -13.19 -98.94
C ASN F 442 2.74 -14.41 -99.06
N SER F 443 2.32 -15.49 -98.41
CA SER F 443 3.09 -16.72 -98.43
C SER F 443 2.88 -17.48 -99.73
N SER F 444 3.86 -18.31 -100.10
CA SER F 444 3.77 -19.09 -101.33
C SER F 444 2.80 -20.25 -101.23
N LYS F 445 2.35 -20.61 -100.02
CA LYS F 445 1.41 -21.70 -99.85
C LYS F 445 -0.04 -21.29 -100.04
N CYS F 446 -0.30 -20.00 -100.27
CA CYS F 446 -1.66 -19.48 -100.48
C CYS F 446 -1.72 -18.87 -101.87
N HIS F 447 -1.92 -19.73 -102.87
CA HIS F 447 -2.01 -19.32 -104.27
C HIS F 447 -0.75 -18.56 -104.72
N ASN F 448 0.40 -19.00 -104.20
CA ASN F 448 1.71 -18.42 -104.57
C ASN F 448 1.75 -16.93 -104.29
N GLY F 449 1.17 -16.52 -103.16
CA GLY F 449 1.19 -15.12 -102.76
C GLY F 449 -0.11 -14.39 -102.97
N ASN F 450 -1.19 -14.91 -102.38
CA ASN F 450 -2.49 -14.27 -102.47
C ASN F 450 -3.27 -14.34 -101.15
N GLY F 451 -2.59 -14.60 -100.04
CA GLY F 451 -3.25 -14.69 -98.75
C GLY F 451 -2.28 -14.88 -97.60
N SER F 452 -2.57 -14.25 -96.46
CA SER F 452 -1.70 -14.34 -95.29
C SER F 452 -2.00 -15.64 -94.56
N PHE F 453 -1.04 -16.58 -94.60
CA PHE F 453 -1.20 -17.87 -93.94
C PHE F 453 -1.03 -17.69 -92.44
N GLN F 454 -2.09 -17.92 -91.68
CA GLN F 454 -2.07 -17.78 -90.24
C GLN F 454 -2.96 -18.83 -89.60
N CYS F 455 -2.53 -19.34 -88.43
CA CYS F 455 -3.29 -20.33 -87.67
C CYS F 455 -3.66 -21.54 -88.52
N GLY F 456 -2.79 -21.90 -89.46
CA GLY F 456 -3.04 -23.05 -90.31
C GLY F 456 -4.09 -22.85 -91.38
N VAL F 457 -4.44 -21.61 -91.70
CA VAL F 457 -5.42 -21.33 -92.74
C VAL F 457 -4.99 -20.10 -93.53
N CYS F 458 -5.28 -20.11 -94.82
CA CYS F 458 -4.93 -19.00 -95.70
C CYS F 458 -5.99 -17.89 -95.57
N ALA F 459 -5.55 -16.72 -95.13
CA ALA F 459 -6.43 -15.56 -95.04
C ALA F 459 -6.32 -14.78 -96.35
N CYS F 460 -7.20 -15.09 -97.29
CA CYS F 460 -7.18 -14.48 -98.60
C CYS F 460 -7.74 -13.07 -98.55
N HIS F 461 -7.39 -12.28 -99.56
CA HIS F 461 -7.88 -10.91 -99.64
C HIS F 461 -9.33 -10.91 -100.11
N PRO F 462 -10.13 -9.92 -99.68
CA PRO F 462 -11.53 -9.85 -100.12
C PRO F 462 -11.66 -9.68 -101.62
N GLY F 463 -11.70 -10.80 -102.34
CA GLY F 463 -11.83 -10.75 -103.77
C GLY F 463 -12.24 -12.09 -104.37
N HIS F 464 -12.18 -13.14 -103.57
CA HIS F 464 -12.55 -14.49 -103.99
C HIS F 464 -13.80 -14.95 -103.25
N MET F 465 -14.14 -16.21 -103.42
CA MET F 465 -15.32 -16.79 -102.79
C MET F 465 -15.05 -18.15 -102.17
N GLY F 466 -14.21 -18.98 -102.79
CA GLY F 466 -13.92 -20.28 -102.27
C GLY F 466 -13.02 -20.23 -101.05
N PRO F 467 -12.71 -21.40 -100.49
CA PRO F 467 -11.86 -21.43 -99.29
C PRO F 467 -10.43 -21.02 -99.58
N ARG F 468 -9.89 -21.42 -100.72
CA ARG F 468 -8.52 -21.04 -101.07
C ARG F 468 -8.49 -19.66 -101.72
N CYS F 469 -7.28 -19.17 -101.96
CA CYS F 469 -7.08 -17.85 -102.55
C CYS F 469 -7.09 -17.89 -104.08
N GLU F 470 -7.57 -18.98 -104.67
CA GLU F 470 -7.62 -19.11 -106.12
C GLU F 470 -8.97 -18.67 -106.67
#